data_6X61
#
_entry.id   6X61
#
_cell.length_a   107.600
_cell.length_b   121.580
_cell.length_c   133.590
_cell.angle_alpha   90.00
_cell.angle_beta   108.78
_cell.angle_gamma   90.00
#
_symmetry.space_group_name_H-M   'P 1 21 1'
#
loop_
_entity.id
_entity.type
_entity.pdbx_description
1 polymer 'Circadian clock protein kinase KaiC'
2 polymer 'Adaptive-response sensory-kinase SasA'
3 non-polymer 'PHOSPHATE ION'
#
loop_
_entity_poly.entity_id
_entity_poly.type
_entity_poly.pdbx_seq_one_letter_code
_entity_poly.pdbx_strand_id
1 'polypeptide(L)'
;DYKDDDDKAEVKKIPTMIEGFDDISHGGLPQGATTLVSGTSGTGKTLFAVQFLYNGITIFNEPGIFVTFEESPQDIIKNA
LSFGWNLQSLIDQGKLFILDASPDPDGQEVAGDFDLSALIERIQYAIRKYKATRVSIDSVTAVFQQYDAASVVRREIFRL
AFRLAQLGVTTIMTTERVDEYGPVARFGVEEFVSDNVVILRNVLEGERRRRTVEILKLRGTTHMKGEYPFTINNGINIFD
YKDDDDK
;
A,C,E,G,I,K
2 'polypeptide(L)'
;DYKDDDDKALSLLLFVANRPGDEEETAAIQAHIQQLPSNFSFELKVVPIGEQPYLLEEYKLVATPALIKVRPEPRQTLAG
RKLLQKVDYWWPRWQREVALDYKDDDDK
;
B,D,F,H,J,L
#
loop_
_chem_comp.id
_chem_comp.type
_chem_comp.name
_chem_comp.formula
PO4 non-polymer 'PHOSPHATE ION' 'O4 P -3'
#
# COMPACT_ATOMS: atom_id res chain seq x y z
N VAL A 11 -3.48 2.01 -45.27
CA VAL A 11 -3.32 1.89 -46.71
C VAL A 11 -2.16 2.74 -47.21
N LYS A 12 -2.17 4.02 -46.85
CA LYS A 12 -1.28 4.98 -47.46
C LYS A 12 -0.34 5.57 -46.41
N LYS A 13 0.64 6.35 -46.90
CA LYS A 13 1.64 6.96 -46.05
C LYS A 13 1.90 8.39 -46.50
N ILE A 14 2.18 9.27 -45.55
CA ILE A 14 2.58 10.63 -45.91
C ILE A 14 4.10 10.70 -45.81
N PRO A 15 4.77 11.43 -46.70
CA PRO A 15 6.23 11.53 -46.61
C PRO A 15 6.67 12.43 -45.47
N THR A 16 7.75 12.02 -44.80
CA THR A 16 8.34 12.83 -43.74
C THR A 16 9.35 13.83 -44.29
N MET A 17 9.90 13.57 -45.47
CA MET A 17 10.93 14.40 -46.11
C MET A 17 12.21 14.41 -45.29
N ILE A 18 12.23 13.65 -44.20
CA ILE A 18 13.48 13.35 -43.52
C ILE A 18 14.33 12.51 -44.45
N GLU A 19 15.54 12.98 -44.74
CA GLU A 19 16.36 12.36 -45.79
C GLU A 19 16.68 10.91 -45.46
N GLY A 20 16.23 10.00 -46.32
CA GLY A 20 16.45 8.59 -46.18
C GLY A 20 15.33 7.84 -45.48
N PHE A 21 14.56 8.52 -44.62
CA PHE A 21 13.55 7.81 -43.83
C PHE A 21 12.41 7.33 -44.71
N ASP A 22 12.00 8.14 -45.70
CA ASP A 22 10.93 7.74 -46.59
C ASP A 22 11.31 6.54 -47.46
N ASP A 23 12.59 6.24 -47.59
CA ASP A 23 13.00 5.05 -48.32
C ASP A 23 12.95 3.81 -47.43
N ILE A 24 13.29 3.94 -46.15
CA ILE A 24 13.17 2.81 -45.23
C ILE A 24 11.69 2.48 -44.99
N SER A 25 10.85 3.51 -44.87
CA SER A 25 9.45 3.30 -44.55
C SER A 25 8.62 2.94 -45.79
N HIS A 26 9.21 3.00 -46.99
CA HIS A 26 8.51 2.69 -48.24
C HIS A 26 7.29 3.57 -48.44
N GLY A 27 7.47 4.86 -48.20
CA GLY A 27 6.40 5.83 -48.43
C GLY A 27 6.39 6.94 -47.42
N GLY A 28 6.65 6.58 -46.17
CA GLY A 28 6.61 7.52 -45.05
C GLY A 28 5.92 6.91 -43.84
N LEU A 29 5.33 7.75 -43.01
CA LEU A 29 4.63 7.20 -41.86
C LEU A 29 3.18 6.90 -42.20
N PRO A 30 2.61 5.82 -41.66
CA PRO A 30 1.20 5.50 -41.95
C PRO A 30 0.29 6.69 -41.66
N GLN A 31 -0.46 7.10 -42.68
CA GLN A 31 -1.25 8.32 -42.60
C GLN A 31 -2.49 8.10 -41.74
N GLY A 32 -2.87 9.13 -41.00
CA GLY A 32 -4.03 9.05 -40.13
C GLY A 32 -3.83 8.23 -38.88
N ALA A 33 -2.59 7.91 -38.53
CA ALA A 33 -2.27 7.14 -37.35
C ALA A 33 -1.10 7.78 -36.62
N THR A 34 -0.86 7.32 -35.41
CA THR A 34 0.27 7.76 -34.61
C THR A 34 1.39 6.73 -34.70
N THR A 35 2.62 7.22 -34.79
CA THR A 35 3.81 6.36 -34.88
C THR A 35 4.67 6.58 -33.64
N LEU A 36 5.10 5.48 -33.03
CA LEU A 36 5.91 5.52 -31.83
C LEU A 36 7.37 5.69 -32.21
N VAL A 37 7.99 6.78 -31.75
CA VAL A 37 9.42 7.04 -31.93
C VAL A 37 10.09 6.85 -30.58
N SER A 38 10.77 5.72 -30.41
CA SER A 38 11.27 5.29 -29.10
C SER A 38 12.79 5.26 -29.14
N GLY A 39 13.42 5.83 -28.12
CA GLY A 39 14.87 5.82 -28.03
C GLY A 39 15.31 6.32 -26.67
N THR A 40 16.60 6.11 -26.38
CA THR A 40 17.19 6.59 -25.14
C THR A 40 17.43 8.10 -25.25
N SER A 41 18.09 8.67 -24.25
CA SER A 41 18.36 10.12 -24.26
C SER A 41 19.41 10.45 -25.31
N GLY A 42 19.22 11.59 -25.98
CA GLY A 42 20.18 12.04 -26.98
C GLY A 42 20.28 11.19 -28.21
N THR A 43 19.20 10.49 -28.59
CA THR A 43 19.18 9.66 -29.78
C THR A 43 18.57 10.35 -30.99
N GLY A 44 17.91 11.48 -30.80
CA GLY A 44 17.28 12.22 -31.87
C GLY A 44 15.76 12.16 -31.89
N LYS A 45 15.12 11.80 -30.77
CA LYS A 45 13.67 11.69 -30.75
C LYS A 45 13.01 13.04 -30.99
N THR A 46 13.35 14.02 -30.15
CA THR A 46 12.78 15.37 -30.31
C THR A 46 13.14 15.96 -31.67
N LEU A 47 14.35 15.68 -32.16
CA LEU A 47 14.76 16.16 -33.47
C LEU A 47 13.89 15.57 -34.57
N PHE A 48 13.72 14.24 -34.55
CA PHE A 48 12.83 13.58 -35.50
C PHE A 48 11.42 14.16 -35.42
N ALA A 49 10.93 14.40 -34.20
CA ALA A 49 9.57 14.91 -34.03
C ALA A 49 9.43 16.33 -34.57
N VAL A 50 10.45 17.17 -34.37
CA VAL A 50 10.38 18.55 -34.87
C VAL A 50 10.51 18.57 -36.39
N GLN A 51 11.43 17.77 -36.95
CA GLN A 51 11.61 17.76 -38.39
C GLN A 51 10.37 17.24 -39.11
N PHE A 52 9.66 16.30 -38.51
CA PHE A 52 8.42 15.82 -39.11
C PHE A 52 7.39 16.93 -39.20
N LEU A 53 7.34 17.81 -38.20
CA LEU A 53 6.45 18.95 -38.23
C LEU A 53 6.98 20.04 -39.16
N TYR A 54 8.29 20.30 -39.08
CA TYR A 54 8.90 21.35 -39.90
C TYR A 54 8.75 21.05 -41.39
N ASN A 55 9.02 19.82 -41.80
CA ASN A 55 8.92 19.46 -43.21
C ASN A 55 7.47 19.48 -43.69
N GLY A 56 6.54 19.08 -42.83
CA GLY A 56 5.13 19.18 -43.19
C GLY A 56 4.71 20.61 -43.46
N ILE A 57 5.21 21.55 -42.67
CA ILE A 57 4.89 22.97 -42.85
C ILE A 57 5.65 23.57 -44.02
N THR A 58 6.88 23.11 -44.29
CA THR A 58 7.75 23.80 -45.24
C THR A 58 7.57 23.29 -46.67
N ILE A 59 7.55 21.97 -46.85
CA ILE A 59 7.46 21.42 -48.21
C ILE A 59 6.01 21.34 -48.67
N PHE A 60 5.09 21.08 -47.74
CA PHE A 60 3.66 21.11 -48.00
C PHE A 60 3.09 22.24 -47.14
N ASN A 61 1.85 22.63 -47.43
CA ASN A 61 1.23 23.68 -46.62
C ASN A 61 0.34 23.10 -45.53
N GLU A 62 0.78 22.02 -44.90
CA GLU A 62 0.03 21.38 -43.83
C GLU A 62 0.53 21.86 -42.48
N PRO A 63 -0.32 22.49 -41.67
CA PRO A 63 0.13 22.97 -40.36
C PRO A 63 0.32 21.83 -39.38
N GLY A 64 1.07 22.12 -38.32
CA GLY A 64 1.40 21.11 -37.32
C GLY A 64 1.26 21.65 -35.92
N ILE A 65 0.83 20.77 -35.01
CA ILE A 65 0.79 21.03 -33.58
C ILE A 65 1.89 20.23 -32.89
N PHE A 66 2.59 20.88 -31.97
CA PHE A 66 3.64 20.24 -31.17
C PHE A 66 3.21 20.28 -29.70
N VAL A 67 2.98 19.10 -29.13
CA VAL A 67 2.61 18.97 -27.73
C VAL A 67 3.86 18.58 -26.95
N THR A 68 4.29 19.46 -26.03
CA THR A 68 5.46 19.22 -25.21
C THR A 68 5.06 19.11 -23.74
N PHE A 69 5.65 18.12 -23.07
CA PHE A 69 5.43 17.87 -21.65
C PHE A 69 6.61 18.25 -20.77
N GLU A 70 7.83 18.28 -21.32
CA GLU A 70 9.02 18.61 -20.57
C GLU A 70 9.66 19.91 -21.02
N GLU A 71 10.09 19.99 -22.27
CA GLU A 71 10.79 21.17 -22.77
C GLU A 71 9.83 22.35 -22.89
N SER A 72 10.35 23.55 -22.59
CA SER A 72 9.55 24.75 -22.68
C SER A 72 9.38 25.16 -24.15
N PRO A 73 8.24 25.74 -24.52
CA PRO A 73 8.05 26.15 -25.92
C PRO A 73 9.13 27.07 -26.45
N GLN A 74 9.56 28.05 -25.67
CA GLN A 74 10.66 28.90 -26.12
C GLN A 74 11.97 28.10 -26.18
N ASP A 75 12.16 27.15 -25.27
CA ASP A 75 13.36 26.31 -25.35
C ASP A 75 13.31 25.41 -26.58
N ILE A 76 12.10 25.01 -27.00
CA ILE A 76 11.96 24.28 -28.25
C ILE A 76 12.38 25.14 -29.43
N ILE A 77 11.96 26.40 -29.43
CA ILE A 77 12.28 27.31 -30.53
C ILE A 77 13.75 27.71 -30.48
N LYS A 78 14.27 28.01 -29.30
CA LYS A 78 15.65 28.48 -29.16
C LYS A 78 16.65 27.42 -29.64
N ASN A 79 16.44 26.17 -29.26
CA ASN A 79 17.33 25.09 -29.69
C ASN A 79 17.18 24.80 -31.17
N ALA A 80 16.00 25.05 -31.74
CA ALA A 80 15.75 24.80 -33.15
C ALA A 80 16.60 25.68 -34.05
N LEU A 81 17.03 26.83 -33.56
CA LEU A 81 17.87 27.74 -34.34
C LEU A 81 19.17 27.08 -34.79
N SER A 82 19.64 26.07 -34.07
CA SER A 82 20.87 25.38 -34.44
C SER A 82 20.79 24.69 -35.80
N PHE A 83 19.61 24.56 -36.38
CA PHE A 83 19.45 23.95 -37.70
C PHE A 83 18.92 24.92 -38.75
N GLY A 84 18.88 26.22 -38.43
CA GLY A 84 18.33 27.17 -39.37
C GLY A 84 16.82 27.16 -39.42
N TRP A 85 16.16 26.54 -38.44
CA TRP A 85 14.71 26.41 -38.42
C TRP A 85 14.14 27.49 -37.51
N ASN A 86 13.46 28.47 -38.10
CA ASN A 86 12.81 29.54 -37.36
C ASN A 86 11.40 29.07 -36.99
N LEU A 87 11.32 28.31 -35.89
CA LEU A 87 10.03 27.83 -35.42
C LEU A 87 9.14 28.99 -35.00
N GLN A 88 9.74 30.12 -34.63
CA GLN A 88 8.95 31.29 -34.25
C GLN A 88 8.23 31.88 -35.47
N SER A 89 8.89 31.89 -36.63
CA SER A 89 8.29 32.46 -37.83
C SER A 89 7.10 31.64 -38.32
N LEU A 90 7.11 30.33 -38.08
CA LEU A 90 5.96 29.51 -38.45
C LEU A 90 4.77 29.78 -37.53
N ILE A 91 5.02 30.07 -36.26
CA ILE A 91 3.94 30.38 -35.33
C ILE A 91 3.24 31.67 -35.75
N ASP A 92 3.99 32.65 -36.25
CA ASP A 92 3.40 33.92 -36.63
C ASP A 92 2.52 33.78 -37.87
N GLN A 93 2.86 32.84 -38.75
CA GLN A 93 2.05 32.57 -39.94
C GLN A 93 0.89 31.61 -39.67
N GLY A 94 0.69 31.19 -38.42
CA GLY A 94 -0.40 30.29 -38.09
C GLY A 94 -0.24 28.87 -38.57
N LYS A 95 0.97 28.47 -38.95
CA LYS A 95 1.21 27.11 -39.43
C LYS A 95 1.79 26.19 -38.38
N LEU A 96 2.39 26.72 -37.32
CA LEU A 96 2.86 25.92 -36.20
C LEU A 96 2.21 26.39 -34.91
N PHE A 97 1.97 25.46 -34.00
CA PHE A 97 1.47 25.77 -32.67
C PHE A 97 2.08 24.79 -31.68
N ILE A 98 2.62 25.32 -30.60
CA ILE A 98 3.24 24.51 -29.55
C ILE A 98 2.27 24.46 -28.38
N LEU A 99 1.73 23.28 -28.11
CA LEU A 99 0.83 23.07 -26.99
C LEU A 99 1.68 22.86 -25.74
N ASP A 100 1.64 23.80 -24.81
CA ASP A 100 2.45 23.72 -23.59
C ASP A 100 1.69 22.90 -22.57
N ALA A 101 2.06 21.63 -22.45
CA ALA A 101 1.53 20.73 -21.44
C ALA A 101 2.57 20.40 -20.38
N SER A 102 3.55 21.26 -20.22
CA SER A 102 4.56 21.08 -19.18
C SER A 102 3.98 21.50 -17.83
N PRO A 103 4.35 20.83 -16.75
CA PRO A 103 3.73 21.10 -15.46
C PRO A 103 4.10 22.47 -14.92
N ASP A 104 3.34 22.91 -13.93
CA ASP A 104 3.58 24.12 -13.15
C ASP A 104 4.51 23.80 -12.00
N PRO A 105 5.52 24.64 -11.72
CA PRO A 105 6.40 24.36 -10.59
C PRO A 105 5.76 24.60 -9.23
N ASP A 106 5.55 23.53 -8.46
CA ASP A 106 5.04 23.61 -7.09
C ASP A 106 3.66 24.27 -7.02
N GLY A 107 2.82 23.95 -8.00
CA GLY A 107 1.43 24.37 -7.98
C GLY A 107 0.53 23.42 -8.75
N GLN A 108 1.05 22.25 -9.09
CA GLN A 108 0.28 21.18 -9.73
C GLN A 108 0.10 20.03 -8.74
N GLU A 109 -1.10 19.90 -8.18
CA GLU A 109 -1.43 18.80 -7.29
C GLU A 109 -2.51 17.93 -7.93
N VAL A 110 -2.29 16.63 -7.95
CA VAL A 110 -3.25 15.64 -8.41
C VAL A 110 -3.51 14.69 -7.25
N ALA A 111 -4.79 14.46 -6.94
CA ALA A 111 -5.19 13.60 -5.83
C ALA A 111 -6.29 12.66 -6.30
N GLY A 112 -5.99 11.37 -6.33
CA GLY A 112 -6.97 10.38 -6.70
C GLY A 112 -6.90 9.99 -8.17
N ASP A 113 -7.98 9.40 -8.64
CA ASP A 113 -8.08 9.03 -10.05
C ASP A 113 -8.21 10.29 -10.90
N PHE A 114 -7.85 10.16 -12.17
CA PHE A 114 -7.92 11.28 -13.10
C PHE A 114 -8.07 10.75 -14.52
N ASP A 115 -8.37 11.66 -15.44
CA ASP A 115 -8.33 11.39 -16.86
C ASP A 115 -7.65 12.58 -17.54
N LEU A 116 -7.10 12.32 -18.72
CA LEU A 116 -6.47 13.38 -19.53
C LEU A 116 -7.45 14.03 -20.49
N SER A 117 -8.70 14.23 -20.05
CA SER A 117 -9.71 14.78 -20.95
C SER A 117 -9.39 16.22 -21.33
N ALA A 118 -8.90 17.02 -20.38
CA ALA A 118 -8.57 18.41 -20.67
C ALA A 118 -7.40 18.50 -21.65
N LEU A 119 -6.46 17.55 -21.58
CA LEU A 119 -5.38 17.51 -22.55
C LEU A 119 -5.89 17.09 -23.93
N ILE A 120 -6.77 16.08 -23.97
CA ILE A 120 -7.33 15.63 -25.24
C ILE A 120 -8.20 16.73 -25.85
N GLU A 121 -8.90 17.49 -25.01
CA GLU A 121 -9.70 18.61 -25.52
C GLU A 121 -8.80 19.73 -26.02
N ARG A 122 -7.64 19.94 -25.37
CA ARG A 122 -6.75 21.02 -25.78
C ARG A 122 -6.07 20.69 -27.11
N ILE A 123 -5.60 19.45 -27.27
CA ILE A 123 -4.99 19.05 -28.53
C ILE A 123 -6.02 19.14 -29.66
N GLN A 124 -7.22 18.61 -29.40
CA GLN A 124 -8.28 18.63 -30.40
C GLN A 124 -8.61 20.05 -30.84
N TYR A 125 -8.78 20.95 -29.87
CA TYR A 125 -9.11 22.33 -30.21
C TYR A 125 -8.01 22.98 -31.03
N ALA A 126 -6.75 22.65 -30.75
CA ALA A 126 -5.65 23.22 -31.53
C ALA A 126 -5.63 22.65 -32.94
N ILE A 127 -5.93 21.34 -33.07
CA ILE A 127 -5.98 20.71 -34.38
C ILE A 127 -7.03 21.39 -35.25
N ARG A 128 -8.21 21.66 -34.69
CA ARG A 128 -9.28 22.24 -35.49
C ARG A 128 -9.06 23.72 -35.79
N LYS A 129 -8.46 24.47 -34.86
CA LYS A 129 -8.28 25.89 -35.11
C LYS A 129 -7.21 26.14 -36.16
N TYR A 130 -6.13 25.37 -36.12
CA TYR A 130 -5.00 25.57 -37.02
C TYR A 130 -5.07 24.68 -38.26
N LYS A 131 -6.11 23.86 -38.41
CA LYS A 131 -6.30 23.01 -39.58
C LYS A 131 -5.10 22.09 -39.81
N ALA A 132 -4.55 21.57 -38.72
CA ALA A 132 -3.34 20.77 -38.79
C ALA A 132 -3.63 19.35 -39.26
N THR A 133 -2.62 18.74 -39.86
CA THR A 133 -2.65 17.33 -40.24
C THR A 133 -1.50 16.53 -39.65
N ARG A 134 -0.54 17.19 -39.00
CA ARG A 134 0.58 16.53 -38.34
C ARG A 134 0.63 16.99 -36.89
N VAL A 135 0.87 16.04 -35.99
CA VAL A 135 0.96 16.33 -34.56
C VAL A 135 2.16 15.58 -34.01
N SER A 136 2.94 16.25 -33.17
CA SER A 136 4.04 15.61 -32.47
C SER A 136 3.84 15.82 -30.97
N ILE A 137 3.94 14.73 -30.22
CA ILE A 137 3.81 14.76 -28.77
C ILE A 137 5.15 14.31 -28.20
N ASP A 138 5.89 15.26 -27.64
CA ASP A 138 7.27 15.02 -27.23
C ASP A 138 7.27 14.52 -25.79
N SER A 139 7.92 13.37 -25.56
CA SER A 139 8.11 12.77 -24.25
C SER A 139 6.81 12.28 -23.65
N VAL A 140 6.23 11.24 -24.25
CA VAL A 140 5.12 10.52 -23.62
C VAL A 140 5.58 9.90 -22.31
N THR A 141 6.83 9.47 -22.23
CA THR A 141 7.35 8.96 -20.97
C THR A 141 7.21 10.00 -19.85
N ALA A 142 7.26 11.28 -20.19
CA ALA A 142 7.22 12.31 -19.16
C ALA A 142 5.87 12.39 -18.46
N VAL A 143 4.76 12.05 -19.13
CA VAL A 143 3.47 12.10 -18.45
C VAL A 143 3.38 10.97 -17.42
N PHE A 144 3.97 9.81 -17.73
CA PHE A 144 4.06 8.73 -16.74
C PHE A 144 4.84 9.16 -15.51
N GLN A 145 5.89 9.95 -15.71
CA GLN A 145 6.75 10.36 -14.61
C GLN A 145 6.11 11.46 -13.79
N GLN A 146 5.27 12.28 -14.42
CA GLN A 146 4.62 13.40 -13.74
C GLN A 146 3.36 12.99 -13.00
N TYR A 147 2.75 11.86 -13.37
CA TYR A 147 1.54 11.35 -12.73
C TYR A 147 1.78 9.90 -12.30
N ASP A 148 1.72 9.66 -11.00
CA ASP A 148 2.08 8.35 -10.46
C ASP A 148 0.92 7.37 -10.54
N ALA A 149 0.26 7.33 -11.70
CA ALA A 149 -0.78 6.34 -12.00
C ALA A 149 -0.45 5.75 -13.36
N ALA A 150 0.43 4.74 -13.37
CA ALA A 150 0.89 4.18 -14.64
C ALA A 150 -0.26 3.63 -15.46
N SER A 151 -1.17 2.90 -14.83
CA SER A 151 -2.28 2.30 -15.58
C SER A 151 -3.24 3.36 -16.11
N VAL A 152 -3.51 4.40 -15.32
CA VAL A 152 -4.42 5.46 -15.77
C VAL A 152 -3.84 6.22 -16.96
N VAL A 153 -2.54 6.56 -16.90
CA VAL A 153 -1.93 7.34 -17.97
C VAL A 153 -1.88 6.52 -19.25
N ARG A 154 -1.45 5.27 -19.14
CA ARG A 154 -1.42 4.35 -20.27
C ARG A 154 -2.79 4.25 -20.94
N ARG A 155 -3.87 4.14 -20.14
CA ARG A 155 -5.21 4.07 -20.72
C ARG A 155 -5.56 5.34 -21.49
N GLU A 156 -5.18 6.51 -20.96
CA GLU A 156 -5.59 7.78 -21.57
C GLU A 156 -4.78 8.10 -22.83
N ILE A 157 -3.54 7.61 -22.93
CA ILE A 157 -2.81 7.75 -24.18
C ILE A 157 -3.47 6.94 -25.27
N PHE A 158 -3.94 5.74 -24.93
CA PHE A 158 -4.69 4.92 -25.87
C PHE A 158 -5.93 5.66 -26.36
N ARG A 159 -6.64 6.36 -25.46
CA ARG A 159 -7.77 7.18 -25.86
C ARG A 159 -7.33 8.37 -26.70
N LEU A 160 -6.17 8.96 -26.38
CA LEU A 160 -5.64 10.06 -27.17
C LEU A 160 -5.32 9.62 -28.59
N ALA A 161 -4.68 8.46 -28.75
CA ALA A 161 -4.33 7.98 -30.07
C ALA A 161 -5.57 7.82 -30.95
N PHE A 162 -6.72 7.53 -30.36
CA PHE A 162 -7.93 7.35 -31.16
C PHE A 162 -8.50 8.68 -31.65
N ARG A 163 -8.59 9.69 -30.79
CA ARG A 163 -9.10 10.97 -31.26
C ARG A 163 -8.13 11.63 -32.23
N LEU A 164 -6.83 11.37 -32.07
CA LEU A 164 -5.87 11.82 -33.08
C LEU A 164 -6.14 11.13 -34.40
N ALA A 165 -6.38 9.82 -34.35
CA ALA A 165 -6.74 9.07 -35.56
C ALA A 165 -8.12 9.46 -36.06
N GLN A 166 -9.05 9.76 -35.15
CA GLN A 166 -10.39 10.17 -35.58
C GLN A 166 -10.37 11.48 -36.36
N LEU A 167 -9.52 12.43 -35.96
CA LEU A 167 -9.39 13.69 -36.68
C LEU A 167 -8.57 13.56 -37.96
N GLY A 168 -7.97 12.41 -38.21
CA GLY A 168 -7.26 12.18 -39.44
C GLY A 168 -5.83 12.68 -39.45
N VAL A 169 -5.37 13.31 -38.37
CA VAL A 169 -4.02 13.82 -38.32
C VAL A 169 -3.07 12.65 -38.09
N THR A 170 -1.84 12.80 -38.58
CA THR A 170 -0.81 11.79 -38.40
C THR A 170 0.13 12.25 -37.30
N THR A 171 0.28 11.43 -36.28
CA THR A 171 0.89 11.85 -35.03
C THR A 171 2.19 11.09 -34.80
N ILE A 172 3.09 11.73 -34.05
CA ILE A 172 4.33 11.11 -33.60
C ILE A 172 4.38 11.27 -32.10
N MET A 173 4.49 10.14 -31.39
CA MET A 173 4.62 10.15 -29.94
C MET A 173 6.00 9.61 -29.60
N THR A 174 6.80 10.43 -28.94
CA THR A 174 8.15 10.03 -28.56
C THR A 174 8.12 9.42 -27.17
N THR A 175 8.96 8.44 -26.96
CA THR A 175 9.02 7.72 -25.69
C THR A 175 10.47 7.54 -25.30
N GLU A 176 10.74 7.66 -24.01
CA GLU A 176 12.08 7.39 -23.51
C GLU A 176 12.28 5.88 -23.37
N ARG A 177 13.53 5.47 -23.38
CA ARG A 177 13.86 4.06 -23.26
C ARG A 177 14.74 3.81 -22.05
N VAL A 178 14.80 2.55 -21.65
CA VAL A 178 15.60 2.12 -20.50
C VAL A 178 17.03 1.85 -20.97
N ASP A 179 17.20 0.91 -21.90
CA ASP A 179 18.49 0.63 -22.50
C ASP A 179 18.43 0.82 -24.01
N GLU A 180 19.61 0.89 -24.63
CA GLU A 180 19.73 0.86 -26.08
C GLU A 180 19.06 -0.38 -26.65
N TYR A 181 19.62 -1.55 -26.34
CA TYR A 181 19.06 -2.83 -26.76
C TYR A 181 18.35 -3.41 -25.54
N GLY A 182 17.03 -3.29 -25.54
CA GLY A 182 16.20 -3.74 -24.45
C GLY A 182 14.75 -3.70 -24.86
N PRO A 183 13.85 -3.51 -23.89
CA PRO A 183 12.43 -3.37 -24.21
C PRO A 183 12.19 -2.19 -25.15
N VAL A 184 11.00 -2.18 -25.75
CA VAL A 184 10.73 -1.22 -26.81
C VAL A 184 10.47 0.17 -26.25
N ALA A 185 9.73 0.27 -25.15
CA ALA A 185 9.47 1.56 -24.52
C ALA A 185 9.30 1.37 -23.03
N ARG A 186 9.51 2.46 -22.28
CA ARG A 186 9.31 2.45 -20.84
C ARG A 186 7.82 2.50 -20.53
N PHE A 187 7.43 1.80 -19.46
CA PHE A 187 6.07 1.67 -18.95
C PHE A 187 5.14 0.93 -19.91
N GLY A 188 5.62 0.50 -21.07
CA GLY A 188 4.80 -0.29 -21.96
C GLY A 188 3.76 0.46 -22.79
N VAL A 189 4.16 1.55 -23.44
CA VAL A 189 3.24 2.20 -24.38
C VAL A 189 3.35 1.55 -25.74
N GLU A 190 4.33 0.67 -25.92
CA GLU A 190 4.40 -0.15 -27.11
C GLU A 190 3.15 -1.00 -27.26
N GLU A 191 2.63 -1.50 -26.13
CA GLU A 191 1.54 -2.45 -26.10
C GLU A 191 0.17 -1.80 -26.27
N PHE A 192 0.11 -0.49 -26.48
CA PHE A 192 -1.11 0.27 -26.70
C PHE A 192 -1.05 1.11 -27.97
N VAL A 193 0.12 1.65 -28.28
CA VAL A 193 0.41 2.30 -29.55
C VAL A 193 1.23 1.28 -30.33
N SER A 194 0.63 0.12 -30.62
CA SER A 194 1.38 -1.04 -31.08
C SER A 194 1.48 -1.18 -32.60
N ASP A 195 0.90 -0.27 -33.38
CA ASP A 195 0.94 -0.46 -34.82
C ASP A 195 2.23 0.04 -35.47
N ASN A 196 2.83 1.10 -34.96
CA ASN A 196 3.95 1.76 -35.64
C ASN A 196 5.04 2.10 -34.63
N VAL A 197 6.21 1.47 -34.77
CA VAL A 197 7.32 1.64 -33.83
C VAL A 197 8.60 1.90 -34.62
N VAL A 198 9.22 3.05 -34.39
CA VAL A 198 10.55 3.36 -34.90
C VAL A 198 11.50 3.46 -33.71
N ILE A 199 12.64 2.76 -33.82
CA ILE A 199 13.62 2.71 -32.75
C ILE A 199 14.85 3.51 -33.16
N LEU A 200 15.26 4.43 -32.30
CA LEU A 200 16.48 5.22 -32.50
C LEU A 200 17.51 4.82 -31.45
N ARG A 201 18.74 4.59 -31.89
CA ARG A 201 19.81 4.18 -30.99
C ARG A 201 21.01 5.12 -31.11
N ASN A 202 22.01 4.88 -30.28
CA ASN A 202 23.15 5.78 -30.14
C ASN A 202 24.27 5.05 -29.42
N VAL A 203 25.04 4.24 -30.14
CA VAL A 203 26.00 3.34 -29.51
C VAL A 203 27.35 4.02 -29.41
N LEU A 204 27.95 3.95 -28.23
CA LEU A 204 29.23 4.60 -27.91
C LEU A 204 30.32 3.53 -27.87
N GLU A 205 30.93 3.24 -29.02
CA GLU A 205 32.03 2.27 -29.08
C GLU A 205 33.34 3.05 -28.97
N GLY A 206 33.99 2.96 -27.82
CA GLY A 206 35.25 3.66 -27.64
C GLY A 206 35.09 5.16 -27.83
N GLU A 207 35.47 5.63 -29.02
CA GLU A 207 35.36 7.03 -29.38
C GLU A 207 34.35 7.29 -30.50
N ARG A 208 34.08 6.30 -31.34
CA ARG A 208 33.14 6.48 -32.44
C ARG A 208 31.71 6.28 -31.96
N ARG A 209 30.84 7.26 -32.22
CA ARG A 209 29.43 7.21 -31.83
C ARG A 209 28.55 6.96 -33.06
N ARG A 210 28.07 5.72 -33.20
CA ARG A 210 27.23 5.32 -34.33
C ARG A 210 25.75 5.38 -33.95
N ARG A 211 24.99 6.26 -34.61
CA ARG A 211 23.55 6.34 -34.43
C ARG A 211 22.86 5.57 -35.55
N THR A 212 21.85 4.77 -35.18
CA THR A 212 21.10 3.98 -36.13
C THR A 212 19.60 4.11 -35.86
N VAL A 213 18.81 4.05 -36.94
CA VAL A 213 17.35 4.03 -36.87
C VAL A 213 16.86 2.70 -37.41
N GLU A 214 15.77 2.18 -36.82
CA GLU A 214 15.19 0.91 -37.25
C GLU A 214 13.66 1.02 -37.27
N ILE A 215 13.07 0.48 -38.34
CA ILE A 215 11.62 0.38 -38.47
C ILE A 215 11.17 -0.97 -37.91
N LEU A 216 10.66 -0.97 -36.68
CA LEU A 216 10.21 -2.21 -36.04
C LEU A 216 8.87 -2.68 -36.62
N LYS A 217 7.86 -1.80 -36.60
CA LYS A 217 6.52 -2.11 -37.06
C LYS A 217 5.97 -0.94 -37.86
N LEU A 218 5.22 -1.24 -38.91
CA LEU A 218 4.55 -0.22 -39.71
C LEU A 218 3.18 -0.69 -40.19
N ARG A 219 2.33 -1.11 -39.25
CA ARG A 219 0.97 -1.60 -39.50
C ARG A 219 0.92 -2.69 -40.58
N GLY A 220 1.97 -3.49 -40.69
CA GLY A 220 2.03 -4.53 -41.71
C GLY A 220 2.43 -4.05 -43.07
N THR A 221 2.52 -2.74 -43.28
CA THR A 221 3.01 -2.23 -44.55
C THR A 221 4.47 -2.65 -44.73
N THR A 222 4.98 -2.43 -45.95
CA THR A 222 6.33 -2.89 -46.24
C THR A 222 7.33 -1.86 -45.76
N HIS A 223 8.44 -2.35 -45.21
CA HIS A 223 9.52 -1.50 -44.74
C HIS A 223 10.82 -2.29 -44.82
N MET A 224 11.93 -1.62 -44.51
CA MET A 224 13.25 -2.24 -44.50
C MET A 224 13.59 -2.75 -43.11
N LYS A 225 14.09 -3.98 -43.04
CA LYS A 225 14.46 -4.61 -41.79
C LYS A 225 15.83 -4.12 -41.31
N GLY A 226 16.00 -4.11 -39.99
CA GLY A 226 17.29 -3.81 -39.40
C GLY A 226 17.52 -2.34 -39.11
N GLU A 227 18.66 -2.08 -38.49
CA GLU A 227 19.08 -0.72 -38.17
C GLU A 227 19.86 -0.15 -39.33
N TYR A 228 19.68 1.14 -39.60
CA TYR A 228 20.37 1.84 -40.67
C TYR A 228 21.03 3.08 -40.10
N PRO A 229 22.29 3.36 -40.43
CA PRO A 229 22.99 4.48 -39.81
C PRO A 229 22.49 5.81 -40.35
N PHE A 230 22.39 6.78 -39.45
CA PHE A 230 22.03 8.15 -39.80
C PHE A 230 22.97 9.11 -39.09
N THR A 231 23.07 10.32 -39.66
CA THR A 231 23.87 11.39 -39.11
C THR A 231 23.00 12.62 -38.92
N ILE A 232 23.52 13.59 -38.19
CA ILE A 232 22.76 14.78 -37.81
C ILE A 232 23.47 15.96 -38.45
N ASN A 233 22.94 16.43 -39.57
CA ASN A 233 23.45 17.61 -40.28
C ASN A 233 22.22 18.44 -40.69
N ASN A 234 21.78 19.32 -39.78
CA ASN A 234 20.63 20.18 -40.03
C ASN A 234 19.42 19.34 -40.42
N GLY A 235 19.15 18.33 -39.59
CA GLY A 235 18.15 17.31 -39.80
C GLY A 235 18.73 15.93 -39.62
N ILE A 236 17.93 14.92 -39.94
CA ILE A 236 18.34 13.52 -39.83
C ILE A 236 18.56 12.97 -41.23
N ASN A 237 19.66 12.23 -41.41
CA ASN A 237 20.12 11.81 -42.73
C ASN A 237 20.56 10.35 -42.66
N ILE A 238 19.70 9.43 -43.12
CA ILE A 238 19.96 8.00 -43.06
C ILE A 238 20.53 7.56 -44.39
N PHE A 239 21.55 6.70 -44.37
CA PHE A 239 22.31 6.47 -45.59
C PHE A 239 22.77 5.03 -45.81
N ASP A 240 21.98 4.01 -45.43
CA ASP A 240 22.39 2.64 -45.75
C ASP A 240 21.28 1.87 -46.45
N TYR A 241 21.25 1.93 -47.78
CA TYR A 241 20.30 1.19 -48.60
C TYR A 241 20.66 1.28 -50.08
N LYS B 8 -16.57 37.33 -5.10
CA LYS B 8 -15.58 38.32 -5.51
C LYS B 8 -14.30 38.19 -4.69
N ALA B 9 -14.44 37.79 -3.43
CA ALA B 9 -13.26 37.64 -2.57
C ALA B 9 -12.47 36.40 -2.92
N LEU B 10 -13.16 35.27 -3.11
CA LEU B 10 -12.56 34.01 -3.55
C LEU B 10 -13.27 33.54 -4.80
N SER B 11 -12.52 33.14 -5.82
CA SER B 11 -13.11 32.64 -7.05
C SER B 11 -12.51 31.28 -7.37
N LEU B 12 -13.37 30.32 -7.66
CA LEU B 12 -12.94 28.97 -7.99
C LEU B 12 -13.55 28.54 -9.32
N LEU B 13 -12.80 27.75 -10.08
CA LEU B 13 -13.26 27.23 -11.36
C LEU B 13 -13.14 25.71 -11.35
N LEU B 14 -14.24 25.03 -11.66
CA LEU B 14 -14.29 23.57 -11.68
C LEU B 14 -14.36 23.10 -13.12
N PHE B 15 -13.24 22.62 -13.65
CA PHE B 15 -13.19 22.10 -15.01
C PHE B 15 -13.41 20.59 -14.97
N VAL B 16 -14.45 20.13 -15.67
CA VAL B 16 -14.87 18.74 -15.64
C VAL B 16 -15.16 18.28 -17.06
N ALA B 17 -14.90 17.00 -17.33
CA ALA B 17 -15.29 16.40 -18.58
C ALA B 17 -16.76 16.00 -18.52
N ASN B 18 -17.24 15.35 -19.57
CA ASN B 18 -18.65 14.95 -19.64
C ASN B 18 -18.77 13.52 -20.11
N ARG B 19 -17.96 12.64 -19.52
CA ARG B 19 -18.08 11.20 -19.73
C ARG B 19 -19.19 10.66 -18.84
N PRO B 20 -19.57 9.39 -19.02
CA PRO B 20 -20.62 8.81 -18.16
C PRO B 20 -20.29 8.91 -16.68
N GLY B 21 -21.29 9.33 -15.90
CA GLY B 21 -21.14 9.51 -14.47
C GLY B 21 -20.57 10.84 -14.04
N ASP B 22 -19.95 11.61 -14.94
CA ASP B 22 -19.45 12.93 -14.58
C ASP B 22 -20.58 13.88 -14.21
N GLU B 23 -21.75 13.71 -14.86
CA GLU B 23 -22.88 14.60 -14.61
C GLU B 23 -23.32 14.55 -13.15
N GLU B 24 -23.61 13.36 -12.63
CA GLU B 24 -24.04 13.22 -11.24
C GLU B 24 -22.94 13.63 -10.27
N GLU B 25 -21.69 13.28 -10.58
CA GLU B 25 -20.60 13.55 -9.64
C GLU B 25 -20.25 15.03 -9.58
N THR B 26 -20.29 15.74 -10.72
CA THR B 26 -19.89 17.14 -10.71
C THR B 26 -20.86 18.00 -9.92
N ALA B 27 -22.15 17.66 -9.95
CA ALA B 27 -23.11 18.35 -9.09
C ALA B 27 -22.86 18.07 -7.62
N ALA B 28 -22.43 16.85 -7.29
CA ALA B 28 -22.25 16.47 -5.88
C ALA B 28 -21.06 17.19 -5.25
N ILE B 29 -19.91 17.21 -5.92
CA ILE B 29 -18.75 17.89 -5.37
C ILE B 29 -19.00 19.40 -5.28
N GLN B 30 -19.76 19.95 -6.23
CA GLN B 30 -20.08 21.37 -6.18
C GLN B 30 -20.89 21.70 -4.92
N ALA B 31 -21.79 20.81 -4.53
CA ALA B 31 -22.55 21.01 -3.30
C ALA B 31 -21.63 20.98 -2.09
N HIS B 32 -20.60 20.14 -2.14
CA HIS B 32 -19.64 20.02 -1.03
C HIS B 32 -18.93 21.35 -0.79
N ILE B 33 -18.33 21.91 -1.85
CA ILE B 33 -17.61 23.16 -1.72
C ILE B 33 -18.53 24.28 -1.25
N GLN B 34 -19.75 24.30 -1.78
CA GLN B 34 -20.70 25.37 -1.46
C GLN B 34 -21.20 25.29 -0.03
N GLN B 35 -21.11 24.12 0.60
CA GLN B 35 -21.47 23.96 2.00
C GLN B 35 -20.30 24.22 2.95
N LEU B 36 -19.13 24.54 2.40
CA LEU B 36 -17.99 24.81 3.26
C LEU B 36 -18.18 26.15 3.97
N PRO B 37 -17.87 26.21 5.28
CA PRO B 37 -18.13 27.45 6.02
C PRO B 37 -17.20 28.58 5.57
N SER B 38 -17.81 29.73 5.28
CA SER B 38 -17.07 30.92 4.89
C SER B 38 -17.91 32.15 5.22
N ASN B 39 -17.23 33.22 5.63
CA ASN B 39 -17.88 34.49 5.93
C ASN B 39 -17.79 35.50 4.78
N PHE B 40 -17.00 35.23 3.75
CA PHE B 40 -16.94 36.07 2.57
C PHE B 40 -17.68 35.40 1.41
N SER B 41 -17.87 36.18 0.34
CA SER B 41 -18.54 35.69 -0.85
C SER B 41 -17.52 35.10 -1.83
N PHE B 42 -17.81 33.89 -2.31
CA PHE B 42 -17.01 33.24 -3.34
C PHE B 42 -17.95 32.80 -4.46
N GLU B 43 -17.36 32.45 -5.60
CA GLU B 43 -18.16 32.13 -6.78
C GLU B 43 -18.27 30.63 -7.02
N LEU B 44 -17.14 30.01 -7.34
CA LEU B 44 -17.07 28.60 -7.75
C LEU B 44 -17.96 28.44 -8.96
N LYS B 45 -17.42 28.77 -10.13
CA LYS B 45 -18.08 28.56 -11.41
C LYS B 45 -17.64 27.24 -12.03
N VAL B 46 -18.60 26.43 -12.46
CA VAL B 46 -18.30 25.15 -13.10
C VAL B 46 -18.17 25.39 -14.60
N VAL B 47 -17.01 25.04 -15.14
CA VAL B 47 -16.64 25.30 -16.54
C VAL B 47 -16.54 23.97 -17.25
N PRO B 48 -17.50 23.60 -18.10
CA PRO B 48 -17.32 22.43 -18.96
C PRO B 48 -16.18 22.66 -19.93
N ILE B 49 -15.25 21.70 -19.99
CA ILE B 49 -14.01 21.90 -20.74
C ILE B 49 -14.26 22.05 -22.23
N GLY B 50 -15.35 21.45 -22.74
CA GLY B 50 -15.66 21.53 -24.16
C GLY B 50 -16.08 22.91 -24.63
N GLU B 51 -16.55 23.77 -23.72
CA GLU B 51 -17.14 25.04 -24.12
C GLU B 51 -16.19 26.22 -24.01
N GLN B 52 -15.07 26.09 -23.30
CA GLN B 52 -14.13 27.19 -23.08
C GLN B 52 -12.70 26.68 -23.27
N PRO B 53 -12.29 26.44 -24.51
CA PRO B 53 -10.92 25.96 -24.74
C PRO B 53 -9.85 27.01 -24.52
N TYR B 54 -10.13 28.29 -24.85
CA TYR B 54 -9.17 29.35 -24.55
C TYR B 54 -8.82 29.40 -23.08
N LEU B 55 -9.77 29.05 -22.20
CA LEU B 55 -9.48 29.04 -20.77
C LEU B 55 -8.67 27.81 -20.39
N LEU B 56 -8.91 26.69 -21.09
CA LEU B 56 -8.11 25.49 -20.87
C LEU B 56 -6.63 25.75 -21.14
N GLU B 57 -6.33 26.62 -22.10
CA GLU B 57 -4.94 26.91 -22.46
C GLU B 57 -4.25 27.80 -21.43
N GLU B 58 -4.97 28.81 -20.93
CA GLU B 58 -4.36 29.78 -20.02
C GLU B 58 -3.81 29.11 -18.76
N TYR B 59 -4.47 28.06 -18.27
CA TYR B 59 -4.06 27.41 -17.04
C TYR B 59 -3.34 26.10 -17.30
N LYS B 60 -2.90 25.87 -18.54
CA LYS B 60 -2.20 24.67 -18.98
C LYS B 60 -2.81 23.41 -18.36
N LEU B 61 -4.08 23.17 -18.67
CA LEU B 61 -4.78 22.03 -18.09
C LEU B 61 -4.44 20.76 -18.84
N VAL B 62 -4.31 19.67 -18.08
CA VAL B 62 -3.99 18.35 -18.61
C VAL B 62 -4.92 17.35 -17.93
N ALA B 63 -4.81 17.24 -16.61
CA ALA B 63 -5.60 16.28 -15.86
C ALA B 63 -6.94 16.89 -15.48
N THR B 64 -7.94 16.02 -15.36
CA THR B 64 -9.33 16.36 -15.10
C THR B 64 -9.90 15.36 -14.10
N PRO B 65 -10.75 15.80 -13.15
CA PRO B 65 -11.26 17.15 -12.90
C PRO B 65 -10.25 18.07 -12.25
N ALA B 66 -10.43 19.38 -12.38
CA ALA B 66 -9.47 20.34 -11.86
C ALA B 66 -10.21 21.54 -11.30
N LEU B 67 -9.89 21.90 -10.06
CA LEU B 67 -10.41 23.10 -9.41
C LEU B 67 -9.28 24.10 -9.27
N ILE B 68 -9.46 25.28 -9.85
CA ILE B 68 -8.45 26.33 -9.85
C ILE B 68 -8.87 27.44 -8.89
N LYS B 69 -7.98 27.75 -7.95
CA LYS B 69 -8.12 28.92 -7.08
C LYS B 69 -7.54 30.10 -7.84
N VAL B 70 -8.40 30.96 -8.38
CA VAL B 70 -7.95 32.03 -9.25
C VAL B 70 -7.73 33.37 -8.54
N ARG B 71 -8.79 33.94 -7.97
CA ARG B 71 -8.73 35.33 -7.50
C ARG B 71 -7.69 35.55 -6.40
N PRO B 72 -7.77 34.93 -5.21
CA PRO B 72 -6.76 35.23 -4.18
C PRO B 72 -5.42 34.56 -4.47
N GLU B 73 -4.52 35.25 -5.17
CA GLU B 73 -3.17 34.73 -5.42
C GLU B 73 -2.50 34.30 -4.12
N PRO B 74 -1.63 33.27 -4.15
CA PRO B 74 -1.17 32.53 -5.33
C PRO B 74 -2.25 31.62 -5.90
N ARG B 75 -2.38 31.60 -7.23
CA ARG B 75 -3.33 30.69 -7.85
C ARG B 75 -2.92 29.24 -7.63
N GLN B 76 -3.91 28.37 -7.45
CA GLN B 76 -3.67 26.96 -7.21
C GLN B 76 -4.60 26.14 -8.09
N THR B 77 -4.16 24.93 -8.41
CA THR B 77 -4.98 23.96 -9.13
C THR B 77 -4.97 22.68 -8.33
N LEU B 78 -6.16 22.15 -8.05
CA LEU B 78 -6.32 20.87 -7.37
C LEU B 78 -7.07 19.97 -8.33
N ALA B 79 -6.47 18.83 -8.66
CA ALA B 79 -6.99 17.98 -9.70
C ALA B 79 -7.10 16.55 -9.18
N GLY B 80 -7.82 15.74 -9.93
CA GLY B 80 -8.09 14.38 -9.51
C GLY B 80 -9.49 14.24 -8.93
N ARG B 81 -10.01 13.02 -9.01
CA ARG B 81 -11.35 12.73 -8.52
C ARG B 81 -11.46 12.81 -7.01
N LYS B 82 -10.34 12.92 -6.30
CA LYS B 82 -10.32 13.17 -4.87
C LYS B 82 -9.91 14.62 -4.55
N LEU B 83 -10.29 15.56 -5.41
CA LEU B 83 -9.86 16.94 -5.22
C LEU B 83 -10.53 17.60 -4.02
N LEU B 84 -11.68 17.08 -3.58
CA LEU B 84 -12.32 17.60 -2.38
C LEU B 84 -11.44 17.44 -1.16
N GLN B 85 -10.68 16.33 -1.10
CA GLN B 85 -9.79 16.10 0.03
C GLN B 85 -8.77 17.22 0.18
N LYS B 86 -8.29 17.76 -0.94
CA LYS B 86 -7.38 18.90 -0.90
C LYS B 86 -8.11 20.23 -0.81
N VAL B 87 -9.34 20.30 -1.31
CA VAL B 87 -10.15 21.48 -1.06
C VAL B 87 -10.40 21.63 0.44
N ASP B 88 -10.70 20.51 1.11
CA ASP B 88 -10.87 20.53 2.56
C ASP B 88 -9.57 20.91 3.27
N TYR B 89 -8.44 20.42 2.76
CA TYR B 89 -7.15 20.76 3.34
C TYR B 89 -6.88 22.26 3.25
N TRP B 90 -7.06 22.84 2.06
CA TRP B 90 -6.66 24.21 1.79
C TRP B 90 -7.69 25.24 2.25
N TRP B 91 -8.94 24.83 2.48
CA TRP B 91 -10.00 25.79 2.80
C TRP B 91 -9.67 26.67 4.01
N PRO B 92 -9.20 26.14 5.15
CA PRO B 92 -8.80 27.03 6.25
C PRO B 92 -7.71 28.02 5.87
N ARG B 93 -6.78 27.62 5.00
CA ARG B 93 -5.71 28.53 4.57
C ARG B 93 -6.24 29.68 3.73
N TRP B 94 -7.27 29.44 2.93
CA TRP B 94 -7.84 30.47 2.06
C TRP B 94 -8.55 31.59 2.81
N GLN B 95 -8.16 31.84 4.06
CA GLN B 95 -8.70 32.95 4.84
C GLN B 95 -8.19 34.28 4.30
N ARG B 96 -8.62 34.67 3.11
CA ARG B 96 -8.20 35.92 2.50
C ARG B 96 -9.01 37.07 3.07
N GLU B 97 -8.33 38.00 3.74
CA GLU B 97 -8.98 39.18 4.30
C GLU B 97 -9.36 40.16 3.18
N VAL B 98 -8.37 40.77 2.56
CA VAL B 98 -8.59 41.73 1.48
C VAL B 98 -7.34 41.82 0.61
N VAL C 11 37.97 30.30 0.11
CA VAL C 11 37.45 28.98 -0.17
C VAL C 11 38.49 28.17 -0.94
N LYS C 12 38.88 27.03 -0.37
CA LYS C 12 39.94 26.22 -0.93
C LYS C 12 39.39 25.34 -2.05
N LYS C 13 40.19 25.17 -3.10
CA LYS C 13 39.83 24.37 -4.27
C LYS C 13 41.01 23.45 -4.59
N ILE C 14 40.72 22.25 -5.05
CA ILE C 14 41.79 21.36 -5.48
C ILE C 14 41.90 21.46 -7.00
N PRO C 15 43.10 21.39 -7.57
CA PRO C 15 43.22 21.52 -9.02
C PRO C 15 42.71 20.27 -9.72
N THR C 16 42.01 20.48 -10.83
CA THR C 16 41.49 19.38 -11.63
C THR C 16 42.49 18.92 -12.69
N MET C 17 43.37 19.82 -13.12
CA MET C 17 44.36 19.56 -14.18
C MET C 17 43.71 19.25 -15.52
N ILE C 18 42.38 19.32 -15.59
CA ILE C 18 41.70 19.34 -16.88
C ILE C 18 42.11 20.63 -17.60
N GLU C 19 42.59 20.48 -18.83
CA GLU C 19 43.25 21.59 -19.51
C GLU C 19 42.32 22.79 -19.64
N GLY C 20 42.71 23.90 -18.99
CA GLY C 20 41.96 25.13 -19.03
C GLY C 20 40.96 25.32 -17.92
N PHE C 21 40.46 24.22 -17.35
CA PHE C 21 39.35 24.33 -16.40
C PHE C 21 39.77 25.01 -15.11
N ASP C 22 40.99 24.73 -14.62
CA ASP C 22 41.45 25.39 -13.40
C ASP C 22 41.65 26.89 -13.59
N ASP C 23 41.74 27.34 -14.84
CA ASP C 23 41.85 28.78 -15.12
C ASP C 23 40.48 29.45 -15.15
N ILE C 24 39.45 28.76 -15.66
CA ILE C 24 38.10 29.31 -15.64
C ILE C 24 37.58 29.40 -14.21
N SER C 25 37.81 28.35 -13.43
CA SER C 25 37.27 28.29 -12.07
C SER C 25 38.12 29.04 -11.05
N HIS C 26 39.29 29.55 -11.46
CA HIS C 26 40.22 30.23 -10.56
C HIS C 26 40.67 29.29 -9.44
N GLY C 27 40.99 28.06 -9.81
CA GLY C 27 41.55 27.11 -8.86
C GLY C 27 41.12 25.66 -9.05
N GLY C 28 39.85 25.42 -9.35
CA GLY C 28 39.36 24.08 -9.52
C GLY C 28 38.02 23.87 -8.84
N LEU C 29 37.74 22.63 -8.43
CA LEU C 29 36.47 22.57 -7.73
C LEU C 29 36.68 22.78 -6.24
N PRO C 30 35.75 23.48 -5.59
CA PRO C 30 35.83 23.68 -4.14
C PRO C 30 36.01 22.36 -3.41
N GLN C 31 37.06 22.29 -2.59
CA GLN C 31 37.43 21.04 -1.96
C GLN C 31 36.45 20.71 -0.84
N GLY C 32 36.19 19.42 -0.67
CA GLY C 32 35.26 18.98 0.36
C GLY C 32 33.80 19.22 0.04
N ALA C 33 33.48 19.52 -1.22
CA ALA C 33 32.10 19.75 -1.63
C ALA C 33 31.85 19.01 -2.94
N THR C 34 30.58 18.91 -3.29
CA THR C 34 30.17 18.32 -4.56
C THR C 34 29.85 19.42 -5.57
N THR C 35 30.30 19.22 -6.80
CA THR C 35 30.08 20.16 -7.90
C THR C 35 29.24 19.49 -8.99
N LEU C 36 28.25 20.22 -9.49
CA LEU C 36 27.37 19.70 -10.53
C LEU C 36 28.04 19.90 -11.89
N VAL C 37 28.28 18.81 -12.60
CA VAL C 37 28.75 18.84 -13.98
C VAL C 37 27.55 18.41 -14.81
N SER C 38 26.89 19.39 -15.42
CA SER C 38 25.58 19.19 -16.03
C SER C 38 25.68 19.40 -17.53
N GLY C 39 25.08 18.47 -18.28
CA GLY C 39 25.06 18.59 -19.74
C GLY C 39 24.09 17.58 -20.30
N THR C 40 23.78 17.76 -21.58
CA THR C 40 22.91 16.83 -22.29
C THR C 40 23.71 15.57 -22.61
N SER C 41 23.12 14.66 -23.38
CA SER C 41 23.81 13.44 -23.73
C SER C 41 24.94 13.74 -24.73
N GLY C 42 26.07 13.05 -24.55
CA GLY C 42 27.20 13.19 -25.45
C GLY C 42 27.90 14.53 -25.41
N THR C 43 27.86 15.23 -24.27
CA THR C 43 28.56 16.51 -24.13
C THR C 43 29.90 16.38 -23.44
N GLY C 44 30.21 15.23 -22.86
CA GLY C 44 31.46 15.03 -22.17
C GLY C 44 31.38 14.93 -20.66
N LYS C 45 30.21 14.62 -20.10
CA LYS C 45 30.05 14.55 -18.66
C LYS C 45 30.90 13.44 -18.06
N THR C 46 30.70 12.21 -18.55
CA THR C 46 31.48 11.08 -18.04
C THR C 46 32.97 11.31 -18.22
N LEU C 47 33.36 11.95 -19.32
CA LEU C 47 34.77 12.24 -19.56
C LEU C 47 35.34 13.17 -18.50
N PHE C 48 34.62 14.27 -18.23
CA PHE C 48 35.02 15.19 -17.17
C PHE C 48 35.12 14.47 -15.83
N ALA C 49 34.16 13.59 -15.54
CA ALA C 49 34.16 12.89 -14.27
C ALA C 49 35.34 11.92 -14.17
N VAL C 50 35.68 11.24 -15.27
CA VAL C 50 36.80 10.30 -15.24
C VAL C 50 38.12 11.06 -15.15
N GLN C 51 38.27 12.15 -15.90
CA GLN C 51 39.51 12.91 -15.88
C GLN C 51 39.79 13.51 -14.51
N PHE C 52 38.74 13.87 -13.78
CA PHE C 52 38.92 14.42 -12.44
C PHE C 52 39.60 13.43 -11.51
N LEU C 53 39.25 12.14 -11.63
CA LEU C 53 39.93 11.11 -10.85
C LEU C 53 41.29 10.76 -11.42
N TYR C 54 41.40 10.66 -12.75
CA TYR C 54 42.65 10.25 -13.37
C TYR C 54 43.78 11.21 -13.02
N ASN C 55 43.54 12.51 -13.13
CA ASN C 55 44.57 13.49 -12.79
C ASN C 55 44.84 13.50 -11.29
N GLY C 56 43.79 13.32 -10.48
CA GLY C 56 43.98 13.21 -9.04
C GLY C 56 44.87 12.05 -8.67
N ILE C 57 44.69 10.90 -9.34
CA ILE C 57 45.51 9.73 -9.07
C ILE C 57 46.89 9.86 -9.71
N THR C 58 46.99 10.51 -10.87
CA THR C 58 48.24 10.50 -11.63
C THR C 58 49.14 11.69 -11.30
N ILE C 59 48.58 12.90 -11.28
CA ILE C 59 49.39 14.09 -11.02
C ILE C 59 49.55 14.32 -9.52
N PHE C 60 48.53 13.99 -8.74
CA PHE C 60 48.59 14.00 -7.29
C PHE C 60 48.49 12.55 -6.82
N ASN C 61 48.50 12.36 -5.51
CA ASN C 61 48.42 11.03 -4.93
C ASN C 61 47.09 10.83 -4.20
N GLU C 62 46.01 11.38 -4.77
CA GLU C 62 44.68 11.24 -4.20
C GLU C 62 43.92 10.12 -4.89
N PRO C 63 43.53 9.07 -4.18
CA PRO C 63 42.76 8.00 -4.82
C PRO C 63 41.35 8.46 -5.10
N GLY C 64 40.67 7.76 -6.01
CA GLY C 64 39.34 8.15 -6.44
C GLY C 64 38.38 6.99 -6.52
N ILE C 65 37.12 7.29 -6.18
CA ILE C 65 36.01 6.36 -6.36
C ILE C 65 35.12 6.88 -7.48
N PHE C 66 34.71 5.97 -8.36
CA PHE C 66 33.80 6.31 -9.45
C PHE C 66 32.51 5.53 -9.24
N VAL C 67 31.43 6.24 -8.96
CA VAL C 67 30.11 5.64 -8.79
C VAL C 67 29.33 5.82 -10.09
N THR C 68 29.00 4.71 -10.73
CA THR C 68 28.24 4.72 -11.98
C THR C 68 26.89 4.04 -11.77
N PHE C 69 25.84 4.65 -12.33
CA PHE C 69 24.49 4.10 -12.24
C PHE C 69 24.01 3.49 -13.54
N GLU C 70 24.52 3.93 -14.68
CA GLU C 70 24.11 3.43 -15.98
C GLU C 70 25.24 2.68 -16.70
N GLU C 71 26.35 3.35 -16.96
CA GLU C 71 27.43 2.73 -17.71
C GLU C 71 28.08 1.63 -16.89
N SER C 72 28.44 0.53 -17.56
CA SER C 72 29.07 -0.59 -16.86
C SER C 72 30.54 -0.28 -16.58
N PRO C 73 31.06 -0.79 -15.46
CA PRO C 73 32.49 -0.54 -15.14
C PRO C 73 33.46 -0.98 -16.21
N GLN C 74 33.22 -2.13 -16.86
CA GLN C 74 34.12 -2.60 -17.91
C GLN C 74 34.09 -1.69 -19.12
N ASP C 75 32.91 -1.15 -19.46
CA ASP C 75 32.84 -0.19 -20.57
C ASP C 75 33.52 1.13 -20.22
N ILE C 76 33.53 1.48 -18.93
CA ILE C 76 34.27 2.66 -18.50
C ILE C 76 35.76 2.48 -18.76
N ILE C 77 36.26 1.28 -18.49
CA ILE C 77 37.68 1.02 -18.72
C ILE C 77 38.00 0.96 -20.21
N LYS C 78 37.15 0.30 -20.99
CA LYS C 78 37.40 0.17 -22.42
C LYS C 78 37.38 1.52 -23.12
N ASN C 79 36.39 2.36 -22.77
CA ASN C 79 36.31 3.68 -23.38
C ASN C 79 37.44 4.58 -22.92
N ALA C 80 37.95 4.37 -21.71
CA ALA C 80 39.05 5.18 -21.20
C ALA C 80 40.33 4.95 -21.99
N LEU C 81 40.50 3.74 -22.55
CA LEU C 81 41.68 3.47 -23.37
C LEU C 81 41.73 4.36 -24.59
N SER C 82 40.57 4.83 -25.07
CA SER C 82 40.52 5.75 -26.21
C SER C 82 41.22 7.07 -25.93
N PHE C 83 41.55 7.36 -24.67
CA PHE C 83 42.25 8.58 -24.30
C PHE C 83 43.65 8.29 -23.76
N GLY C 84 44.12 7.05 -23.89
CA GLY C 84 45.41 6.69 -23.35
C GLY C 84 45.43 6.49 -21.86
N TRP C 85 44.25 6.34 -21.23
CA TRP C 85 44.13 6.20 -19.79
C TRP C 85 43.96 4.73 -19.42
N ASN C 86 44.97 4.17 -18.76
CA ASN C 86 44.90 2.78 -18.29
C ASN C 86 44.26 2.76 -16.91
N LEU C 87 42.92 2.82 -16.91
CA LEU C 87 42.17 2.79 -15.66
C LEU C 87 42.32 1.46 -14.93
N GLN C 88 42.64 0.37 -15.64
CA GLN C 88 42.78 -0.91 -14.97
C GLN C 88 44.02 -0.95 -14.09
N SER C 89 45.12 -0.35 -14.53
CA SER C 89 46.33 -0.35 -13.72
C SER C 89 46.16 0.48 -12.47
N LEU C 90 45.33 1.54 -12.53
CA LEU C 90 45.04 2.30 -11.33
C LEU C 90 44.18 1.49 -10.37
N ILE C 91 43.27 0.67 -10.91
CA ILE C 91 42.46 -0.21 -10.09
C ILE C 91 43.35 -1.29 -9.45
N ASP C 92 44.35 -1.76 -10.20
CA ASP C 92 45.20 -2.83 -9.70
C ASP C 92 46.11 -2.36 -8.57
N GLN C 93 46.50 -1.10 -8.58
CA GLN C 93 47.30 -0.53 -7.50
C GLN C 93 46.47 -0.07 -6.32
N GLY C 94 45.16 -0.29 -6.34
CA GLY C 94 44.31 0.15 -5.25
C GLY C 94 44.10 1.64 -5.19
N LYS C 95 44.38 2.35 -6.28
CA LYS C 95 44.21 3.80 -6.32
C LYS C 95 42.91 4.23 -6.98
N LEU C 96 42.30 3.37 -7.78
CA LEU C 96 40.98 3.62 -8.34
C LEU C 96 40.04 2.49 -7.93
N PHE C 97 38.77 2.83 -7.75
CA PHE C 97 37.75 1.83 -7.46
C PHE C 97 36.46 2.30 -8.13
N ILE C 98 35.83 1.41 -8.87
CA ILE C 98 34.58 1.70 -9.56
C ILE C 98 33.46 1.02 -8.80
N LEU C 99 32.61 1.84 -8.18
CA LEU C 99 31.45 1.32 -7.45
C LEU C 99 30.31 1.11 -8.44
N ASP C 100 29.93 -0.14 -8.65
CA ASP C 100 28.88 -0.49 -9.62
C ASP C 100 27.55 -0.36 -8.91
N ALA C 101 26.87 0.76 -9.15
CA ALA C 101 25.52 1.02 -8.63
C ALA C 101 24.47 0.94 -9.72
N SER C 102 24.75 0.16 -10.76
CA SER C 102 23.79 -0.05 -11.84
C SER C 102 22.70 -1.02 -11.38
N PRO C 103 21.47 -0.83 -11.87
CA PRO C 103 20.35 -1.66 -11.39
C PRO C 103 20.53 -3.12 -11.81
N ASP C 104 19.72 -3.98 -11.20
CA ASP C 104 19.75 -5.39 -11.57
C ASP C 104 18.90 -5.57 -12.83
N PRO C 105 19.40 -6.28 -13.85
CA PRO C 105 18.60 -6.47 -15.07
C PRO C 105 17.47 -7.48 -14.94
N ASP C 106 16.60 -7.29 -13.93
CA ASP C 106 15.37 -8.06 -13.67
C ASP C 106 14.93 -7.88 -12.22
N GLY C 107 13.93 -7.04 -11.99
CA GLY C 107 13.37 -6.92 -10.66
C GLY C 107 13.97 -5.87 -9.76
N GLN C 108 13.74 -4.59 -10.07
CA GLN C 108 14.06 -3.50 -9.15
C GLN C 108 12.76 -2.88 -8.64
N GLU C 109 11.80 -3.73 -8.30
CA GLU C 109 10.53 -3.29 -7.76
C GLU C 109 10.72 -2.51 -6.46
N VAL C 110 10.11 -1.33 -6.40
CA VAL C 110 10.10 -0.47 -5.22
C VAL C 110 8.65 -0.22 -4.84
N ALA C 111 8.33 -0.38 -3.55
CA ALA C 111 6.98 -0.16 -3.05
C ALA C 111 7.10 0.66 -1.77
N GLY C 112 6.63 1.90 -1.81
CA GLY C 112 6.63 2.75 -0.64
C GLY C 112 7.84 3.66 -0.60
N ASP C 113 8.09 4.20 0.60
CA ASP C 113 9.26 5.02 0.82
C ASP C 113 10.53 4.18 0.78
N PHE C 114 11.65 4.84 0.51
CA PHE C 114 12.95 4.19 0.52
C PHE C 114 14.02 5.25 0.78
N ASP C 115 15.23 4.79 1.06
CA ASP C 115 16.38 5.68 1.18
C ASP C 115 17.57 5.06 0.46
N LEU C 116 18.52 5.93 0.11
CA LEU C 116 19.78 5.50 -0.51
C LEU C 116 20.85 5.22 0.53
N SER C 117 20.47 4.64 1.68
CA SER C 117 21.44 4.41 2.75
C SER C 117 22.45 3.34 2.36
N ALA C 118 22.02 2.31 1.64
CA ALA C 118 22.94 1.24 1.24
C ALA C 118 23.99 1.76 0.25
N LEU C 119 23.62 2.72 -0.59
CA LEU C 119 24.61 3.34 -1.47
C LEU C 119 25.58 4.19 -0.67
N ILE C 120 25.08 4.95 0.30
CA ILE C 120 25.95 5.79 1.12
C ILE C 120 26.89 4.93 1.94
N GLU C 121 26.38 3.82 2.49
CA GLU C 121 27.23 2.90 3.24
C GLU C 121 28.28 2.25 2.37
N ARG C 122 28.03 2.15 1.06
CA ARG C 122 29.01 1.54 0.16
C ARG C 122 30.08 2.54 -0.26
N ILE C 123 29.67 3.77 -0.59
CA ILE C 123 30.64 4.81 -0.93
C ILE C 123 31.54 5.11 0.26
N GLN C 124 30.93 5.21 1.46
CA GLN C 124 31.69 5.49 2.68
C GLN C 124 32.76 4.44 2.92
N TYR C 125 32.36 3.16 2.83
CA TYR C 125 33.32 2.08 3.04
C TYR C 125 34.44 2.11 2.00
N ALA C 126 34.10 2.49 0.76
CA ALA C 126 35.12 2.58 -0.28
C ALA C 126 36.06 3.75 -0.02
N ILE C 127 35.54 4.89 0.45
CA ILE C 127 36.37 6.03 0.78
C ILE C 127 37.41 5.66 1.83
N ARG C 128 36.99 4.93 2.86
CA ARG C 128 37.87 4.57 3.96
C ARG C 128 38.85 3.47 3.57
N LYS C 129 38.43 2.53 2.71
CA LYS C 129 39.31 1.44 2.31
C LYS C 129 40.42 1.91 1.39
N TYR C 130 40.09 2.77 0.43
CA TYR C 130 41.04 3.23 -0.58
C TYR C 130 41.67 4.58 -0.26
N LYS C 131 41.31 5.18 0.88
CA LYS C 131 41.87 6.47 1.31
C LYS C 131 41.61 7.54 0.25
N ALA C 132 40.42 7.50 -0.35
CA ALA C 132 40.12 8.39 -1.46
C ALA C 132 39.79 9.79 -0.98
N THR C 133 40.07 10.77 -1.84
CA THR C 133 39.69 12.15 -1.61
C THR C 133 38.88 12.73 -2.76
N ARG C 134 38.73 12.00 -3.87
CA ARG C 134 37.96 12.47 -5.01
C ARG C 134 36.92 11.41 -5.36
N VAL C 135 35.70 11.87 -5.65
CA VAL C 135 34.59 10.98 -5.98
C VAL C 135 33.86 11.55 -7.19
N SER C 136 33.51 10.67 -8.13
CA SER C 136 32.70 11.04 -9.28
C SER C 136 31.45 10.18 -9.30
N ILE C 137 30.29 10.82 -9.48
CA ILE C 137 29.01 10.14 -9.55
C ILE C 137 28.44 10.36 -10.95
N ASP C 138 28.46 9.30 -11.76
CA ASP C 138 28.16 9.38 -13.19
C ASP C 138 26.69 9.11 -13.45
N SER C 139 25.89 10.19 -13.52
CA SER C 139 24.50 10.20 -13.94
C SER C 139 23.59 10.12 -12.71
N VAL C 140 23.53 11.21 -11.94
CA VAL C 140 22.53 11.34 -10.90
C VAL C 140 21.13 11.31 -11.50
N THR C 141 20.98 11.87 -12.72
CA THR C 141 19.71 11.82 -13.43
C THR C 141 19.24 10.38 -13.64
N ALA C 142 20.18 9.44 -13.79
CA ALA C 142 19.80 8.05 -14.04
C ALA C 142 19.11 7.42 -12.84
N VAL C 143 19.39 7.91 -11.63
CA VAL C 143 18.75 7.38 -10.44
C VAL C 143 17.26 7.72 -10.44
N PHE C 144 16.92 8.92 -10.93
CA PHE C 144 15.52 9.28 -11.09
C PHE C 144 14.79 8.32 -12.02
N GLN C 145 15.48 7.81 -13.03
CA GLN C 145 14.86 6.91 -13.98
C GLN C 145 14.67 5.51 -13.41
N GLN C 146 15.57 5.08 -12.53
CA GLN C 146 15.50 3.74 -11.95
C GLN C 146 14.57 3.69 -10.75
N TYR C 147 14.40 4.81 -10.05
CA TYR C 147 13.46 4.91 -8.94
C TYR C 147 12.59 6.13 -9.23
N ASP C 148 11.31 5.88 -9.53
CA ASP C 148 10.41 6.92 -9.99
C ASP C 148 9.71 7.65 -8.85
N ALA C 149 10.50 8.05 -7.85
CA ALA C 149 10.04 8.87 -6.73
C ALA C 149 11.00 10.05 -6.66
N ALA C 150 10.72 11.08 -7.47
CA ALA C 150 11.62 12.21 -7.60
C ALA C 150 11.84 12.91 -6.26
N SER C 151 10.76 13.13 -5.49
CA SER C 151 10.90 13.85 -4.23
C SER C 151 11.76 13.06 -3.24
N VAL C 152 11.60 11.74 -3.20
CA VAL C 152 12.44 10.91 -2.34
C VAL C 152 13.88 10.94 -2.84
N VAL C 153 14.06 10.87 -4.16
CA VAL C 153 15.41 10.80 -4.73
C VAL C 153 16.15 12.12 -4.53
N ARG C 154 15.49 13.24 -4.87
CA ARG C 154 16.11 14.55 -4.67
C ARG C 154 16.57 14.75 -3.22
N ARG C 155 15.71 14.39 -2.26
CA ARG C 155 16.06 14.53 -0.86
C ARG C 155 17.25 13.64 -0.49
N GLU C 156 17.31 12.43 -1.04
CA GLU C 156 18.38 11.49 -0.71
C GLU C 156 19.71 11.85 -1.39
N ILE C 157 19.67 12.56 -2.52
CA ILE C 157 20.91 13.02 -3.12
C ILE C 157 21.58 14.06 -2.22
N PHE C 158 20.79 14.94 -1.61
CA PHE C 158 21.36 15.87 -0.64
C PHE C 158 22.01 15.12 0.52
N ARG C 159 21.33 14.09 1.03
CA ARG C 159 21.92 13.30 2.11
C ARG C 159 23.19 12.61 1.64
N LEU C 160 23.21 12.15 0.38
CA LEU C 160 24.44 11.61 -0.18
C LEU C 160 25.50 12.70 -0.27
N ALA C 161 25.13 13.87 -0.80
CA ALA C 161 26.06 15.00 -0.85
C ALA C 161 26.44 15.47 0.54
N PHE C 162 25.54 15.31 1.52
CA PHE C 162 25.82 15.79 2.87
C PHE C 162 26.82 14.89 3.58
N ARG C 163 26.66 13.57 3.46
CA ARG C 163 27.58 12.64 4.11
C ARG C 163 28.96 12.67 3.46
N LEU C 164 29.03 12.96 2.17
CA LEU C 164 30.31 13.12 1.49
C LEU C 164 31.09 14.31 2.04
N ALA C 165 30.41 15.44 2.27
CA ALA C 165 31.08 16.60 2.84
C ALA C 165 31.59 16.30 4.24
N GLN C 166 30.83 15.50 5.00
CA GLN C 166 31.31 15.09 6.33
C GLN C 166 32.55 14.22 6.20
N LEU C 167 32.62 13.40 5.16
CA LEU C 167 33.78 12.55 4.92
C LEU C 167 34.97 13.31 4.34
N GLY C 168 34.79 14.57 3.96
CA GLY C 168 35.88 15.40 3.49
C GLY C 168 36.27 15.23 2.04
N VAL C 169 35.62 14.32 1.33
CA VAL C 169 35.95 14.07 -0.07
C VAL C 169 35.36 15.16 -0.95
N THR C 170 36.00 15.40 -2.09
CA THR C 170 35.54 16.35 -3.09
C THR C 170 34.87 15.58 -4.22
N THR C 171 33.61 15.89 -4.50
CA THR C 171 32.75 15.04 -5.31
C THR C 171 32.31 15.75 -6.59
N ILE C 172 32.02 14.96 -7.62
CA ILE C 172 31.45 15.44 -8.88
C ILE C 172 30.21 14.61 -9.18
N MET C 173 29.08 15.29 -9.35
CA MET C 173 27.80 14.66 -9.71
C MET C 173 27.39 15.13 -11.09
N THR C 174 27.25 14.21 -12.04
CA THR C 174 26.81 14.55 -13.38
C THR C 174 25.29 14.38 -13.52
N THR C 175 24.67 15.29 -14.28
CA THR C 175 23.23 15.33 -14.49
C THR C 175 22.92 15.66 -15.93
N GLU C 176 21.80 15.14 -16.43
CA GLU C 176 21.31 15.44 -17.77
C GLU C 176 20.64 16.81 -17.80
N ARG C 177 20.52 17.39 -19.01
CA ARG C 177 20.02 18.76 -19.18
C ARG C 177 18.76 18.94 -20.01
N VAL C 178 18.19 17.89 -20.60
CA VAL C 178 17.08 18.01 -21.56
C VAL C 178 17.70 18.49 -22.87
N ASP C 179 17.82 19.80 -23.07
CA ASP C 179 18.50 20.35 -24.24
C ASP C 179 19.67 21.24 -23.83
N GLU C 180 20.40 21.71 -24.85
CA GLU C 180 21.50 22.66 -24.67
C GLU C 180 21.06 23.92 -23.94
N TYR C 181 20.14 24.70 -24.54
CA TYR C 181 19.71 25.97 -23.95
C TYR C 181 18.37 25.73 -23.26
N GLY C 182 18.42 25.57 -21.94
CA GLY C 182 17.25 25.35 -21.13
C GLY C 182 17.59 25.37 -19.66
N PRO C 183 16.76 24.71 -18.84
CA PRO C 183 17.09 24.56 -17.42
C PRO C 183 18.38 23.78 -17.25
N VAL C 184 18.95 23.86 -16.05
CA VAL C 184 20.30 23.33 -15.84
C VAL C 184 20.30 21.82 -15.64
N ALA C 185 19.38 21.28 -14.84
CA ALA C 185 19.35 19.84 -14.61
C ALA C 185 17.98 19.24 -14.89
N ARG C 186 17.98 17.98 -15.33
CA ARG C 186 16.75 17.22 -15.47
C ARG C 186 16.28 16.75 -14.11
N PHE C 187 14.97 16.77 -13.89
CA PHE C 187 14.28 16.38 -12.66
C PHE C 187 14.42 17.39 -11.52
N GLY C 188 15.14 18.50 -11.72
CA GLY C 188 15.23 19.48 -10.64
C GLY C 188 16.18 19.13 -9.52
N VAL C 189 17.04 18.12 -9.68
CA VAL C 189 17.99 17.77 -8.63
C VAL C 189 19.03 18.85 -8.41
N GLU C 190 19.13 19.81 -9.33
CA GLU C 190 20.03 20.94 -9.14
C GLU C 190 19.70 21.82 -7.93
N GLU C 191 18.52 21.64 -7.31
CA GLU C 191 18.12 22.56 -6.25
C GLU C 191 18.90 22.31 -4.97
N PHE C 192 19.12 21.04 -4.63
CA PHE C 192 19.81 20.70 -3.39
C PHE C 192 21.33 20.76 -3.57
N VAL C 193 21.81 20.44 -4.77
CA VAL C 193 23.23 20.50 -5.13
C VAL C 193 23.52 21.79 -5.88
N SER C 194 22.93 22.90 -5.43
CA SER C 194 22.93 24.15 -6.19
C SER C 194 24.14 25.05 -5.92
N ASP C 195 25.11 24.62 -5.11
CA ASP C 195 26.22 25.53 -4.80
C ASP C 195 27.25 25.62 -5.91
N ASN C 196 27.48 24.54 -6.65
CA ASN C 196 28.55 24.49 -7.65
C ASN C 196 28.02 23.81 -8.91
N VAL C 197 27.91 24.55 -10.01
CA VAL C 197 27.29 24.07 -11.23
C VAL C 197 28.20 24.36 -12.42
N VAL C 198 28.62 23.32 -13.12
CA VAL C 198 29.33 23.43 -14.40
C VAL C 198 28.42 22.89 -15.51
N ILE C 199 28.28 23.65 -16.59
CA ILE C 199 27.41 23.29 -17.71
C ILE C 199 28.27 22.92 -18.91
N LEU C 200 27.99 21.76 -19.50
CA LEU C 200 28.62 21.31 -20.73
C LEU C 200 27.58 21.29 -21.85
N ARG C 201 27.94 21.83 -23.01
CA ARG C 201 27.04 21.90 -24.15
C ARG C 201 27.66 21.25 -25.38
N ASN C 202 26.88 21.18 -26.45
CA ASN C 202 27.28 20.47 -27.67
C ASN C 202 26.41 20.89 -28.83
N VAL C 203 26.66 22.08 -29.37
CA VAL C 203 25.82 22.67 -30.40
C VAL C 203 26.47 22.41 -31.76
N LEU C 204 25.66 22.01 -32.73
CA LEU C 204 26.18 21.68 -34.06
C LEU C 204 25.94 22.85 -35.01
N GLU C 205 27.03 23.38 -35.57
CA GLU C 205 26.98 24.39 -36.60
C GLU C 205 27.11 23.61 -37.91
N GLY C 206 26.00 23.53 -38.66
CA GLY C 206 25.98 22.65 -39.81
C GLY C 206 26.20 21.24 -39.29
N GLU C 207 27.40 20.71 -39.47
CA GLU C 207 27.76 19.42 -38.90
C GLU C 207 28.87 19.52 -37.86
N ARG C 208 29.65 20.60 -37.85
CA ARG C 208 30.74 20.74 -36.90
C ARG C 208 30.15 21.09 -35.53
N ARG C 209 30.59 20.37 -34.51
CA ARG C 209 30.04 20.46 -33.16
C ARG C 209 30.87 21.40 -32.30
N ARG C 210 30.30 22.57 -31.99
CA ARG C 210 30.99 23.55 -31.17
C ARG C 210 30.64 23.25 -29.72
N ARG C 211 31.64 22.80 -28.96
CA ARG C 211 31.51 22.46 -27.55
C ARG C 211 31.95 23.62 -26.67
N THR C 212 31.16 23.93 -25.66
CA THR C 212 31.49 24.97 -24.70
C THR C 212 31.24 24.49 -23.29
N VAL C 213 32.09 24.95 -22.38
CA VAL C 213 31.94 24.70 -20.94
C VAL C 213 31.72 26.04 -20.27
N GLU C 214 30.90 26.04 -19.22
CA GLU C 214 30.59 27.26 -18.49
C GLU C 214 30.62 26.98 -17.01
N ILE C 215 31.25 27.87 -16.25
CA ILE C 215 31.15 27.83 -14.79
C ILE C 215 29.94 28.69 -14.47
N LEU C 216 28.80 28.04 -14.25
CA LEU C 216 27.56 28.78 -14.01
C LEU C 216 27.58 29.43 -12.64
N LYS C 217 27.80 28.63 -11.60
CA LYS C 217 27.84 29.17 -10.26
C LYS C 217 28.92 28.44 -9.47
N LEU C 218 29.70 29.21 -8.72
CA LEU C 218 30.75 28.72 -7.85
C LEU C 218 30.76 29.62 -6.62
N ARG C 219 29.61 29.69 -5.96
CA ARG C 219 29.40 30.61 -4.86
C ARG C 219 30.51 30.54 -3.83
N GLY C 220 30.80 31.69 -3.24
CA GLY C 220 31.90 31.85 -2.31
C GLY C 220 33.24 32.11 -2.94
N THR C 221 33.36 32.08 -4.28
CA THR C 221 34.61 32.40 -4.94
C THR C 221 34.34 33.03 -6.30
N THR C 222 35.41 33.61 -6.86
CA THR C 222 35.39 34.24 -8.16
C THR C 222 35.73 33.21 -9.24
N HIS C 223 35.11 33.36 -10.39
CA HIS C 223 35.36 32.48 -11.53
C HIS C 223 35.17 33.29 -12.79
N MET C 224 35.40 32.66 -13.94
CA MET C 224 35.18 33.32 -15.21
C MET C 224 33.74 33.08 -15.64
N LYS C 225 33.04 34.17 -15.93
CA LYS C 225 31.65 34.10 -16.38
C LYS C 225 31.58 33.85 -17.88
N GLY C 226 30.50 33.20 -18.29
CA GLY C 226 30.25 32.93 -19.70
C GLY C 226 30.81 31.59 -20.14
N GLU C 227 30.52 31.26 -21.39
CA GLU C 227 30.95 30.00 -21.98
C GLU C 227 32.31 30.14 -22.64
N TYR C 228 33.10 29.08 -22.56
CA TYR C 228 34.42 29.01 -23.17
C TYR C 228 34.55 27.73 -23.98
N PRO C 229 35.08 27.81 -25.19
CA PRO C 229 35.11 26.63 -26.06
C PRO C 229 36.14 25.61 -25.62
N PHE C 230 35.77 24.34 -25.69
CA PHE C 230 36.68 23.25 -25.40
C PHE C 230 36.57 22.18 -26.47
N THR C 231 37.63 21.40 -26.62
CA THR C 231 37.66 20.26 -27.53
C THR C 231 38.13 19.01 -26.79
N ILE C 232 37.94 17.87 -27.44
CA ILE C 232 38.15 16.55 -26.85
C ILE C 232 39.20 15.81 -27.67
N ASN C 233 40.36 15.58 -27.07
CA ASN C 233 41.42 14.79 -27.72
C ASN C 233 41.86 13.69 -26.76
N ASN C 234 42.74 14.01 -25.83
CA ASN C 234 43.16 13.06 -24.80
C ASN C 234 42.79 13.65 -23.45
N GLY C 235 41.53 14.06 -23.31
CA GLY C 235 41.00 14.80 -22.20
C GLY C 235 40.18 15.97 -22.71
N ILE C 236 39.83 16.88 -21.80
CA ILE C 236 39.06 18.07 -22.13
C ILE C 236 40.01 19.25 -22.20
N ASN C 237 39.86 20.08 -23.23
CA ASN C 237 40.85 21.10 -23.56
C ASN C 237 40.15 22.42 -23.86
N ILE C 238 40.10 23.32 -22.88
CA ILE C 238 39.43 24.61 -23.00
C ILE C 238 40.49 25.64 -23.38
N PHE C 239 40.16 26.54 -24.32
CA PHE C 239 41.21 27.33 -24.94
C PHE C 239 40.95 28.81 -25.26
N ASP C 240 39.77 29.37 -24.99
CA ASP C 240 39.53 30.77 -25.33
C ASP C 240 39.10 31.59 -24.11
N TYR C 241 39.98 31.67 -23.11
CA TYR C 241 39.69 32.45 -21.91
C TYR C 241 40.65 33.60 -21.66
N LYS C 242 41.90 33.50 -22.09
CA LYS C 242 42.87 34.58 -21.85
C LYS C 242 43.18 35.34 -23.14
N LYS D 8 18.28 -24.57 1.72
CA LYS D 8 16.83 -24.73 1.74
C LYS D 8 16.24 -24.32 0.39
N ALA D 9 14.91 -24.41 0.25
CA ALA D 9 14.30 -24.32 -1.06
C ALA D 9 14.37 -22.91 -1.63
N LEU D 10 13.99 -21.91 -0.84
CA LEU D 10 14.12 -20.51 -1.21
C LEU D 10 14.83 -19.75 -0.10
N SER D 11 15.78 -18.90 -0.49
CA SER D 11 16.58 -18.12 0.44
C SER D 11 16.37 -16.64 0.15
N LEU D 12 16.14 -15.86 1.20
CA LEU D 12 15.89 -14.43 1.09
C LEU D 12 16.89 -13.65 1.94
N LEU D 13 17.25 -12.46 1.46
CA LEU D 13 18.18 -11.57 2.15
C LEU D 13 17.51 -10.22 2.36
N LEU D 14 17.48 -9.76 3.61
CA LEU D 14 16.87 -8.48 3.97
C LEU D 14 17.95 -7.49 4.35
N PHE D 15 18.23 -6.55 3.46
CA PHE D 15 19.23 -5.52 3.71
C PHE D 15 18.55 -4.29 4.29
N VAL D 16 18.96 -3.89 5.49
CA VAL D 16 18.30 -2.82 6.23
C VAL D 16 19.33 -1.88 6.83
N ALA D 17 18.98 -0.60 6.89
CA ALA D 17 19.75 0.41 7.58
C ALA D 17 19.40 0.43 9.07
N ASN D 18 19.99 1.37 9.80
CA ASN D 18 19.79 1.53 11.24
C ASN D 18 19.58 3.00 11.57
N ARG D 19 18.70 3.66 10.82
CA ARG D 19 18.29 5.02 11.10
C ARG D 19 17.23 5.00 12.19
N PRO D 20 16.86 6.16 12.75
CA PRO D 20 15.81 6.16 13.77
C PRO D 20 14.52 5.57 13.23
N GLY D 21 13.96 4.62 13.98
CA GLY D 21 12.78 3.92 13.57
C GLY D 21 13.01 2.81 12.57
N ASP D 22 14.18 2.78 11.93
CA ASP D 22 14.45 1.71 10.97
C ASP D 22 14.52 0.35 11.66
N GLU D 23 15.11 0.29 12.85
CA GLU D 23 15.23 -0.98 13.56
C GLU D 23 13.86 -1.58 13.85
N GLU D 24 12.96 -0.76 14.39
CA GLU D 24 11.60 -1.23 14.68
C GLU D 24 10.95 -1.76 13.40
N GLU D 25 11.24 -1.12 12.27
CA GLU D 25 10.62 -1.52 11.01
C GLU D 25 11.16 -2.86 10.52
N THR D 26 12.46 -3.12 10.69
CA THR D 26 13.03 -4.40 10.22
C THR D 26 12.54 -5.57 11.06
N ALA D 27 12.27 -5.34 12.35
CA ALA D 27 11.68 -6.38 13.16
C ALA D 27 10.31 -6.78 12.63
N ALA D 28 9.57 -5.80 12.11
CA ALA D 28 8.25 -6.09 11.54
C ALA D 28 8.36 -6.90 10.26
N ILE D 29 9.29 -6.53 9.37
CA ILE D 29 9.46 -7.24 8.12
C ILE D 29 9.93 -8.68 8.37
N GLN D 30 10.85 -8.86 9.31
CA GLN D 30 11.31 -10.21 9.62
C GLN D 30 10.21 -11.05 10.25
N ALA D 31 9.40 -10.44 11.13
CA ALA D 31 8.30 -11.15 11.74
C ALA D 31 7.25 -11.55 10.73
N HIS D 32 6.96 -10.67 9.76
CA HIS D 32 5.96 -10.97 8.74
C HIS D 32 6.41 -12.13 7.85
N ILE D 33 7.62 -12.04 7.31
CA ILE D 33 8.12 -13.07 6.39
C ILE D 33 8.18 -14.43 7.07
N GLN D 34 8.63 -14.46 8.33
CA GLN D 34 8.80 -15.71 9.04
C GLN D 34 7.47 -16.38 9.36
N GLN D 35 6.39 -15.62 9.44
CA GLN D 35 5.06 -16.15 9.67
C GLN D 35 4.30 -16.50 8.40
N LEU D 36 4.92 -16.38 7.23
CA LEU D 36 4.22 -16.66 5.99
C LEU D 36 3.98 -18.17 5.85
N PRO D 37 2.78 -18.57 5.42
CA PRO D 37 2.48 -20.01 5.28
C PRO D 37 3.31 -20.60 4.14
N SER D 38 3.97 -21.72 4.43
CA SER D 38 4.77 -22.39 3.42
C SER D 38 4.90 -23.87 3.77
N ASN D 39 4.98 -24.69 2.72
CA ASN D 39 5.19 -26.12 2.88
C ASN D 39 6.65 -26.51 2.78
N PHE D 40 7.52 -25.59 2.37
CA PHE D 40 8.96 -25.80 2.35
C PHE D 40 9.61 -25.00 3.48
N SER D 41 10.88 -25.31 3.72
CA SER D 41 11.69 -24.54 4.65
C SER D 41 12.39 -23.46 3.85
N PHE D 42 12.34 -22.22 4.32
CA PHE D 42 13.03 -21.15 3.61
C PHE D 42 13.97 -20.40 4.54
N GLU D 43 14.87 -19.66 3.90
CA GLU D 43 15.94 -18.93 4.56
C GLU D 43 15.61 -17.44 4.61
N LEU D 44 16.18 -16.76 5.60
CA LEU D 44 15.91 -15.33 5.78
C LEU D 44 17.07 -14.76 6.60
N LYS D 45 18.12 -14.33 5.91
CA LYS D 45 19.23 -13.65 6.53
C LYS D 45 18.94 -12.16 6.57
N VAL D 46 18.97 -11.57 7.76
CA VAL D 46 18.79 -10.14 7.92
C VAL D 46 20.17 -9.53 7.97
N VAL D 47 20.45 -8.63 7.02
CA VAL D 47 21.80 -8.10 6.87
C VAL D 47 21.79 -6.62 7.22
N PRO D 48 22.31 -6.23 8.39
CA PRO D 48 22.56 -4.80 8.63
C PRO D 48 23.65 -4.32 7.67
N ILE D 49 23.33 -3.26 6.94
CA ILE D 49 24.22 -2.84 5.85
C ILE D 49 25.56 -2.36 6.39
N GLY D 50 25.59 -1.81 7.60
CA GLY D 50 26.84 -1.37 8.18
C GLY D 50 27.78 -2.48 8.61
N GLU D 51 27.26 -3.68 8.84
CA GLU D 51 28.02 -4.77 9.45
C GLU D 51 28.59 -5.77 8.45
N GLN D 52 28.12 -5.78 7.21
CA GLN D 52 28.54 -6.76 6.21
C GLN D 52 28.81 -6.06 4.89
N PRO D 53 29.96 -5.41 4.77
CA PRO D 53 30.27 -4.69 3.52
C PRO D 53 30.51 -5.62 2.34
N TYR D 54 31.06 -6.82 2.57
CA TYR D 54 31.24 -7.78 1.49
C TYR D 54 29.92 -8.09 0.79
N LEU D 55 28.81 -8.10 1.54
CA LEU D 55 27.52 -8.46 0.97
C LEU D 55 26.89 -7.32 0.19
N LEU D 56 27.06 -6.08 0.66
CA LEU D 56 26.56 -4.93 -0.09
C LEU D 56 27.23 -4.86 -1.46
N GLU D 57 28.51 -5.24 -1.54
CA GLU D 57 29.21 -5.20 -2.82
C GLU D 57 28.77 -6.35 -3.73
N GLU D 58 28.56 -7.53 -3.15
CA GLU D 58 28.21 -8.71 -3.94
C GLU D 58 26.90 -8.52 -4.70
N TYR D 59 25.93 -7.84 -4.09
CA TYR D 59 24.61 -7.68 -4.69
C TYR D 59 24.35 -6.27 -5.22
N LYS D 60 25.40 -5.46 -5.38
CA LYS D 60 25.32 -4.10 -5.92
C LYS D 60 24.10 -3.33 -5.39
N LEU D 61 24.13 -3.11 -4.08
CA LEU D 61 23.01 -2.52 -3.36
C LEU D 61 22.98 -1.01 -3.49
N VAL D 62 21.76 -0.46 -3.53
CA VAL D 62 21.56 0.99 -3.62
C VAL D 62 20.48 1.43 -2.64
N ALA D 63 19.24 0.99 -2.87
CA ALA D 63 18.10 1.42 -2.07
C ALA D 63 17.88 0.51 -0.87
N THR D 64 17.31 1.09 0.20
CA THR D 64 17.06 0.41 1.46
C THR D 64 15.70 0.84 2.00
N PRO D 65 14.91 -0.09 2.56
CA PRO D 65 15.21 -1.51 2.69
C PRO D 65 15.01 -2.28 1.39
N ALA D 66 15.70 -3.42 1.25
CA ALA D 66 15.65 -4.20 0.04
C ALA D 66 15.71 -5.68 0.40
N LEU D 67 14.76 -6.46 -0.12
CA LEU D 67 14.74 -7.90 0.07
C LEU D 67 15.06 -8.59 -1.25
N ILE D 68 16.11 -9.40 -1.27
CA ILE D 68 16.54 -10.11 -2.46
C ILE D 68 16.21 -11.60 -2.29
N LYS D 69 15.43 -12.12 -3.23
CA LYS D 69 15.18 -13.55 -3.37
C LYS D 69 16.27 -14.14 -4.26
N VAL D 70 17.15 -14.97 -3.69
CA VAL D 70 18.27 -15.46 -4.49
C VAL D 70 17.82 -16.71 -5.22
N ARG D 71 17.54 -17.80 -4.50
CA ARG D 71 16.92 -18.94 -5.15
C ARG D 71 15.46 -19.06 -4.70
N PRO D 72 14.63 -19.84 -5.43
CA PRO D 72 14.88 -20.43 -6.75
C PRO D 72 14.83 -19.36 -7.83
N GLU D 73 15.92 -19.24 -8.59
CA GLU D 73 16.02 -18.28 -9.68
C GLU D 73 14.78 -18.35 -10.57
N PRO D 74 14.37 -17.24 -11.20
CA PRO D 74 15.07 -15.95 -11.30
C PRO D 74 15.17 -15.15 -10.01
N ARG D 75 16.35 -14.55 -9.78
CA ARG D 75 16.54 -13.68 -8.63
C ARG D 75 15.60 -12.49 -8.74
N GLN D 76 15.08 -12.06 -7.59
CA GLN D 76 14.14 -10.94 -7.56
C GLN D 76 14.54 -10.01 -6.42
N THR D 77 14.24 -8.73 -6.60
CA THR D 77 14.49 -7.74 -5.57
C THR D 77 13.22 -6.94 -5.32
N LEU D 78 12.81 -6.87 -4.05
CA LEU D 78 11.68 -6.07 -3.64
C LEU D 78 12.17 -5.08 -2.59
N ALA D 79 11.98 -3.80 -2.85
CA ALA D 79 12.55 -2.74 -2.04
C ALA D 79 11.48 -1.74 -1.66
N GLY D 80 11.84 -0.88 -0.71
CA GLY D 80 10.94 0.11 -0.17
C GLY D 80 10.40 -0.30 1.19
N ARG D 81 10.03 0.71 1.99
CA ARG D 81 9.54 0.44 3.33
C ARG D 81 8.17 -0.23 3.33
N LYS D 82 7.49 -0.25 2.19
CA LYS D 82 6.23 -0.96 2.03
C LYS D 82 6.39 -2.20 1.15
N LEU D 83 7.56 -2.83 1.20
CA LEU D 83 7.86 -3.97 0.33
C LEU D 83 7.11 -5.25 0.73
N LEU D 84 6.60 -5.32 1.98
CA LEU D 84 5.87 -6.51 2.40
C LEU D 84 4.69 -6.80 1.49
N GLN D 85 4.04 -5.75 0.98
CA GLN D 85 2.92 -5.95 0.05
C GLN D 85 3.35 -6.72 -1.19
N LYS D 86 4.60 -6.55 -1.63
CA LYS D 86 5.08 -7.27 -2.79
C LYS D 86 5.56 -8.68 -2.43
N VAL D 87 6.03 -8.87 -1.20
CA VAL D 87 6.31 -10.22 -0.72
C VAL D 87 5.02 -11.03 -0.64
N ASP D 88 3.93 -10.41 -0.16
CA ASP D 88 2.65 -11.10 -0.11
C ASP D 88 2.17 -11.48 -1.51
N TYR D 89 2.39 -10.60 -2.49
CA TYR D 89 2.02 -10.92 -3.86
C TYR D 89 2.78 -12.13 -4.38
N TRP D 90 4.10 -12.14 -4.19
CA TRP D 90 4.95 -13.14 -4.83
C TRP D 90 4.94 -14.48 -4.12
N TRP D 91 4.53 -14.53 -2.86
CA TRP D 91 4.60 -15.78 -2.11
C TRP D 91 3.83 -16.92 -2.78
N PRO D 92 2.58 -16.73 -3.22
CA PRO D 92 1.93 -17.82 -3.97
C PRO D 92 2.67 -18.19 -5.24
N ARG D 93 3.24 -17.21 -5.93
CA ARG D 93 4.01 -17.52 -7.14
C ARG D 93 5.30 -18.25 -6.79
N TRP D 94 5.95 -17.87 -5.68
CA TRP D 94 7.17 -18.57 -5.28
C TRP D 94 6.88 -19.98 -4.82
N GLN D 95 5.70 -20.22 -4.22
CA GLN D 95 5.35 -21.56 -3.79
C GLN D 95 5.07 -22.46 -4.99
N ARG D 96 4.87 -21.86 -6.16
CA ARG D 96 4.68 -22.58 -7.42
C ARG D 96 6.00 -22.89 -8.09
N GLU D 97 6.99 -22.02 -7.91
CA GLU D 97 8.33 -22.19 -8.48
C GLU D 97 9.11 -23.31 -7.80
N VAL D 98 8.71 -23.69 -6.59
CA VAL D 98 9.40 -24.74 -5.85
C VAL D 98 8.57 -26.01 -6.01
N ALA D 99 8.61 -26.57 -7.22
CA ALA D 99 7.88 -27.78 -7.56
C ALA D 99 8.41 -28.35 -8.86
N VAL E 11 5.27 -20.23 -18.88
CA VAL E 11 6.51 -20.89 -19.28
C VAL E 11 6.22 -22.00 -20.27
N LYS E 12 5.08 -22.65 -20.11
CA LYS E 12 4.72 -23.81 -20.91
C LYS E 12 3.90 -23.38 -22.12
N LYS E 13 4.23 -23.96 -23.28
CA LYS E 13 3.55 -23.66 -24.53
C LYS E 13 3.28 -24.97 -25.26
N ILE E 14 2.11 -25.07 -25.89
CA ILE E 14 1.80 -26.25 -26.70
C ILE E 14 2.01 -25.90 -28.18
N PRO E 15 2.48 -26.82 -28.99
CA PRO E 15 2.69 -26.51 -30.41
C PRO E 15 1.35 -26.39 -31.15
N THR E 16 1.26 -25.40 -32.02
CA THR E 16 0.10 -25.20 -32.87
C THR E 16 0.20 -25.96 -34.17
N MET E 17 1.42 -26.29 -34.60
CA MET E 17 1.70 -26.98 -35.86
C MET E 17 1.28 -26.16 -37.06
N ILE E 18 0.80 -24.94 -36.82
CA ILE E 18 0.66 -23.98 -37.90
C ILE E 18 2.04 -23.61 -38.41
N GLU E 19 2.25 -23.74 -39.71
CA GLU E 19 3.60 -23.66 -40.28
C GLU E 19 4.22 -22.29 -40.00
N GLY E 20 5.33 -22.30 -39.27
CA GLY E 20 6.05 -21.09 -38.95
C GLY E 20 5.67 -20.45 -37.62
N PHE E 21 4.45 -20.70 -37.13
CA PHE E 21 3.98 -19.99 -35.94
C PHE E 21 4.75 -20.43 -34.70
N ASP E 22 5.06 -21.72 -34.59
CA ASP E 22 5.84 -22.21 -33.47
C ASP E 22 7.27 -21.67 -33.49
N ASP E 23 7.71 -21.13 -34.63
CA ASP E 23 9.03 -20.52 -34.68
C ASP E 23 9.01 -19.11 -34.12
N ILE E 24 7.96 -18.35 -34.38
CA ILE E 24 7.83 -17.02 -33.79
C ILE E 24 7.60 -17.10 -32.29
N SER E 25 6.78 -18.06 -31.85
CA SER E 25 6.37 -18.19 -30.47
C SER E 25 7.39 -18.89 -29.58
N HIS E 26 8.47 -19.42 -30.15
CA HIS E 26 9.47 -20.19 -29.39
C HIS E 26 8.81 -21.40 -28.73
N GLY E 27 7.92 -22.08 -29.46
CA GLY E 27 7.29 -23.27 -28.95
C GLY E 27 5.83 -23.43 -29.35
N GLY E 28 5.10 -22.31 -29.35
CA GLY E 28 3.68 -22.33 -29.64
C GLY E 28 2.85 -21.41 -28.76
N LEU E 29 1.59 -21.77 -28.54
CA LEU E 29 0.74 -20.91 -27.71
C LEU E 29 0.88 -21.30 -26.24
N PRO E 30 0.88 -20.31 -25.35
CA PRO E 30 0.97 -20.60 -23.91
C PRO E 30 -0.13 -21.53 -23.44
N GLN E 31 0.25 -22.65 -22.85
CA GLN E 31 -0.70 -23.68 -22.45
C GLN E 31 -1.45 -23.28 -21.18
N GLY E 32 -2.71 -23.68 -21.11
CA GLY E 32 -3.55 -23.39 -19.97
C GLY E 32 -4.01 -21.96 -19.84
N ALA E 33 -3.88 -21.17 -20.89
CA ALA E 33 -4.31 -19.77 -20.89
C ALA E 33 -5.02 -19.50 -22.20
N THR E 34 -5.68 -18.33 -22.27
CA THR E 34 -6.32 -17.88 -23.48
C THR E 34 -5.40 -16.89 -24.19
N THR E 35 -5.33 -17.02 -25.52
CA THR E 35 -4.49 -16.15 -26.34
C THR E 35 -5.38 -15.34 -27.27
N LEU E 36 -5.13 -14.04 -27.34
CA LEU E 36 -5.92 -13.14 -28.15
C LEU E 36 -5.37 -13.13 -29.58
N VAL E 37 -6.21 -13.52 -30.54
CA VAL E 37 -5.88 -13.46 -31.96
C VAL E 37 -6.69 -12.29 -32.52
N SER E 38 -6.00 -11.18 -32.80
CA SER E 38 -6.67 -9.91 -33.07
C SER E 38 -6.38 -9.46 -34.50
N GLY E 39 -7.44 -9.08 -35.22
CA GLY E 39 -7.30 -8.55 -36.56
C GLY E 39 -8.62 -8.04 -37.08
N THR E 40 -8.54 -7.30 -38.19
CA THR E 40 -9.73 -6.78 -38.87
C THR E 40 -10.41 -7.90 -39.66
N SER E 41 -11.41 -7.53 -40.45
CA SER E 41 -12.12 -8.51 -41.27
C SER E 41 -11.23 -8.99 -42.42
N GLY E 42 -11.32 -10.27 -42.74
CA GLY E 42 -10.52 -10.82 -43.82
C GLY E 42 -9.05 -10.86 -43.50
N THR E 43 -8.69 -10.93 -42.22
CA THR E 43 -7.30 -10.99 -41.80
C THR E 43 -6.81 -12.40 -41.50
N GLY E 44 -7.71 -13.37 -41.36
CA GLY E 44 -7.34 -14.73 -41.09
C GLY E 44 -7.61 -15.22 -39.67
N LYS E 45 -8.45 -14.51 -38.91
CA LYS E 45 -8.70 -14.89 -37.52
C LYS E 45 -9.40 -16.24 -37.42
N THR E 46 -10.56 -16.37 -38.06
CA THR E 46 -11.31 -17.62 -38.00
C THR E 46 -10.48 -18.80 -38.53
N LEU E 47 -9.68 -18.57 -39.57
CA LEU E 47 -8.84 -19.63 -40.11
C LEU E 47 -7.79 -20.08 -39.09
N PHE E 48 -7.10 -19.12 -38.47
CA PHE E 48 -6.15 -19.44 -37.42
C PHE E 48 -6.82 -20.19 -36.28
N ALA E 49 -8.03 -19.76 -35.90
CA ALA E 49 -8.73 -20.42 -34.80
C ALA E 49 -9.13 -21.84 -35.16
N VAL E 50 -9.54 -22.07 -36.40
CA VAL E 50 -9.93 -23.42 -36.82
C VAL E 50 -8.71 -24.32 -36.92
N GLN E 51 -7.60 -23.80 -37.46
CA GLN E 51 -6.40 -24.60 -37.63
C GLN E 51 -5.82 -25.05 -36.29
N PHE E 52 -5.97 -24.22 -35.25
CA PHE E 52 -5.47 -24.59 -33.93
C PHE E 52 -6.17 -25.85 -33.42
N LEU E 53 -7.47 -26.00 -33.70
CA LEU E 53 -8.17 -27.21 -33.32
C LEU E 53 -7.88 -28.37 -34.26
N TYR E 54 -7.83 -28.11 -35.57
CA TYR E 54 -7.60 -29.19 -36.52
C TYR E 54 -6.26 -29.87 -36.27
N ASN E 55 -5.21 -29.09 -36.05
CA ASN E 55 -3.90 -29.67 -35.80
C ASN E 55 -3.87 -30.39 -34.46
N GLY E 56 -4.57 -29.84 -33.46
CA GLY E 56 -4.69 -30.53 -32.18
C GLY E 56 -5.36 -31.88 -32.30
N ILE E 57 -6.40 -31.97 -33.13
CA ILE E 57 -7.10 -33.22 -33.35
C ILE E 57 -6.32 -34.17 -34.25
N THR E 58 -5.59 -33.64 -35.24
CA THR E 58 -5.00 -34.48 -36.29
C THR E 58 -3.60 -34.97 -35.93
N ILE E 59 -2.73 -34.07 -35.46
CA ILE E 59 -1.35 -34.44 -35.20
C ILE E 59 -1.21 -35.00 -33.78
N PHE E 60 -2.00 -34.50 -32.85
CA PHE E 60 -2.10 -35.03 -31.50
C PHE E 60 -3.52 -35.55 -31.34
N ASN E 61 -3.81 -36.16 -30.19
CA ASN E 61 -5.15 -36.69 -29.92
C ASN E 61 -5.88 -35.85 -28.88
N GLU E 62 -5.71 -34.53 -28.93
CA GLU E 62 -6.41 -33.64 -28.03
C GLU E 62 -7.62 -33.05 -28.72
N PRO E 63 -8.83 -33.31 -28.24
CA PRO E 63 -10.04 -32.78 -28.89
C PRO E 63 -10.18 -31.28 -28.64
N GLY E 64 -11.02 -30.66 -29.47
CA GLY E 64 -11.21 -29.23 -29.42
C GLY E 64 -12.68 -28.84 -29.49
N ILE E 65 -13.00 -27.76 -28.77
CA ILE E 65 -14.32 -27.13 -28.82
C ILE E 65 -14.19 -25.82 -29.58
N PHE E 66 -15.14 -25.58 -30.49
CA PHE E 66 -15.19 -24.33 -31.25
C PHE E 66 -16.48 -23.61 -30.92
N VAL E 67 -16.36 -22.46 -30.25
CA VAL E 67 -17.50 -21.63 -29.89
C VAL E 67 -17.60 -20.49 -30.89
N THR E 68 -18.73 -20.42 -31.60
CA THR E 68 -18.97 -19.37 -32.58
C THR E 68 -20.13 -18.49 -32.15
N PHE E 69 -19.95 -17.18 -32.30
CA PHE E 69 -20.98 -16.21 -31.94
C PHE E 69 -21.69 -15.59 -33.14
N GLU E 70 -21.02 -15.51 -34.29
CA GLU E 70 -21.64 -14.95 -35.49
C GLU E 70 -21.77 -16.00 -36.60
N GLU E 71 -20.66 -16.60 -37.04
CA GLU E 71 -20.69 -17.54 -38.16
C GLU E 71 -21.44 -18.80 -37.79
N SER E 72 -22.17 -19.35 -38.76
CA SER E 72 -22.95 -20.56 -38.57
C SER E 72 -22.06 -21.80 -38.53
N PRO E 73 -22.42 -22.80 -37.73
CA PRO E 73 -21.62 -24.04 -37.69
C PRO E 73 -21.45 -24.71 -39.05
N GLN E 74 -22.52 -24.74 -39.87
CA GLN E 74 -22.42 -25.34 -41.19
C GLN E 74 -21.48 -24.54 -42.10
N ASP E 75 -21.46 -23.21 -41.94
CA ASP E 75 -20.57 -22.39 -42.75
C ASP E 75 -19.10 -22.59 -42.35
N ILE E 76 -18.85 -22.89 -41.08
CA ILE E 76 -17.49 -23.21 -40.64
C ILE E 76 -17.00 -24.49 -41.29
N ILE E 77 -17.87 -25.51 -41.38
CA ILE E 77 -17.47 -26.79 -41.96
C ILE E 77 -17.27 -26.66 -43.47
N LYS E 78 -18.18 -25.93 -44.14
CA LYS E 78 -18.08 -25.79 -45.59
C LYS E 78 -16.79 -25.09 -46.00
N ASN E 79 -16.41 -24.03 -45.28
CA ASN E 79 -15.20 -23.31 -45.63
C ASN E 79 -13.95 -24.13 -45.34
N ALA E 80 -14.00 -25.01 -44.33
CA ALA E 80 -12.85 -25.84 -44.01
C ALA E 80 -12.57 -26.87 -45.11
N LEU E 81 -13.61 -27.29 -45.83
CA LEU E 81 -13.42 -28.23 -46.93
C LEU E 81 -12.52 -27.65 -48.02
N SER E 82 -12.52 -26.32 -48.16
CA SER E 82 -11.65 -25.65 -49.13
C SER E 82 -10.17 -25.84 -48.83
N PHE E 83 -9.84 -26.33 -47.64
CA PHE E 83 -8.45 -26.57 -47.24
C PHE E 83 -8.15 -28.05 -47.01
N GLY E 84 -9.04 -28.94 -47.43
CA GLY E 84 -8.83 -30.36 -47.22
C GLY E 84 -9.11 -30.85 -45.82
N TRP E 85 -9.81 -30.07 -45.01
CA TRP E 85 -10.10 -30.43 -43.63
C TRP E 85 -11.51 -30.98 -43.53
N ASN E 86 -11.62 -32.28 -43.22
CA ASN E 86 -12.92 -32.93 -43.04
C ASN E 86 -13.37 -32.72 -41.60
N LEU E 87 -13.89 -31.53 -41.33
CA LEU E 87 -14.36 -31.21 -39.98
C LEU E 87 -15.56 -32.06 -39.57
N GLN E 88 -16.36 -32.52 -40.53
CA GLN E 88 -17.52 -33.32 -40.16
C GLN E 88 -17.12 -34.70 -39.63
N SER E 89 -16.09 -35.30 -40.23
CA SER E 89 -15.65 -36.61 -39.76
C SER E 89 -15.07 -36.53 -38.36
N LEU E 90 -14.47 -35.39 -38.00
CA LEU E 90 -13.98 -35.20 -36.64
C LEU E 90 -15.15 -35.04 -35.67
N ILE E 91 -16.22 -34.37 -36.12
CA ILE E 91 -17.41 -34.22 -35.27
C ILE E 91 -18.07 -35.57 -35.04
N ASP E 92 -18.08 -36.43 -36.06
CA ASP E 92 -18.74 -37.73 -35.92
C ASP E 92 -17.97 -38.65 -34.99
N GLN E 93 -16.64 -38.51 -34.94
CA GLN E 93 -15.82 -39.31 -34.03
C GLN E 93 -15.71 -38.70 -32.64
N GLY E 94 -16.42 -37.61 -32.35
CA GLY E 94 -16.38 -37.01 -31.03
C GLY E 94 -15.11 -36.28 -30.67
N LYS E 95 -14.29 -35.90 -31.65
CA LYS E 95 -13.07 -35.16 -31.38
C LYS E 95 -13.20 -33.67 -31.62
N LEU E 96 -14.20 -33.23 -32.40
CA LEU E 96 -14.51 -31.82 -32.56
C LEU E 96 -15.95 -31.57 -32.15
N PHE E 97 -16.18 -30.38 -31.59
CA PHE E 97 -17.53 -29.96 -31.23
C PHE E 97 -17.65 -28.47 -31.46
N ILE E 98 -18.70 -28.06 -32.16
CA ILE E 98 -18.94 -26.66 -32.46
C ILE E 98 -20.08 -26.18 -31.56
N LEU E 99 -19.75 -25.30 -30.62
CA LEU E 99 -20.73 -24.72 -29.71
C LEU E 99 -21.36 -23.50 -30.41
N ASP E 100 -22.64 -23.60 -30.74
CA ASP E 100 -23.33 -22.51 -31.44
C ASP E 100 -23.89 -21.55 -30.40
N ALA E 101 -23.19 -20.41 -30.23
CA ALA E 101 -23.66 -19.35 -29.35
C ALA E 101 -24.12 -18.13 -30.14
N SER E 102 -24.54 -18.34 -31.38
CA SER E 102 -25.07 -17.26 -32.20
C SER E 102 -26.50 -16.92 -31.81
N PRO E 103 -26.90 -15.65 -31.90
CA PRO E 103 -28.22 -15.25 -31.44
C PRO E 103 -29.32 -15.85 -32.30
N ASP E 104 -30.55 -15.78 -31.77
CA ASP E 104 -31.70 -16.25 -32.53
C ASP E 104 -32.22 -15.14 -33.43
N PRO E 105 -32.46 -15.42 -34.73
CA PRO E 105 -33.12 -14.43 -35.60
C PRO E 105 -34.62 -14.38 -35.41
N ASP E 106 -35.03 -14.13 -34.15
CA ASP E 106 -36.43 -14.05 -33.74
C ASP E 106 -36.58 -13.94 -32.23
N GLY E 107 -36.42 -12.73 -31.71
CA GLY E 107 -36.64 -12.48 -30.31
C GLY E 107 -35.43 -12.59 -29.42
N GLN E 108 -34.50 -11.65 -29.56
CA GLN E 108 -33.40 -11.50 -28.62
C GLN E 108 -33.64 -10.21 -27.86
N GLU E 109 -34.21 -10.34 -26.66
CA GLU E 109 -34.43 -9.19 -25.79
C GLU E 109 -33.74 -9.41 -24.46
N VAL E 110 -32.89 -8.45 -24.06
CA VAL E 110 -32.25 -8.44 -22.75
C VAL E 110 -32.58 -7.12 -22.08
N ALA E 111 -32.97 -7.19 -20.80
CA ALA E 111 -33.32 -5.99 -20.03
C ALA E 111 -32.64 -6.11 -18.67
N GLY E 112 -31.67 -5.24 -18.42
CA GLY E 112 -31.00 -5.22 -17.14
C GLY E 112 -29.69 -5.98 -17.16
N ASP E 113 -29.22 -6.32 -15.96
CA ASP E 113 -28.00 -7.10 -15.80
C ASP E 113 -28.23 -8.53 -16.27
N PHE E 114 -27.13 -9.19 -16.64
CA PHE E 114 -27.17 -10.59 -17.04
C PHE E 114 -25.78 -11.19 -16.81
N ASP E 115 -25.72 -12.51 -16.88
CA ASP E 115 -24.45 -13.23 -16.85
C ASP E 115 -24.46 -14.31 -17.92
N LEU E 116 -23.27 -14.74 -18.33
CA LEU E 116 -23.07 -15.81 -19.30
C LEU E 116 -23.00 -17.19 -18.66
N SER E 117 -23.83 -17.47 -17.65
CA SER E 117 -23.75 -18.75 -16.95
C SER E 117 -24.13 -19.90 -17.87
N ALA E 118 -25.16 -19.71 -18.70
CA ALA E 118 -25.57 -20.78 -19.61
C ALA E 118 -24.52 -21.04 -20.68
N LEU E 119 -23.79 -20.01 -21.12
CA LEU E 119 -22.71 -20.22 -22.06
C LEU E 119 -21.54 -20.94 -21.40
N ILE E 120 -21.18 -20.54 -20.17
CA ILE E 120 -20.10 -21.22 -19.47
C ILE E 120 -20.50 -22.66 -19.15
N GLU E 121 -21.77 -22.86 -18.78
CA GLU E 121 -22.27 -24.22 -18.56
C GLU E 121 -22.17 -25.07 -19.82
N ARG E 122 -22.28 -24.45 -20.99
CA ARG E 122 -22.24 -25.20 -22.24
C ARG E 122 -20.81 -25.56 -22.63
N ILE E 123 -19.88 -24.61 -22.51
CA ILE E 123 -18.48 -24.90 -22.80
C ILE E 123 -17.92 -25.90 -21.81
N GLN E 124 -18.19 -25.69 -20.51
CA GLN E 124 -17.68 -26.58 -19.48
C GLN E 124 -18.16 -28.02 -19.69
N TYR E 125 -19.48 -28.18 -19.93
CA TYR E 125 -20.02 -29.51 -20.16
C TYR E 125 -19.42 -30.15 -21.41
N ALA E 126 -19.15 -29.34 -22.44
CA ALA E 126 -18.57 -29.89 -23.67
C ALA E 126 -17.11 -30.31 -23.46
N ILE E 127 -16.36 -29.52 -22.68
CA ILE E 127 -14.96 -29.86 -22.40
C ILE E 127 -14.88 -31.23 -21.73
N ARG E 128 -15.75 -31.48 -20.75
CA ARG E 128 -15.71 -32.74 -20.03
C ARG E 128 -16.28 -33.90 -20.84
N LYS E 129 -17.27 -33.63 -21.69
CA LYS E 129 -17.88 -34.70 -22.48
C LYS E 129 -16.94 -35.19 -23.57
N TYR E 130 -16.26 -34.27 -24.25
CA TYR E 130 -15.39 -34.61 -25.36
C TYR E 130 -13.92 -34.70 -24.95
N LYS E 131 -13.61 -34.48 -23.66
CA LYS E 131 -12.25 -34.57 -23.14
C LYS E 131 -11.33 -33.58 -23.85
N ALA E 132 -11.85 -32.38 -24.14
CA ALA E 132 -11.09 -31.42 -24.93
C ALA E 132 -10.05 -30.72 -24.07
N THR E 133 -8.95 -30.33 -24.72
CA THR E 133 -7.92 -29.51 -24.09
C THR E 133 -7.62 -28.24 -24.87
N ARG E 134 -8.21 -28.07 -26.05
CA ARG E 134 -8.04 -26.87 -26.86
C ARG E 134 -9.41 -26.30 -27.16
N VAL E 135 -9.54 -24.99 -27.06
CA VAL E 135 -10.82 -24.31 -27.28
C VAL E 135 -10.57 -23.07 -28.13
N SER E 136 -11.46 -22.82 -29.09
CA SER E 136 -11.42 -21.61 -29.90
C SER E 136 -12.74 -20.87 -29.74
N ILE E 137 -12.66 -19.57 -29.49
CA ILE E 137 -13.82 -18.71 -29.33
C ILE E 137 -13.80 -17.74 -30.50
N ASP E 138 -14.73 -17.92 -31.43
CA ASP E 138 -14.71 -17.23 -32.73
C ASP E 138 -15.43 -15.90 -32.61
N SER E 139 -14.65 -14.85 -32.30
CA SER E 139 -15.11 -13.46 -32.28
C SER E 139 -15.82 -13.12 -30.98
N VAL E 140 -15.04 -13.01 -29.90
CA VAL E 140 -15.54 -12.44 -28.64
C VAL E 140 -16.07 -11.04 -28.88
N THR E 141 -15.49 -10.34 -29.86
CA THR E 141 -15.96 -9.00 -30.23
C THR E 141 -17.45 -8.98 -30.54
N ALA E 142 -17.99 -10.09 -31.05
CA ALA E 142 -19.41 -10.11 -31.40
C ALA E 142 -20.29 -10.02 -30.18
N VAL E 143 -19.80 -10.44 -29.01
CA VAL E 143 -20.61 -10.36 -27.80
C VAL E 143 -20.87 -8.90 -27.42
N PHE E 144 -19.87 -8.04 -27.60
CA PHE E 144 -20.08 -6.61 -27.39
C PHE E 144 -21.14 -6.08 -28.34
N GLN E 145 -21.21 -6.61 -29.56
CA GLN E 145 -22.15 -6.13 -30.56
C GLN E 145 -23.57 -6.61 -30.30
N GLN E 146 -23.72 -7.81 -29.73
CA GLN E 146 -25.04 -8.39 -29.50
C GLN E 146 -25.68 -7.93 -28.21
N TYR E 147 -24.90 -7.50 -27.22
CA TYR E 147 -25.41 -7.06 -25.93
C TYR E 147 -24.87 -5.66 -25.64
N ASP E 148 -25.76 -4.68 -25.55
CA ASP E 148 -25.36 -3.29 -25.37
C ASP E 148 -25.13 -2.96 -23.89
N ALA E 149 -24.40 -3.86 -23.21
CA ALA E 149 -23.96 -3.68 -21.83
C ALA E 149 -22.46 -3.98 -21.85
N ALA E 150 -21.67 -2.96 -22.18
CA ALA E 150 -20.24 -3.14 -22.37
C ALA E 150 -19.55 -3.64 -21.10
N SER E 151 -19.87 -3.03 -19.96
CA SER E 151 -19.24 -3.43 -18.70
C SER E 151 -19.65 -4.83 -18.31
N VAL E 152 -20.92 -5.19 -18.54
CA VAL E 152 -21.37 -6.54 -18.26
C VAL E 152 -20.64 -7.54 -19.14
N VAL E 153 -20.43 -7.19 -20.42
CA VAL E 153 -19.79 -8.12 -21.34
C VAL E 153 -18.35 -8.36 -20.94
N ARG E 154 -17.59 -7.29 -20.69
CA ARG E 154 -16.22 -7.44 -20.22
C ARG E 154 -16.15 -8.31 -18.98
N ARG E 155 -17.05 -8.05 -18.01
CA ARG E 155 -17.09 -8.82 -16.77
C ARG E 155 -17.33 -10.29 -17.05
N GLU E 156 -18.24 -10.61 -17.97
CA GLU E 156 -18.55 -12.00 -18.24
C GLU E 156 -17.51 -12.67 -19.14
N ILE E 157 -16.83 -11.90 -19.99
CA ILE E 157 -15.73 -12.46 -20.76
C ILE E 157 -14.56 -12.79 -19.84
N PHE E 158 -14.29 -11.93 -18.85
CA PHE E 158 -13.28 -12.24 -17.85
C PHE E 158 -13.63 -13.54 -17.12
N ARG E 159 -14.90 -13.75 -16.83
CA ARG E 159 -15.34 -15.00 -16.20
C ARG E 159 -15.09 -16.20 -17.11
N LEU E 160 -15.31 -16.03 -18.42
CA LEU E 160 -15.06 -17.13 -19.35
C LEU E 160 -13.59 -17.51 -19.39
N ALA E 161 -12.71 -16.52 -19.53
CA ALA E 161 -11.27 -16.80 -19.56
C ALA E 161 -10.80 -17.43 -18.26
N PHE E 162 -11.45 -17.12 -17.14
CA PHE E 162 -11.03 -17.65 -15.84
C PHE E 162 -11.41 -19.12 -15.67
N ARG E 163 -12.66 -19.47 -15.98
CA ARG E 163 -13.07 -20.86 -15.85
C ARG E 163 -12.47 -21.73 -16.95
N LEU E 164 -12.22 -21.16 -18.13
CA LEU E 164 -11.50 -21.91 -19.16
C LEU E 164 -10.08 -22.22 -18.70
N ALA E 165 -9.40 -21.24 -18.10
CA ALA E 165 -8.06 -21.48 -17.59
C ALA E 165 -8.07 -22.44 -16.42
N GLN E 166 -9.09 -22.36 -15.55
CA GLN E 166 -9.19 -23.31 -14.45
C GLN E 166 -9.47 -24.73 -14.94
N LEU E 167 -10.23 -24.88 -16.02
CA LEU E 167 -10.49 -26.21 -16.56
C LEU E 167 -9.29 -26.79 -17.28
N GLY E 168 -8.21 -26.02 -17.43
CA GLY E 168 -6.97 -26.50 -18.00
C GLY E 168 -6.88 -26.47 -19.50
N VAL E 169 -7.94 -26.04 -20.19
CA VAL E 169 -7.90 -25.99 -21.64
C VAL E 169 -7.09 -24.78 -22.09
N THR E 170 -6.51 -24.88 -23.27
CA THR E 170 -5.76 -23.79 -23.90
C THR E 170 -6.67 -23.17 -24.94
N THR E 171 -6.90 -21.87 -24.82
CA THR E 171 -7.99 -21.22 -25.52
C THR E 171 -7.48 -20.20 -26.53
N ILE E 172 -8.29 -19.98 -27.55
CA ILE E 172 -8.04 -18.97 -28.57
C ILE E 172 -9.28 -18.10 -28.64
N MET E 173 -9.12 -16.80 -28.39
CA MET E 173 -10.21 -15.83 -28.50
C MET E 173 -9.86 -14.87 -29.63
N THR E 174 -10.71 -14.83 -30.65
CA THR E 174 -10.49 -13.94 -31.78
C THR E 174 -11.16 -12.61 -31.51
N THR E 175 -10.53 -11.53 -31.96
CA THR E 175 -11.02 -10.19 -31.69
C THR E 175 -10.90 -9.34 -32.95
N GLU E 176 -11.87 -8.48 -33.17
CA GLU E 176 -11.76 -7.50 -34.23
C GLU E 176 -10.89 -6.35 -33.75
N ARG E 177 -10.34 -5.60 -34.70
CA ARG E 177 -9.59 -4.39 -34.37
C ARG E 177 -10.34 -3.27 -35.06
N VAL E 178 -11.08 -2.51 -34.27
CA VAL E 178 -11.84 -1.40 -34.82
C VAL E 178 -10.92 -0.18 -34.82
N ASP E 179 -11.36 0.87 -35.49
CA ASP E 179 -10.64 2.14 -35.46
C ASP E 179 -11.45 3.22 -34.78
N GLU E 180 -12.77 3.10 -34.74
CA GLU E 180 -13.55 3.85 -33.77
C GLU E 180 -13.08 3.45 -32.36
N TYR E 181 -13.35 4.32 -31.38
CA TYR E 181 -12.93 4.08 -30.01
C TYR E 181 -14.10 3.65 -29.14
N GLY E 182 -14.05 2.43 -28.63
CA GLY E 182 -15.08 1.95 -27.74
C GLY E 182 -14.72 0.72 -26.95
N PRO E 183 -15.74 -0.02 -26.49
CA PRO E 183 -15.47 -1.22 -25.69
C PRO E 183 -14.72 -2.30 -26.45
N VAL E 184 -14.88 -2.36 -27.76
CA VAL E 184 -14.26 -3.41 -28.55
C VAL E 184 -12.78 -3.12 -28.75
N ALA E 185 -12.43 -1.84 -28.93
CA ALA E 185 -11.02 -1.48 -29.04
C ALA E 185 -10.32 -1.50 -27.69
N ARG E 186 -11.05 -1.22 -26.60
CA ARG E 186 -10.43 -1.29 -25.28
C ARG E 186 -10.23 -2.71 -24.79
N PHE E 187 -10.97 -3.68 -25.34
CA PHE E 187 -10.83 -5.05 -24.85
C PHE E 187 -9.50 -5.67 -25.25
N GLY E 188 -8.95 -5.30 -26.41
CA GLY E 188 -7.69 -5.86 -26.84
C GLY E 188 -6.47 -5.37 -26.08
N VAL E 189 -6.68 -4.63 -25.00
CA VAL E 189 -5.59 -4.14 -24.15
C VAL E 189 -5.98 -4.24 -22.68
N GLU E 190 -7.23 -4.60 -22.42
CA GLU E 190 -7.70 -4.80 -21.05
C GLU E 190 -6.89 -5.88 -20.33
N GLU E 191 -6.97 -5.87 -19.01
CA GLU E 191 -6.11 -6.73 -18.20
C GLU E 191 -6.56 -8.18 -18.27
N PHE E 192 -5.65 -9.07 -17.85
CA PHE E 192 -5.87 -10.52 -17.76
C PHE E 192 -6.13 -11.20 -19.12
N VAL E 193 -6.81 -10.51 -20.03
CA VAL E 193 -7.10 -11.09 -21.34
C VAL E 193 -6.09 -10.66 -22.41
N SER E 194 -5.38 -9.57 -22.19
CA SER E 194 -4.44 -9.03 -23.17
C SER E 194 -3.04 -9.57 -22.96
N ASP E 195 -2.88 -10.59 -22.12
CA ASP E 195 -1.56 -11.07 -21.76
C ASP E 195 -0.88 -11.75 -22.94
N ASN E 196 -1.66 -12.33 -23.84
CA ASN E 196 -1.14 -13.06 -24.99
C ASN E 196 -1.96 -12.59 -26.19
N VAL E 197 -1.31 -11.85 -27.09
CA VAL E 197 -1.98 -11.18 -28.20
C VAL E 197 -1.22 -11.46 -29.48
N VAL E 198 -1.89 -12.07 -30.45
CA VAL E 198 -1.36 -12.24 -31.80
C VAL E 198 -2.16 -11.33 -32.73
N ILE E 199 -1.47 -10.52 -33.51
CA ILE E 199 -2.09 -9.55 -34.40
C ILE E 199 -1.93 -10.00 -35.84
N LEU E 200 -3.06 -10.04 -36.56
CA LEU E 200 -3.08 -10.39 -37.97
C LEU E 200 -3.44 -9.17 -38.80
N ARG E 201 -2.71 -8.95 -39.89
CA ARG E 201 -2.95 -7.82 -40.78
C ARG E 201 -3.19 -8.29 -42.22
N ASN E 202 -3.50 -7.33 -43.09
CA ASN E 202 -3.98 -7.60 -44.45
C ASN E 202 -3.83 -6.30 -45.20
N VAL E 203 -2.64 -6.07 -45.76
CA VAL E 203 -2.18 -4.75 -46.21
C VAL E 203 -2.59 -4.50 -47.66
N LEU E 204 -3.07 -3.28 -47.90
CA LEU E 204 -3.61 -2.84 -49.19
C LEU E 204 -2.63 -1.95 -49.95
N GLU E 205 -1.40 -2.41 -50.18
CA GLU E 205 -0.41 -1.65 -50.96
C GLU E 205 -0.34 -2.16 -52.39
N GLY E 206 -0.84 -1.34 -53.33
CA GLY E 206 -0.85 -1.60 -54.76
C GLY E 206 -1.60 -2.83 -55.24
N GLU E 207 -0.86 -3.85 -55.66
CA GLU E 207 -1.45 -5.10 -56.10
C GLU E 207 -1.05 -6.30 -55.25
N ARG E 208 0.07 -6.23 -54.54
CA ARG E 208 0.50 -7.35 -53.73
C ARG E 208 -0.29 -7.38 -52.43
N ARG E 209 -0.85 -8.55 -52.09
CA ARG E 209 -1.59 -8.72 -50.85
C ARG E 209 -0.63 -9.35 -49.85
N ARG E 210 -0.07 -8.51 -48.98
CA ARG E 210 0.89 -8.95 -47.98
C ARG E 210 0.15 -9.19 -46.67
N ARG E 211 0.08 -10.45 -46.26
CA ARG E 211 -0.53 -10.83 -45.00
C ARG E 211 0.59 -10.98 -43.98
N THR E 212 0.40 -10.41 -42.80
CA THR E 212 1.43 -10.47 -41.78
C THR E 212 0.85 -10.87 -40.43
N VAL E 213 1.64 -11.64 -39.68
CA VAL E 213 1.32 -12.03 -38.31
C VAL E 213 2.39 -11.45 -37.41
N GLU E 214 1.99 -11.02 -36.21
CA GLU E 214 2.93 -10.51 -35.23
C GLU E 214 2.54 -11.01 -33.85
N ILE E 215 3.54 -11.43 -33.08
CA ILE E 215 3.33 -11.80 -31.68
C ILE E 215 3.56 -10.55 -30.84
N LEU E 216 2.45 -9.93 -30.42
CA LEU E 216 2.54 -8.70 -29.65
C LEU E 216 3.02 -8.98 -28.23
N LYS E 217 2.38 -9.90 -27.53
CA LYS E 217 2.74 -10.26 -26.16
C LYS E 217 2.62 -11.77 -25.95
N LEU E 218 3.50 -12.30 -25.12
CA LEU E 218 3.48 -13.69 -24.68
C LEU E 218 3.84 -13.72 -23.19
N ARG E 219 3.08 -12.92 -22.42
CA ARG E 219 3.16 -12.69 -20.98
C ARG E 219 4.19 -13.53 -20.23
N GLY E 220 5.41 -13.01 -20.10
CA GLY E 220 6.50 -13.68 -19.42
C GLY E 220 7.30 -14.69 -20.21
N THR E 221 6.91 -15.02 -21.43
CA THR E 221 7.73 -15.88 -22.26
C THR E 221 8.36 -15.06 -23.39
N THR E 222 9.38 -15.63 -24.01
CA THR E 222 10.10 -14.96 -25.08
C THR E 222 9.49 -15.29 -26.44
N HIS E 223 9.51 -14.31 -27.32
CA HIS E 223 8.99 -14.47 -28.68
C HIS E 223 9.76 -13.53 -29.60
N MET E 224 9.44 -13.61 -30.88
CA MET E 224 10.04 -12.71 -31.87
C MET E 224 9.20 -11.46 -32.01
N LYS E 225 9.84 -10.30 -31.90
CA LYS E 225 9.17 -9.03 -32.11
C LYS E 225 9.12 -8.70 -33.60
N GLY E 226 8.16 -7.88 -33.97
CA GLY E 226 7.99 -7.43 -35.32
C GLY E 226 7.00 -8.26 -36.12
N GLU E 227 6.76 -7.80 -37.34
CA GLU E 227 5.76 -8.39 -38.22
C GLU E 227 6.40 -9.47 -39.10
N TYR E 228 5.65 -10.54 -39.35
CA TYR E 228 6.16 -11.62 -40.18
C TYR E 228 5.13 -12.04 -41.23
N PRO E 229 5.55 -12.20 -42.49
CA PRO E 229 4.58 -12.49 -43.55
C PRO E 229 4.09 -13.93 -43.55
N PHE E 230 2.81 -14.11 -43.84
CA PHE E 230 2.21 -15.43 -44.00
C PHE E 230 1.32 -15.47 -45.23
N THR E 231 1.14 -16.67 -45.78
CA THR E 231 0.27 -16.89 -46.92
C THR E 231 -0.73 -18.01 -46.58
N ILE E 232 -1.73 -18.15 -47.44
CA ILE E 232 -2.87 -19.03 -47.20
C ILE E 232 -2.90 -20.07 -48.32
N ASN E 233 -2.58 -21.32 -47.98
CA ASN E 233 -2.65 -22.42 -48.92
C ASN E 233 -3.46 -23.54 -48.28
N ASN E 234 -2.84 -24.30 -47.39
CA ASN E 234 -3.55 -25.33 -46.63
C ASN E 234 -3.35 -25.02 -45.15
N GLY E 235 -3.64 -23.79 -44.76
CA GLY E 235 -3.33 -23.30 -43.43
C GLY E 235 -2.63 -21.98 -43.52
N ILE E 236 -2.02 -21.58 -42.41
CA ILE E 236 -1.27 -20.32 -42.34
C ILE E 236 0.21 -20.67 -42.47
N ASN E 237 0.94 -19.91 -43.30
CA ASN E 237 2.29 -20.30 -43.73
C ASN E 237 3.21 -19.10 -43.62
N ILE E 238 3.95 -19.01 -42.51
CA ILE E 238 4.80 -17.87 -42.19
C ILE E 238 6.24 -18.18 -42.57
N PHE E 239 6.94 -17.19 -43.14
CA PHE E 239 8.28 -17.38 -43.67
C PHE E 239 9.15 -16.16 -43.33
N ASP E 240 10.08 -16.32 -42.39
CA ASP E 240 11.03 -15.28 -41.99
C ASP E 240 11.93 -15.83 -40.89
N TYR E 241 13.10 -15.18 -40.74
CA TYR E 241 14.12 -15.56 -39.77
C TYR E 241 14.49 -17.04 -39.89
N ALA F 9 -51.17 -24.89 -23.33
CA ALA F 9 -51.54 -23.95 -24.38
C ALA F 9 -50.42 -22.95 -24.64
N LEU F 10 -49.82 -22.44 -23.57
CA LEU F 10 -48.64 -21.59 -23.63
C LEU F 10 -47.59 -22.22 -22.73
N SER F 11 -46.40 -22.44 -23.28
CA SER F 11 -45.33 -23.06 -22.51
C SER F 11 -44.09 -22.17 -22.59
N LEU F 12 -43.57 -21.80 -21.42
CA LEU F 12 -42.35 -21.02 -21.30
C LEU F 12 -41.42 -21.70 -20.29
N LEU F 13 -40.12 -21.58 -20.54
CA LEU F 13 -39.09 -22.23 -19.74
C LEU F 13 -38.15 -21.17 -19.18
N LEU F 14 -37.94 -21.21 -17.86
CA LEU F 14 -37.08 -20.26 -17.16
C LEU F 14 -35.79 -20.98 -16.81
N PHE F 15 -34.73 -20.66 -17.55
CA PHE F 15 -33.41 -21.25 -17.33
C PHE F 15 -32.64 -20.35 -16.36
N VAL F 16 -32.19 -20.92 -15.24
CA VAL F 16 -31.63 -20.14 -14.16
C VAL F 16 -30.34 -20.77 -13.67
N ALA F 17 -29.39 -19.93 -13.29
CA ALA F 17 -28.19 -20.35 -12.59
C ALA F 17 -28.46 -20.38 -11.09
N ASN F 18 -27.45 -20.71 -10.30
CA ASN F 18 -27.59 -20.75 -8.85
C ASN F 18 -26.37 -20.14 -8.17
N ARG F 19 -25.94 -18.98 -8.69
CA ARG F 19 -24.89 -18.21 -8.05
C ARG F 19 -25.49 -17.42 -6.89
N PRO F 20 -24.67 -16.77 -6.07
CA PRO F 20 -25.23 -15.98 -4.96
C PRO F 20 -26.21 -14.93 -5.45
N GLY F 21 -27.38 -14.90 -4.82
CA GLY F 21 -28.45 -14.00 -5.20
C GLY F 21 -29.29 -14.46 -6.37
N ASP F 22 -28.81 -15.41 -7.17
CA ASP F 22 -29.61 -15.92 -8.27
C ASP F 22 -30.83 -16.69 -7.77
N GLU F 23 -30.68 -17.42 -6.67
CA GLU F 23 -31.78 -18.21 -6.14
C GLU F 23 -32.97 -17.35 -5.72
N GLU F 24 -32.71 -16.34 -4.88
CA GLU F 24 -33.79 -15.46 -4.43
C GLU F 24 -34.44 -14.74 -5.59
N GLU F 25 -33.66 -14.31 -6.57
CA GLU F 25 -34.18 -13.53 -7.67
C GLU F 25 -35.04 -14.38 -8.61
N THR F 26 -34.60 -15.61 -8.88
CA THR F 26 -35.33 -16.46 -9.83
C THR F 26 -36.65 -16.95 -9.24
N ALA F 27 -36.70 -17.15 -7.92
CA ALA F 27 -37.96 -17.47 -7.27
C ALA F 27 -38.95 -16.33 -7.41
N ALA F 28 -38.44 -15.09 -7.38
CA ALA F 28 -39.30 -13.92 -7.53
C ALA F 28 -39.86 -13.83 -8.94
N ILE F 29 -39.03 -14.10 -9.93
CA ILE F 29 -39.48 -14.07 -11.32
C ILE F 29 -40.53 -15.14 -11.54
N GLN F 30 -40.34 -16.32 -10.94
CA GLN F 30 -41.31 -17.39 -11.06
C GLN F 30 -42.61 -17.04 -10.36
N ALA F 31 -42.55 -16.41 -9.18
CA ALA F 31 -43.76 -16.05 -8.46
C ALA F 31 -44.59 -15.02 -9.22
N HIS F 32 -43.92 -14.05 -9.86
CA HIS F 32 -44.63 -13.02 -10.61
C HIS F 32 -45.37 -13.61 -11.81
N ILE F 33 -44.65 -14.35 -12.66
CA ILE F 33 -45.22 -14.85 -13.90
C ILE F 33 -46.41 -15.78 -13.66
N GLN F 34 -46.33 -16.63 -12.64
CA GLN F 34 -47.40 -17.59 -12.42
C GLN F 34 -48.70 -16.93 -11.95
N GLN F 35 -48.62 -15.74 -11.38
CA GLN F 35 -49.82 -14.99 -11.00
C GLN F 35 -50.34 -14.10 -12.12
N LEU F 36 -49.75 -14.21 -13.31
CA LEU F 36 -50.20 -13.36 -14.41
C LEU F 36 -51.58 -13.78 -14.88
N PRO F 37 -52.48 -12.84 -15.12
CA PRO F 37 -53.86 -13.18 -15.51
C PRO F 37 -53.91 -13.82 -16.89
N SER F 38 -54.62 -14.94 -16.97
CA SER F 38 -54.83 -15.63 -18.24
C SER F 38 -56.12 -16.41 -18.17
N ASN F 39 -56.81 -16.50 -19.31
CA ASN F 39 -58.02 -17.28 -19.43
C ASN F 39 -57.76 -18.68 -19.97
N PHE F 40 -56.55 -18.93 -20.45
CA PHE F 40 -56.11 -20.28 -20.82
C PHE F 40 -55.10 -20.75 -19.78
N SER F 41 -54.77 -22.02 -19.83
CA SER F 41 -53.76 -22.60 -18.95
C SER F 41 -52.40 -22.53 -19.63
N PHE F 42 -51.39 -22.06 -18.90
CA PHE F 42 -50.05 -21.99 -19.43
C PHE F 42 -49.07 -22.74 -18.54
N GLU F 43 -47.93 -23.09 -19.12
CA GLU F 43 -46.90 -23.88 -18.47
C GLU F 43 -45.70 -23.02 -18.10
N LEU F 44 -45.10 -23.30 -16.93
CA LEU F 44 -43.94 -22.55 -16.42
C LEU F 44 -43.02 -23.55 -15.71
N LYS F 45 -42.13 -24.15 -16.48
CA LYS F 45 -41.09 -25.01 -15.92
C LYS F 45 -39.81 -24.21 -15.70
N VAL F 46 -39.28 -24.28 -14.48
CA VAL F 46 -38.01 -23.65 -14.14
C VAL F 46 -36.91 -24.67 -14.36
N VAL F 47 -35.94 -24.34 -15.21
CA VAL F 47 -34.92 -25.26 -15.64
C VAL F 47 -33.56 -24.80 -15.06
N PRO F 48 -33.04 -25.47 -14.02
CA PRO F 48 -31.66 -25.20 -13.60
C PRO F 48 -30.69 -25.64 -14.70
N ILE F 49 -29.81 -24.71 -15.09
CA ILE F 49 -28.94 -24.97 -16.23
C ILE F 49 -27.97 -26.10 -15.94
N GLY F 50 -27.61 -26.29 -14.67
CA GLY F 50 -26.70 -27.35 -14.29
C GLY F 50 -27.28 -28.75 -14.44
N GLU F 51 -28.61 -28.87 -14.49
CA GLU F 51 -29.28 -30.15 -14.47
C GLU F 51 -29.69 -30.65 -15.86
N GLN F 52 -29.67 -29.78 -16.87
CA GLN F 52 -30.18 -30.13 -18.20
C GLN F 52 -29.22 -29.64 -19.28
N PRO F 53 -28.11 -30.36 -19.49
CA PRO F 53 -27.17 -29.91 -20.53
C PRO F 53 -27.70 -30.10 -21.95
N TYR F 54 -28.47 -31.16 -22.20
CA TYR F 54 -29.12 -31.32 -23.50
C TYR F 54 -30.06 -30.17 -23.80
N LEU F 55 -30.67 -29.59 -22.77
CA LEU F 55 -31.66 -28.54 -22.98
C LEU F 55 -31.00 -27.20 -23.33
N LEU F 56 -29.85 -26.89 -22.72
CA LEU F 56 -29.13 -25.68 -23.09
C LEU F 56 -28.69 -25.72 -24.55
N GLU F 57 -28.31 -26.90 -25.04
CA GLU F 57 -27.86 -27.00 -26.43
C GLU F 57 -29.03 -26.92 -27.40
N GLU F 58 -30.15 -27.54 -27.05
CA GLU F 58 -31.32 -27.53 -27.94
C GLU F 58 -31.78 -26.10 -28.20
N TYR F 59 -31.70 -25.23 -27.19
CA TYR F 59 -32.19 -23.87 -27.31
C TYR F 59 -31.05 -22.85 -27.40
N LYS F 60 -29.83 -23.32 -27.65
CA LYS F 60 -28.63 -22.49 -27.83
C LYS F 60 -28.57 -21.32 -26.85
N LEU F 61 -28.45 -21.66 -25.56
CA LEU F 61 -28.47 -20.66 -24.51
C LEU F 61 -27.12 -19.99 -24.32
N VAL F 62 -27.17 -18.70 -23.97
CA VAL F 62 -25.96 -17.90 -23.72
C VAL F 62 -26.12 -17.09 -22.44
N ALA F 63 -27.07 -16.14 -22.44
CA ALA F 63 -27.27 -15.24 -21.33
C ALA F 63 -28.24 -15.79 -20.30
N THR F 64 -28.06 -15.38 -19.04
CA THR F 64 -28.84 -15.85 -17.91
C THR F 64 -29.18 -14.68 -17.00
N PRO F 65 -30.41 -14.63 -16.44
CA PRO F 65 -31.52 -15.58 -16.62
C PRO F 65 -32.24 -15.40 -17.95
N ALA F 66 -32.90 -16.46 -18.42
CA ALA F 66 -33.55 -16.44 -19.72
C ALA F 66 -34.85 -17.23 -19.65
N LEU F 67 -35.94 -16.61 -20.09
CA LEU F 67 -37.23 -17.26 -20.22
C LEU F 67 -37.55 -17.40 -21.70
N ILE F 68 -37.72 -18.63 -22.15
CA ILE F 68 -38.01 -18.94 -23.54
C ILE F 68 -39.46 -19.37 -23.65
N LYS F 69 -40.22 -18.67 -24.50
CA LYS F 69 -41.57 -19.09 -24.85
C LYS F 69 -41.44 -20.05 -26.03
N VAL F 70 -41.72 -21.34 -25.79
CA VAL F 70 -41.48 -22.37 -26.80
C VAL F 70 -42.73 -22.46 -27.67
N ARG F 71 -43.84 -22.91 -27.10
CA ARG F 71 -45.09 -22.87 -27.84
C ARG F 71 -45.93 -21.71 -27.33
N PRO F 72 -46.99 -21.33 -28.06
CA PRO F 72 -47.15 -21.43 -29.51
C PRO F 72 -46.22 -20.51 -30.27
N GLU F 73 -45.57 -21.06 -31.32
CA GLU F 73 -44.65 -20.34 -32.20
C GLU F 73 -45.23 -19.00 -32.60
N PRO F 74 -44.40 -17.98 -32.86
CA PRO F 74 -42.92 -17.98 -32.92
C PRO F 74 -42.22 -18.11 -31.58
N ARG F 75 -41.15 -18.91 -31.52
CA ARG F 75 -40.37 -18.99 -30.29
C ARG F 75 -39.75 -17.63 -29.97
N GLN F 76 -39.70 -17.32 -28.68
CA GLN F 76 -39.16 -16.04 -28.21
C GLN F 76 -38.25 -16.29 -27.02
N THR F 77 -37.27 -15.40 -26.85
CA THR F 77 -36.36 -15.44 -25.71
C THR F 77 -36.31 -14.08 -25.04
N LEU F 78 -36.53 -14.07 -23.73
CA LEU F 78 -36.42 -12.87 -22.92
C LEU F 78 -35.37 -13.12 -21.83
N ALA F 79 -34.34 -12.28 -21.80
CA ALA F 79 -33.20 -12.50 -20.93
C ALA F 79 -32.93 -11.22 -20.15
N GLY F 80 -32.08 -11.33 -19.15
CA GLY F 80 -31.77 -10.21 -18.29
C GLY F 80 -32.52 -10.29 -16.97
N ARG F 81 -31.94 -9.68 -15.94
CA ARG F 81 -32.54 -9.72 -14.62
C ARG F 81 -33.80 -8.87 -14.50
N LYS F 82 -34.10 -8.03 -15.49
CA LYS F 82 -35.35 -7.29 -15.56
C LYS F 82 -36.28 -7.80 -16.65
N LEU F 83 -36.29 -9.12 -16.88
CA LEU F 83 -37.10 -9.66 -17.97
C LEU F 83 -38.59 -9.57 -17.67
N LEU F 84 -38.97 -9.34 -16.40
CA LEU F 84 -40.37 -9.18 -16.05
C LEU F 84 -41.00 -8.04 -16.85
N GLN F 85 -40.25 -6.96 -17.08
CA GLN F 85 -40.76 -5.85 -17.89
C GLN F 85 -41.11 -6.31 -19.29
N LYS F 86 -40.35 -7.26 -19.84
CA LYS F 86 -40.62 -7.76 -21.18
C LYS F 86 -41.68 -8.85 -21.17
N VAL F 87 -41.76 -9.61 -20.07
CA VAL F 87 -42.91 -10.50 -19.89
C VAL F 87 -44.18 -9.67 -19.70
N ASP F 88 -44.09 -8.57 -18.95
CA ASP F 88 -45.25 -7.70 -18.77
C ASP F 88 -45.70 -7.09 -20.10
N TYR F 89 -44.75 -6.67 -20.93
CA TYR F 89 -45.11 -6.16 -22.24
C TYR F 89 -45.76 -7.25 -23.10
N TRP F 90 -45.14 -8.43 -23.16
CA TRP F 90 -45.55 -9.46 -24.09
C TRP F 90 -46.76 -10.26 -23.63
N TRP F 91 -47.09 -10.21 -22.34
CA TRP F 91 -48.20 -11.03 -21.84
C TRP F 91 -49.53 -10.74 -22.54
N PRO F 92 -49.95 -9.48 -22.74
CA PRO F 92 -51.19 -9.28 -23.52
C PRO F 92 -51.10 -9.82 -24.93
N ARG F 93 -49.95 -9.70 -25.58
CA ARG F 93 -49.81 -10.23 -26.93
C ARG F 93 -49.78 -11.75 -26.92
N TRP F 94 -49.17 -12.36 -25.89
CA TRP F 94 -49.18 -13.81 -25.79
C TRP F 94 -50.59 -14.35 -25.55
N GLN F 95 -51.45 -13.56 -24.89
CA GLN F 95 -52.82 -13.98 -24.68
C GLN F 95 -53.61 -14.01 -25.98
N ARG F 96 -53.32 -13.07 -26.89
CA ARG F 96 -54.02 -13.00 -28.17
C ARG F 96 -53.43 -13.87 -29.27
N GLU F 97 -52.31 -14.56 -29.01
CA GLU F 97 -51.78 -15.48 -30.02
C GLU F 97 -52.54 -16.80 -30.10
N VAL F 98 -53.45 -17.06 -29.16
CA VAL F 98 -54.20 -18.31 -29.17
C VAL F 98 -55.65 -18.03 -29.61
N VAL G 11 -6.05 -25.29 14.29
CA VAL G 11 -5.26 -24.67 15.35
C VAL G 11 -5.00 -25.71 16.43
N LYS G 12 -4.22 -26.72 16.09
CA LYS G 12 -4.08 -27.86 16.99
C LYS G 12 -3.26 -27.49 18.23
N LYS G 13 -3.42 -28.30 19.27
CA LYS G 13 -2.73 -28.11 20.53
C LYS G 13 -2.28 -29.46 21.07
N ILE G 14 -1.12 -29.48 21.72
CA ILE G 14 -0.66 -30.69 22.39
C ILE G 14 -1.00 -30.54 23.87
N PRO G 15 -1.35 -31.61 24.57
CA PRO G 15 -1.68 -31.47 25.99
C PRO G 15 -0.43 -31.17 26.80
N THR G 16 -0.56 -30.25 27.75
CA THR G 16 0.55 -29.92 28.64
C THR G 16 0.61 -30.84 29.85
N MET G 17 -0.54 -31.41 30.23
CA MET G 17 -0.68 -32.31 31.37
C MET G 17 -0.32 -31.65 32.70
N ILE G 18 0.07 -30.38 32.66
CA ILE G 18 0.12 -29.58 33.87
C ILE G 18 -1.30 -29.39 34.37
N GLU G 19 -1.56 -29.78 35.61
CA GLU G 19 -2.93 -29.86 36.10
C GLU G 19 -3.61 -28.50 36.06
N GLY G 20 -4.67 -28.41 35.25
CA GLY G 20 -5.43 -27.21 35.08
C GLY G 20 -5.00 -26.33 33.93
N PHE G 21 -3.72 -26.37 33.53
CA PHE G 21 -3.24 -25.43 32.51
C PHE G 21 -3.82 -25.78 31.14
N ASP G 22 -3.89 -27.07 30.80
CA ASP G 22 -4.49 -27.47 29.54
C ASP G 22 -5.99 -27.19 29.51
N ASP G 23 -6.60 -26.94 30.67
CA ASP G 23 -8.00 -26.54 30.71
C ASP G 23 -8.17 -25.05 30.43
N ILE G 24 -7.22 -24.22 30.86
CA ILE G 24 -7.28 -22.80 30.52
C ILE G 24 -7.08 -22.59 29.03
N SER G 25 -6.17 -23.35 28.43
CA SER G 25 -5.78 -23.20 27.03
C SER G 25 -6.73 -23.87 26.06
N HIS G 26 -7.74 -24.61 26.54
CA HIS G 26 -8.68 -25.33 25.69
C HIS G 26 -7.96 -26.36 24.81
N GLY G 27 -7.03 -27.11 25.41
CA GLY G 27 -6.36 -28.16 24.67
C GLY G 27 -4.90 -28.31 25.04
N GLY G 28 -4.24 -27.19 25.27
CA GLY G 28 -2.82 -27.18 25.56
C GLY G 28 -2.08 -26.05 24.88
N LEU G 29 -0.80 -26.26 24.58
CA LEU G 29 -0.06 -25.19 23.92
C LEU G 29 -0.20 -25.31 22.41
N PRO G 30 -0.28 -24.17 21.71
CA PRO G 30 -0.38 -24.22 20.24
C PRO G 30 0.76 -25.04 19.65
N GLN G 31 0.42 -26.08 18.90
CA GLN G 31 1.39 -27.03 18.40
C GLN G 31 2.16 -26.46 17.21
N GLY G 32 3.43 -26.83 17.11
CA GLY G 32 4.28 -26.39 16.03
C GLY G 32 4.70 -24.94 16.12
N ALA G 33 4.54 -24.32 17.27
CA ALA G 33 4.94 -22.93 17.50
C ALA G 33 5.63 -22.84 18.85
N THR G 34 6.25 -21.69 19.10
CA THR G 34 6.86 -21.40 20.39
C THR G 34 5.90 -20.57 21.24
N THR G 35 5.80 -20.90 22.52
CA THR G 35 4.93 -20.21 23.45
C THR G 35 5.78 -19.50 24.48
N LEU G 36 5.46 -18.24 24.74
CA LEU G 36 6.21 -17.42 25.69
C LEU G 36 5.67 -17.66 27.09
N VAL G 37 6.54 -18.13 27.98
CA VAL G 37 6.23 -18.28 29.40
C VAL G 37 6.97 -17.15 30.11
N SER G 38 6.23 -16.11 30.50
CA SER G 38 6.82 -14.86 30.92
C SER G 38 6.47 -14.59 32.38
N GLY G 39 7.50 -14.25 33.17
CA GLY G 39 7.29 -13.89 34.56
C GLY G 39 8.59 -13.39 35.15
N THR G 40 8.48 -12.80 36.34
CA THR G 40 9.67 -12.34 37.03
C THR G 40 10.41 -13.54 37.63
N SER G 41 11.45 -13.27 38.41
CA SER G 41 12.23 -14.34 39.02
C SER G 41 11.43 -15.00 40.14
N GLY G 42 11.59 -16.32 40.26
CA GLY G 42 10.89 -17.07 41.29
C GLY G 42 9.39 -17.17 41.08
N THR G 43 8.92 -17.08 39.84
CA THR G 43 7.51 -17.21 39.54
C THR G 43 7.10 -18.61 39.08
N GLY G 44 8.06 -19.47 38.75
CA GLY G 44 7.77 -20.82 38.32
C GLY G 44 8.01 -21.09 36.84
N LYS G 45 8.79 -20.26 36.16
CA LYS G 45 9.05 -20.45 34.73
C LYS G 45 9.84 -21.73 34.47
N THR G 46 11.00 -21.86 35.12
CA THR G 46 11.82 -23.05 34.91
C THR G 46 11.07 -24.33 35.26
N LEU G 47 10.23 -24.27 36.31
CA LEU G 47 9.44 -25.44 36.68
C LEU G 47 8.45 -25.80 35.59
N PHE G 48 7.70 -24.79 35.10
CA PHE G 48 6.80 -25.02 33.98
C PHE G 48 7.54 -25.57 32.77
N ALA G 49 8.73 -25.04 32.49
CA ALA G 49 9.50 -25.49 31.34
C ALA G 49 9.95 -26.95 31.50
N VAL G 50 10.33 -27.34 32.71
CA VAL G 50 10.76 -28.71 32.95
C VAL G 50 9.57 -29.67 32.85
N GLN G 51 8.43 -29.29 33.42
CA GLN G 51 7.26 -30.16 33.43
C GLN G 51 6.72 -30.39 32.03
N PHE G 52 6.81 -29.40 31.15
CA PHE G 52 6.36 -29.59 29.78
C PHE G 52 7.16 -30.66 29.07
N LEU G 53 8.47 -30.72 29.33
CA LEU G 53 9.29 -31.77 28.76
C LEU G 53 9.09 -33.09 29.49
N TYR G 54 9.00 -33.06 30.81
CA TYR G 54 8.84 -34.28 31.58
C TYR G 54 7.55 -34.99 31.21
N ASN G 55 6.44 -34.25 31.12
CA ASN G 55 5.16 -34.87 30.79
C ASN G 55 5.15 -35.38 29.35
N GLY G 56 5.77 -34.65 28.43
CA GLY G 56 5.88 -35.12 27.06
C GLY G 56 6.68 -36.40 26.94
N ILE G 57 7.79 -36.49 27.68
CA ILE G 57 8.62 -37.68 27.63
C ILE G 57 7.98 -38.83 28.41
N THR G 58 7.29 -38.54 29.50
CA THR G 58 6.80 -39.61 30.37
C THR G 58 5.38 -40.05 29.99
N ILE G 59 4.48 -39.12 29.69
CA ILE G 59 3.08 -39.48 29.43
C ILE G 59 2.84 -39.84 27.97
N PHE G 60 3.51 -39.17 27.02
CA PHE G 60 3.35 -39.50 25.60
C PHE G 60 4.64 -40.01 24.96
N ASN G 61 5.65 -40.34 25.74
CA ASN G 61 6.96 -40.83 25.28
C ASN G 61 7.49 -40.05 24.08
N GLU G 62 7.27 -38.74 24.07
CA GLU G 62 7.81 -37.87 23.04
C GLU G 62 9.07 -37.21 23.58
N PRO G 63 10.23 -37.39 22.96
CA PRO G 63 11.47 -36.84 23.53
C PRO G 63 11.50 -35.32 23.44
N GLY G 64 12.35 -34.74 24.28
CA GLY G 64 12.44 -33.30 24.39
C GLY G 64 13.88 -32.84 24.50
N ILE G 65 14.14 -31.65 23.95
CA ILE G 65 15.41 -30.95 24.11
C ILE G 65 15.18 -29.79 25.08
N PHE G 66 16.09 -29.64 26.04
CA PHE G 66 16.05 -28.56 27.01
C PHE G 66 17.29 -27.70 26.80
N VAL G 67 17.08 -26.46 26.36
CA VAL G 67 18.15 -25.50 26.14
C VAL G 67 18.19 -24.56 27.33
N THR G 68 19.32 -24.54 28.04
CA THR G 68 19.51 -23.68 29.19
C THR G 68 20.62 -22.67 28.90
N PHE G 69 20.38 -21.42 29.27
CA PHE G 69 21.34 -20.35 29.07
C PHE G 69 22.03 -19.89 30.34
N GLU G 70 21.40 -20.05 31.50
CA GLU G 70 22.03 -19.68 32.77
C GLU G 70 22.27 -20.90 33.65
N GLU G 71 21.20 -21.63 34.00
CA GLU G 71 21.33 -22.73 34.94
C GLU G 71 22.14 -23.87 34.31
N SER G 72 22.96 -24.52 35.14
CA SER G 72 23.81 -25.61 34.70
C SER G 72 22.99 -26.89 34.51
N PRO G 73 23.39 -27.73 33.55
CA PRO G 73 22.67 -29.00 33.33
C PRO G 73 22.58 -29.85 34.59
N GLN G 74 23.65 -29.90 35.38
CA GLN G 74 23.60 -30.65 36.64
C GLN G 74 22.62 -30.02 37.62
N ASP G 75 22.52 -28.69 37.61
CA ASP G 75 21.56 -28.02 38.48
C ASP G 75 20.12 -28.30 38.05
N ILE G 76 19.88 -28.47 36.74
CA ILE G 76 18.55 -28.82 36.26
C ILE G 76 18.15 -30.21 36.76
N ILE G 77 19.08 -31.16 36.71
CA ILE G 77 18.77 -32.52 37.16
C ILE G 77 18.61 -32.56 38.67
N LYS G 78 19.49 -31.86 39.39
CA LYS G 78 19.44 -31.86 40.85
C LYS G 78 18.14 -31.26 41.36
N ASN G 79 17.70 -30.15 40.76
CA ASN G 79 16.44 -29.53 41.18
C ASN G 79 15.23 -30.37 40.79
N ALA G 80 15.32 -31.11 39.69
CA ALA G 80 14.20 -31.95 39.27
C ALA G 80 14.00 -33.11 40.21
N LEU G 81 15.07 -33.59 40.86
CA LEU G 81 14.95 -34.67 41.83
C LEU G 81 14.09 -34.27 43.02
N SER G 82 14.02 -32.96 43.32
CA SER G 82 13.20 -32.46 44.41
C SER G 82 11.71 -32.69 44.21
N PHE G 83 11.28 -33.06 43.00
CA PHE G 83 9.89 -33.34 42.70
C PHE G 83 9.65 -34.80 42.33
N GLY G 84 10.63 -35.67 42.55
CA GLY G 84 10.50 -37.06 42.17
C GLY G 84 10.69 -37.34 40.71
N TRP G 85 11.26 -36.40 39.96
CA TRP G 85 11.47 -36.53 38.52
C TRP G 85 12.92 -36.94 38.27
N ASN G 86 13.12 -38.18 37.84
CA ASN G 86 14.46 -38.70 37.55
C ASN G 86 14.82 -38.36 36.10
N LEU G 87 15.29 -37.12 35.92
CA LEU G 87 15.69 -36.68 34.59
C LEU G 87 16.89 -37.45 34.05
N GLN G 88 17.72 -38.02 34.93
CA GLN G 88 18.88 -38.77 34.46
C GLN G 88 18.46 -40.06 33.77
N SER G 89 17.41 -40.73 34.28
CA SER G 89 16.97 -41.97 33.67
C SER G 89 16.41 -41.73 32.26
N LEU G 90 15.85 -40.54 32.03
CA LEU G 90 15.40 -40.18 30.69
C LEU G 90 16.58 -39.91 29.76
N ILE G 91 17.65 -39.30 30.29
CA ILE G 91 18.81 -38.99 29.45
C ILE G 91 19.52 -40.25 28.99
N ASP G 92 19.64 -41.26 29.87
CA ASP G 92 20.37 -42.47 29.49
C ASP G 92 19.61 -43.29 28.45
N GLN G 93 18.28 -43.20 28.46
CA GLN G 93 17.50 -43.88 27.43
C GLN G 93 17.42 -43.08 26.13
N GLY G 94 18.11 -41.95 26.05
CA GLY G 94 18.06 -41.15 24.84
C GLY G 94 16.75 -40.42 24.64
N LYS G 95 15.95 -40.27 25.70
CA LYS G 95 14.65 -39.62 25.59
C LYS G 95 14.67 -38.15 26.00
N LEU G 96 15.64 -37.72 26.81
CA LEU G 96 15.79 -36.32 27.14
C LEU G 96 17.22 -35.88 26.77
N PHE G 97 17.36 -34.61 26.42
CA PHE G 97 18.67 -34.04 26.11
C PHE G 97 18.74 -32.62 26.62
N ILE G 98 19.80 -32.29 27.36
CA ILE G 98 20.00 -30.97 27.93
C ILE G 98 21.05 -30.26 27.07
N LEU G 99 20.61 -29.24 26.34
CA LEU G 99 21.52 -28.43 25.53
C LEU G 99 22.10 -27.34 26.40
N ASP G 100 23.40 -27.40 26.66
CA ASP G 100 24.07 -26.43 27.51
C ASP G 100 24.50 -25.25 26.65
N ALA G 101 23.72 -24.16 26.70
CA ALA G 101 24.09 -22.93 26.00
C ALA G 101 24.49 -21.82 26.97
N SER G 102 24.89 -22.19 28.19
CA SER G 102 25.38 -21.19 29.13
C SER G 102 26.83 -20.86 28.78
N PRO G 103 27.25 -19.61 28.97
CA PRO G 103 28.60 -19.22 28.55
C PRO G 103 29.65 -19.92 29.40
N ASP G 104 30.86 -19.96 28.87
CA ASP G 104 31.88 -20.55 29.71
C ASP G 104 32.50 -19.49 30.62
N PRO G 105 32.68 -19.78 31.91
CA PRO G 105 33.37 -18.82 32.78
C PRO G 105 34.86 -18.80 32.50
N ASP G 106 35.24 -18.57 31.23
CA ASP G 106 36.65 -18.50 30.87
C ASP G 106 36.88 -17.83 29.51
N GLY G 107 36.47 -16.57 29.37
CA GLY G 107 36.82 -15.80 28.19
C GLY G 107 35.85 -15.76 27.02
N GLN G 108 34.72 -15.08 27.16
CA GLN G 108 33.84 -14.80 26.03
C GLN G 108 33.84 -13.29 25.72
N GLU G 109 34.55 -12.90 24.67
CA GLU G 109 34.49 -11.54 24.16
C GLU G 109 33.93 -11.56 22.74
N VAL G 110 32.98 -10.68 22.47
CA VAL G 110 32.36 -10.56 21.15
C VAL G 110 32.64 -9.17 20.60
N ALA G 111 33.01 -9.08 19.34
CA ALA G 111 33.34 -7.83 18.68
C ALA G 111 32.62 -7.78 17.34
N GLY G 112 31.66 -6.88 17.21
CA GLY G 112 30.95 -6.70 15.97
C GLY G 112 29.64 -7.47 15.94
N ASP G 113 29.12 -7.62 14.73
CA ASP G 113 27.91 -8.40 14.53
C ASP G 113 28.19 -9.88 14.75
N PHE G 114 27.13 -10.62 15.05
CA PHE G 114 27.23 -12.06 15.21
C PHE G 114 25.86 -12.68 14.90
N ASP G 115 25.84 -13.99 14.78
CA ASP G 115 24.60 -14.74 14.64
C ASP G 115 24.62 -15.96 15.54
N LEU G 116 23.43 -16.45 15.86
CA LEU G 116 23.25 -17.64 16.68
C LEU G 116 23.21 -18.92 15.84
N SER G 117 24.04 -19.01 14.79
CA SER G 117 23.97 -20.16 13.89
C SER G 117 24.43 -21.44 14.59
N ALA G 118 25.47 -21.35 15.43
CA ALA G 118 25.96 -22.54 16.12
C ALA G 118 24.95 -23.04 17.15
N LEU G 119 24.20 -22.13 17.78
CA LEU G 119 23.14 -22.55 18.69
C LEU G 119 21.97 -23.19 17.95
N ILE G 120 21.55 -22.59 16.83
CA ILE G 120 20.47 -23.17 16.05
C ILE G 120 20.90 -24.51 15.47
N GLU G 121 22.14 -24.58 14.99
CA GLU G 121 22.70 -25.85 14.52
C GLU G 121 22.66 -26.90 15.62
N ARG G 122 22.94 -26.50 16.86
CA ARG G 122 22.98 -27.47 17.96
C ARG G 122 21.58 -27.96 18.31
N ILE G 123 20.60 -27.06 18.36
CA ILE G 123 19.23 -27.47 18.65
C ILE G 123 18.69 -28.33 17.51
N GLN G 124 18.89 -27.87 16.27
CA GLN G 124 18.37 -28.59 15.11
C GLN G 124 18.94 -30.01 15.03
N TYR G 125 20.26 -30.13 15.14
CA TYR G 125 20.88 -31.45 15.07
C TYR G 125 20.40 -32.35 16.20
N ALA G 126 20.14 -31.77 17.37
CA ALA G 126 19.64 -32.55 18.50
C ALA G 126 18.21 -33.01 18.24
N ILE G 127 17.40 -32.17 17.59
CA ILE G 127 16.00 -32.53 17.31
C ILE G 127 15.92 -33.81 16.50
N ARG G 128 16.71 -33.92 15.44
CA ARG G 128 16.65 -35.10 14.59
C ARG G 128 17.34 -36.30 15.22
N LYS G 129 18.40 -36.08 16.01
CA LYS G 129 19.10 -37.19 16.63
C LYS G 129 18.26 -37.84 17.71
N TYR G 130 17.56 -37.04 18.51
CA TYR G 130 16.75 -37.53 19.61
C TYR G 130 15.27 -37.63 19.26
N LYS G 131 14.88 -37.27 18.04
CA LYS G 131 13.49 -37.39 17.57
C LYS G 131 12.52 -36.60 18.45
N ALA G 132 12.92 -35.40 18.85
CA ALA G 132 12.14 -34.61 19.78
C ALA G 132 10.96 -33.92 19.10
N THR G 133 9.92 -33.69 19.89
CA THR G 133 8.77 -32.89 19.46
C THR G 133 8.47 -31.74 20.40
N ARG G 134 9.13 -31.68 21.56
CA ARG G 134 8.95 -30.62 22.53
C ARG G 134 10.31 -30.02 22.89
N VAL G 135 10.37 -28.69 23.00
CA VAL G 135 11.62 -28.00 23.30
C VAL G 135 11.35 -26.95 24.38
N SER G 136 12.28 -26.83 25.33
CA SER G 136 12.23 -25.82 26.38
C SER G 136 13.46 -24.93 26.34
N ILE G 137 13.26 -23.62 26.38
CA ILE G 137 14.31 -22.62 26.41
C ILE G 137 14.19 -21.93 27.76
N ASP G 138 15.17 -22.10 28.63
CA ASP G 138 15.01 -21.71 30.03
C ASP G 138 15.32 -20.25 30.32
N SER G 139 16.07 -19.56 29.45
CA SER G 139 16.30 -18.14 29.69
C SER G 139 16.69 -17.39 28.41
N VAL G 140 15.71 -17.20 27.51
CA VAL G 140 15.93 -16.30 26.38
C VAL G 140 16.26 -14.90 26.85
N THR G 141 15.66 -14.47 27.95
CA THR G 141 15.98 -13.17 28.53
C THR G 141 17.46 -13.04 28.86
N ALA G 142 18.10 -14.15 29.24
CA ALA G 142 19.51 -14.11 29.61
C ALA G 142 20.41 -13.81 28.43
N VAL G 143 19.96 -14.09 27.19
CA VAL G 143 20.79 -13.83 26.02
C VAL G 143 21.00 -12.33 25.83
N PHE G 144 19.98 -11.52 26.14
CA PHE G 144 20.17 -10.08 26.10
C PHE G 144 21.24 -9.64 27.08
N GLN G 145 21.33 -10.29 28.24
CA GLN G 145 22.30 -9.92 29.26
C GLN G 145 23.69 -10.43 28.94
N GLN G 146 23.80 -11.57 28.24
CA GLN G 146 25.09 -12.13 27.93
C GLN G 146 25.75 -11.49 26.72
N TYR G 147 24.95 -10.92 25.81
CA TYR G 147 25.47 -10.26 24.62
C TYR G 147 24.86 -8.87 24.56
N ASP G 148 25.70 -7.85 24.69
CA ASP G 148 25.23 -6.47 24.77
C ASP G 148 25.00 -5.86 23.39
N ALA G 149 24.35 -6.64 22.53
CA ALA G 149 23.90 -6.22 21.20
C ALA G 149 22.43 -6.60 21.13
N ALA G 150 21.57 -5.70 21.62
CA ALA G 150 20.15 -6.00 21.75
C ALA G 150 19.51 -6.32 20.40
N SER G 151 19.80 -5.51 19.38
CA SER G 151 19.18 -5.73 18.08
C SER G 151 19.64 -7.04 17.45
N VAL G 152 20.92 -7.37 17.62
CA VAL G 152 21.43 -8.65 17.13
C VAL G 152 20.74 -9.80 17.84
N VAL G 153 20.53 -9.68 19.15
CA VAL G 153 19.94 -10.77 19.92
C VAL G 153 18.47 -10.97 19.51
N ARG G 154 17.70 -9.88 19.44
CA ARG G 154 16.31 -9.98 19.01
C ARG G 154 16.20 -10.68 17.66
N ARG G 155 17.05 -10.28 16.71
CA ARG G 155 17.03 -10.87 15.39
C ARG G 155 17.33 -12.35 15.43
N GLU G 156 18.28 -12.76 16.27
CA GLU G 156 18.65 -14.17 16.32
C GLU G 156 17.64 -15.00 17.10
N ILE G 157 16.93 -14.39 18.06
CA ILE G 157 15.85 -15.11 18.72
C ILE G 157 14.70 -15.33 17.74
N PHE G 158 14.39 -14.31 16.92
CA PHE G 158 13.39 -14.49 15.87
C PHE G 158 13.77 -15.61 14.93
N ARG G 159 15.05 -15.69 14.56
CA ARG G 159 15.52 -16.78 13.71
C ARG G 159 15.39 -18.12 14.43
N LEU G 160 15.65 -18.14 15.75
CA LEU G 160 15.48 -19.38 16.52
C LEU G 160 14.02 -19.83 16.53
N ALA G 161 13.09 -18.90 16.84
CA ALA G 161 11.68 -19.26 16.84
C ALA G 161 11.21 -19.69 15.47
N PHE G 162 11.80 -19.13 14.41
CA PHE G 162 11.41 -19.50 13.05
C PHE G 162 11.97 -20.87 12.67
N ARG G 163 13.23 -21.14 13.02
CA ARG G 163 13.82 -22.44 12.72
C ARG G 163 13.18 -23.54 13.55
N LEU G 164 12.79 -23.24 14.79
CA LEU G 164 12.10 -24.21 15.63
C LEU G 164 10.71 -24.53 15.10
N ALA G 165 9.93 -23.50 14.74
CA ALA G 165 8.60 -23.73 14.22
C ALA G 165 8.63 -24.43 12.87
N GLN G 166 9.64 -24.12 12.05
CA GLN G 166 9.78 -24.78 10.76
C GLN G 166 10.05 -26.27 10.94
N LEU G 167 10.77 -26.65 12.00
CA LEU G 167 11.05 -28.05 12.29
C LEU G 167 9.85 -28.78 12.88
N GLY G 168 8.76 -28.07 13.17
CA GLY G 168 7.54 -28.69 13.64
C GLY G 168 7.48 -28.94 15.13
N VAL G 169 8.53 -28.64 15.88
CA VAL G 169 8.53 -28.85 17.32
C VAL G 169 7.72 -27.75 18.00
N THR G 170 7.16 -28.08 19.15
CA THR G 170 6.43 -27.12 19.96
C THR G 170 7.33 -26.67 21.11
N THR G 171 7.56 -25.36 21.19
CA THR G 171 8.62 -24.81 22.02
C THR G 171 8.06 -23.93 23.12
N ILE G 172 8.82 -23.84 24.21
CA ILE G 172 8.53 -22.94 25.32
C ILE G 172 9.77 -22.09 25.55
N MET G 173 9.60 -20.77 25.48
CA MET G 173 10.66 -19.82 25.77
C MET G 173 10.27 -19.04 27.01
N THR G 174 11.06 -19.17 28.07
CA THR G 174 10.77 -18.43 29.30
C THR G 174 11.54 -17.11 29.29
N THR G 175 10.89 -16.06 29.76
CA THR G 175 11.45 -14.72 29.75
C THR G 175 11.11 -14.01 31.05
N GLU G 176 12.03 -13.15 31.51
CA GLU G 176 11.75 -12.34 32.67
C GLU G 176 10.86 -11.15 32.30
N ARG G 177 10.22 -10.58 33.32
CA ARG G 177 9.37 -9.41 33.18
C ARG G 177 10.03 -8.36 34.07
N VAL G 178 10.94 -7.60 33.49
CA VAL G 178 11.68 -6.59 34.23
C VAL G 178 10.87 -5.30 34.28
N ASP G 179 10.90 -4.64 35.44
CA ASP G 179 10.25 -3.34 35.57
C ASP G 179 11.02 -2.25 34.83
N GLU G 180 12.34 -2.37 34.74
CA GLU G 180 13.13 -1.49 33.90
C GLU G 180 12.69 -1.59 32.44
N TYR G 181 12.95 -0.52 31.69
CA TYR G 181 12.60 -0.42 30.27
C TYR G 181 13.83 -0.59 29.39
N GLY G 182 13.86 -1.68 28.63
CA GLY G 182 14.96 -1.91 27.71
C GLY G 182 14.63 -2.98 26.68
N PRO G 183 15.66 -3.59 26.12
CA PRO G 183 15.41 -4.66 25.13
C PRO G 183 14.69 -5.85 25.72
N VAL G 184 14.89 -6.14 27.00
CA VAL G 184 14.27 -7.31 27.60
C VAL G 184 12.80 -7.03 27.88
N ALA G 185 12.49 -5.83 28.35
CA ALA G 185 11.09 -5.45 28.53
C ALA G 185 10.38 -5.28 27.20
N ARG G 186 11.11 -4.89 26.15
CA ARG G 186 10.52 -4.81 24.82
C ARG G 186 10.33 -6.18 24.19
N PHE G 187 11.08 -7.20 24.62
CA PHE G 187 10.94 -8.50 23.99
C PHE G 187 9.68 -9.24 24.43
N GLY G 188 8.92 -8.71 25.37
CA GLY G 188 7.68 -9.37 25.72
C GLY G 188 6.60 -8.99 24.74
N VAL G 189 6.66 -7.72 24.30
CA VAL G 189 5.72 -7.18 23.33
C VAL G 189 6.19 -7.31 21.88
N GLU G 190 7.37 -7.87 21.62
CA GLU G 190 7.83 -8.03 20.24
C GLU G 190 6.79 -8.78 19.41
N GLU G 191 6.86 -8.65 18.09
CA GLU G 191 5.77 -9.10 17.22
C GLU G 191 5.69 -10.61 17.04
N PHE G 192 6.63 -11.19 16.27
CA PHE G 192 6.61 -12.62 15.95
C PHE G 192 6.59 -13.52 17.19
N VAL G 193 7.20 -13.10 18.30
CA VAL G 193 7.31 -13.98 19.45
C VAL G 193 6.22 -13.79 20.50
N SER G 194 5.37 -12.78 20.37
CA SER G 194 4.36 -12.50 21.39
C SER G 194 3.03 -13.18 21.10
N ASP G 195 2.98 -14.09 20.12
CA ASP G 195 1.70 -14.64 19.71
C ASP G 195 1.08 -15.49 20.81
N ASN G 196 1.91 -16.11 21.65
CA ASN G 196 1.44 -17.00 22.70
C ASN G 196 2.20 -16.63 23.97
N VAL G 197 1.52 -16.01 24.93
CA VAL G 197 2.16 -15.47 26.13
C VAL G 197 1.34 -15.88 27.35
N VAL G 198 1.99 -16.60 28.27
CA VAL G 198 1.43 -16.89 29.60
C VAL G 198 2.25 -16.14 30.63
N ILE G 199 1.57 -15.47 31.56
CA ILE G 199 2.21 -14.64 32.58
C ILE G 199 2.16 -15.36 33.92
N LEU G 200 3.30 -15.48 34.58
CA LEU G 200 3.41 -16.08 35.90
C LEU G 200 3.77 -14.98 36.91
N ARG G 201 3.05 -14.94 38.02
CA ARG G 201 3.24 -13.91 39.04
C ARG G 201 3.53 -14.54 40.40
N ASN G 202 3.79 -13.67 41.38
CA ASN G 202 4.29 -14.12 42.69
C ASN G 202 4.06 -12.90 43.65
N VAL G 203 2.86 -12.89 44.22
CA VAL G 203 2.33 -11.70 44.90
C VAL G 203 2.77 -11.65 46.35
N LEU G 204 3.18 -10.46 46.78
CA LEU G 204 3.76 -10.19 48.10
C LEU G 204 2.76 -9.56 49.06
N GLU G 205 1.54 -10.09 49.17
CA GLU G 205 0.55 -9.54 50.10
C GLU G 205 0.52 -10.35 51.40
N GLY G 206 1.00 -9.73 52.47
CA GLY G 206 1.05 -10.27 53.82
C GLY G 206 1.85 -11.54 54.07
N GLU G 207 1.16 -12.66 54.31
CA GLU G 207 1.81 -13.93 54.55
C GLU G 207 1.51 -14.99 53.51
N ARG G 208 0.39 -14.87 52.80
CA ARG G 208 0.02 -15.85 51.80
C ARG G 208 0.79 -15.59 50.51
N ARG G 209 1.38 -16.65 49.95
CA ARG G 209 2.13 -16.54 48.71
C ARG G 209 1.17 -16.93 47.59
N ARG G 210 0.67 -15.93 46.88
CA ARG G 210 -0.29 -16.17 45.81
C ARG G 210 0.44 -16.29 44.48
N ARG G 211 0.42 -17.49 43.91
CA ARG G 211 0.94 -17.73 42.59
C ARG G 211 -0.23 -17.67 41.63
N THR G 212 -0.07 -16.95 40.53
CA THR G 212 -1.13 -16.83 39.55
C THR G 212 -0.58 -17.06 38.15
N VAL G 213 -1.40 -17.69 37.32
CA VAL G 213 -1.10 -17.89 35.92
C VAL G 213 -2.17 -17.19 35.10
N GLU G 214 -1.76 -16.60 33.98
CA GLU G 214 -2.69 -15.96 33.07
C GLU G 214 -2.28 -16.31 31.65
N ILE G 215 -3.25 -16.72 30.84
CA ILE G 215 -3.02 -16.88 29.42
C ILE G 215 -3.35 -15.52 28.81
N LEU G 216 -2.31 -14.74 28.51
CA LEU G 216 -2.54 -13.38 28.02
C LEU G 216 -3.10 -13.43 26.61
N LYS G 217 -2.39 -14.07 25.69
CA LYS G 217 -2.92 -14.21 24.35
C LYS G 217 -2.49 -15.55 23.76
N LEU G 218 -3.42 -16.15 23.01
CA LEU G 218 -3.21 -17.36 22.24
C LEU G 218 -3.98 -17.10 20.96
N ARG G 219 -3.63 -15.99 20.30
CA ARG G 219 -4.36 -15.55 19.13
C ARG G 219 -4.41 -16.64 18.07
N GLY G 220 -5.53 -16.67 17.35
CA GLY G 220 -5.87 -17.76 16.48
C GLY G 220 -6.54 -18.91 17.18
N THR G 221 -6.67 -18.86 18.51
CA THR G 221 -7.40 -19.86 19.26
C THR G 221 -7.94 -19.24 20.55
N THR G 222 -8.82 -19.99 21.22
CA THR G 222 -9.51 -19.55 22.42
C THR G 222 -8.74 -19.87 23.70
N HIS G 223 -8.88 -18.99 24.68
CA HIS G 223 -8.29 -19.19 26.00
C HIS G 223 -9.19 -18.51 27.03
N MET G 224 -8.85 -18.71 28.30
CA MET G 224 -9.55 -18.06 29.39
C MET G 224 -8.86 -16.76 29.78
N LYS G 225 -9.64 -15.68 29.85
CA LYS G 225 -9.10 -14.40 30.28
C LYS G 225 -9.04 -14.33 31.80
N GLY G 226 -8.09 -13.54 32.29
CA GLY G 226 -7.92 -13.33 33.71
C GLY G 226 -6.92 -14.27 34.34
N GLU G 227 -6.62 -13.99 35.61
CA GLU G 227 -5.63 -14.74 36.37
C GLU G 227 -6.28 -15.90 37.14
N TYR G 228 -5.53 -16.99 37.25
CA TYR G 228 -6.00 -18.16 37.99
C TYR G 228 -4.91 -18.62 38.97
N PRO G 229 -5.27 -18.88 40.23
CA PRO G 229 -4.25 -19.24 41.23
C PRO G 229 -3.78 -20.68 41.09
N PHE G 230 -2.49 -20.88 41.32
CA PHE G 230 -1.91 -22.23 41.34
C PHE G 230 -0.97 -22.40 42.53
N THR G 231 -0.78 -23.65 42.92
CA THR G 231 0.15 -24.04 43.97
C THR G 231 1.09 -25.10 43.43
N ILE G 232 2.16 -25.39 44.17
CA ILE G 232 3.24 -26.23 43.67
C ILE G 232 3.35 -27.48 44.55
N ASN G 233 2.84 -28.61 44.04
CA ASN G 233 2.99 -29.93 44.65
C ASN G 233 3.37 -30.89 43.54
N ASN G 234 4.67 -31.11 43.34
CA ASN G 234 5.20 -32.01 42.31
C ASN G 234 4.62 -31.65 40.94
N GLY G 235 4.73 -30.37 40.61
CA GLY G 235 4.17 -29.79 39.41
C GLY G 235 3.40 -28.53 39.72
N ILE G 236 2.68 -28.03 38.72
CA ILE G 236 1.85 -26.84 38.83
C ILE G 236 0.39 -27.26 38.89
N ASN G 237 -0.37 -26.65 39.80
CA ASN G 237 -1.73 -27.12 40.12
C ASN G 237 -2.65 -25.91 40.19
N ILE G 238 -3.38 -25.66 39.10
CA ILE G 238 -4.24 -24.49 38.94
C ILE G 238 -5.69 -24.84 39.25
N PHE G 239 -6.41 -23.89 39.86
CA PHE G 239 -7.77 -24.10 40.33
C PHE G 239 -8.78 -23.43 39.41
N ASP G 240 -8.58 -23.56 38.09
CA ASP G 240 -9.48 -22.97 37.10
C ASP G 240 -10.94 -23.12 37.49
N TYR G 241 -11.73 -22.09 37.18
CA TYR G 241 -13.12 -22.05 37.56
C TYR G 241 -14.04 -22.31 36.37
N ALA H 9 51.63 -26.71 19.10
CA ALA H 9 51.99 -25.93 20.28
C ALA H 9 50.86 -24.98 20.66
N LEU H 10 50.32 -24.32 19.63
CA LEU H 10 49.13 -23.47 19.76
C LEU H 10 48.10 -24.01 18.78
N SER H 11 46.89 -24.24 19.26
CA SER H 11 45.84 -24.81 18.43
C SER H 11 44.64 -23.87 18.45
N LEU H 12 44.14 -23.55 17.27
CA LEU H 12 42.99 -22.66 17.13
C LEU H 12 41.92 -23.35 16.30
N LEU H 13 40.66 -23.10 16.64
CA LEU H 13 39.52 -23.64 15.91
C LEU H 13 38.64 -22.47 15.49
N LEU H 14 38.37 -22.35 14.20
CA LEU H 14 37.55 -21.27 13.67
C LEU H 14 36.23 -21.89 13.22
N PHE H 15 35.18 -21.66 14.02
CA PHE H 15 33.86 -22.18 13.73
C PHE H 15 33.10 -21.14 12.92
N VAL H 16 32.65 -21.54 11.73
CA VAL H 16 32.07 -20.60 10.77
C VAL H 16 30.79 -21.19 10.21
N ALA H 17 29.80 -20.34 9.97
CA ALA H 17 28.59 -20.75 9.26
C ALA H 17 28.80 -20.64 7.76
N ASN H 18 27.76 -20.94 6.98
CA ASN H 18 27.86 -20.87 5.53
C ASN H 18 26.61 -20.22 4.94
N ARG H 19 26.14 -19.15 5.56
CA ARG H 19 25.08 -18.33 4.97
C ARG H 19 25.71 -17.32 4.02
N PRO H 20 24.92 -16.56 3.26
CA PRO H 20 25.50 -15.60 2.31
C PRO H 20 26.45 -14.63 2.98
N GLY H 21 27.62 -14.45 2.36
CA GLY H 21 28.66 -13.59 2.86
C GLY H 21 29.56 -14.21 3.91
N ASP H 22 29.14 -15.32 4.53
CA ASP H 22 30.00 -15.96 5.51
C ASP H 22 31.26 -16.54 4.87
N GLU H 23 31.13 -17.11 3.68
CA GLU H 23 32.29 -17.70 3.02
C GLU H 23 33.36 -16.66 2.73
N GLU H 24 32.99 -15.55 2.09
CA GLU H 24 33.94 -14.51 1.77
C GLU H 24 34.57 -13.92 3.04
N GLU H 25 33.75 -13.75 4.09
CA GLU H 25 34.24 -13.12 5.31
C GLU H 25 35.18 -14.03 6.07
N THR H 26 34.87 -15.32 6.15
CA THR H 26 35.70 -16.25 6.92
C THR H 26 37.02 -16.52 6.23
N ALA H 27 37.06 -16.48 4.90
CA ALA H 27 38.34 -16.60 4.20
C ALA H 27 39.27 -15.45 4.57
N ALA H 28 38.73 -14.25 4.78
CA ALA H 28 39.55 -13.10 5.10
C ALA H 28 40.15 -13.21 6.50
N ILE H 29 39.33 -13.59 7.48
CA ILE H 29 39.84 -13.74 8.84
C ILE H 29 40.85 -14.88 8.92
N GLN H 30 40.62 -15.96 8.18
CA GLN H 30 41.56 -17.08 8.17
C GLN H 30 42.90 -16.66 7.57
N ALA H 31 42.86 -15.83 6.52
CA ALA H 31 44.10 -15.35 5.93
C ALA H 31 44.89 -14.49 6.90
N HIS H 32 44.18 -13.69 7.71
CA HIS H 32 44.86 -12.85 8.70
C HIS H 32 45.58 -13.69 9.74
N ILE H 33 44.88 -14.67 10.33
CA ILE H 33 45.44 -15.47 11.40
C ILE H 33 46.67 -16.24 10.91
N GLN H 34 46.62 -16.78 9.69
CA GLN H 34 47.70 -17.63 9.22
C GLN H 34 48.98 -16.85 8.92
N GLN H 35 48.87 -15.55 8.63
CA GLN H 35 50.04 -14.71 8.38
C GLN H 35 50.56 -14.06 9.66
N LEU H 36 49.99 -14.39 10.81
CA LEU H 36 50.43 -13.77 12.05
C LEU H 36 51.83 -14.27 12.42
N PRO H 37 52.72 -13.38 12.83
CA PRO H 37 54.10 -13.79 13.16
C PRO H 37 54.15 -14.67 14.40
N SER H 38 54.87 -15.78 14.29
CA SER H 38 55.05 -16.69 15.41
C SER H 38 56.38 -17.41 15.27
N ASN H 39 57.03 -17.68 16.41
CA ASN H 39 58.28 -18.41 16.43
C ASN H 39 58.09 -19.89 16.72
N PHE H 40 56.91 -20.29 17.17
CA PHE H 40 56.50 -21.68 17.31
C PHE H 40 55.48 -22.01 16.23
N SER H 41 55.16 -23.29 16.10
CA SER H 41 54.17 -23.74 15.14
C SER H 41 52.79 -23.76 15.80
N PHE H 42 51.81 -23.19 15.11
CA PHE H 42 50.45 -23.20 15.62
C PHE H 42 49.49 -23.81 14.61
N GLU H 43 48.33 -24.22 15.12
CA GLU H 43 47.30 -24.89 14.33
C GLU H 43 46.12 -23.94 14.10
N LEU H 44 45.38 -24.19 13.03
CA LEU H 44 44.23 -23.34 12.67
C LEU H 44 43.30 -24.20 11.81
N LYS H 45 42.39 -24.91 12.47
CA LYS H 45 41.37 -25.67 11.79
C LYS H 45 40.13 -24.82 11.58
N VAL H 46 39.66 -24.76 10.34
CA VAL H 46 38.43 -24.05 10.01
C VAL H 46 37.30 -25.07 10.10
N VAL H 47 36.33 -24.79 10.96
CA VAL H 47 35.27 -25.76 11.23
C VAL H 47 33.95 -25.21 10.73
N PRO H 48 33.46 -25.69 9.57
CA PRO H 48 32.09 -25.36 9.17
C PRO H 48 31.10 -26.02 10.12
N ILE H 49 30.21 -25.21 10.69
CA ILE H 49 29.32 -25.72 11.73
C ILE H 49 28.34 -26.73 11.17
N GLY H 50 27.98 -26.59 9.89
CA GLY H 50 27.09 -27.56 9.27
C GLY H 50 27.71 -28.92 9.09
N GLU H 51 29.04 -28.99 9.05
CA GLU H 51 29.74 -30.23 8.77
C GLU H 51 30.24 -30.91 10.03
N GLN H 52 30.27 -30.21 11.17
CA GLN H 52 30.80 -30.74 12.42
C GLN H 52 29.89 -30.38 13.58
N PRO H 53 28.72 -31.03 13.67
CA PRO H 53 27.86 -30.78 14.84
C PRO H 53 28.38 -31.40 16.12
N TYR H 54 29.03 -32.56 16.03
CA TYR H 54 29.65 -33.16 17.21
C TYR H 54 30.67 -32.23 17.85
N LEU H 55 31.34 -31.41 17.05
CA LEU H 55 32.31 -30.47 17.58
C LEU H 55 31.61 -29.28 18.23
N LEU H 56 30.45 -28.90 17.69
CA LEU H 56 29.66 -27.83 18.28
C LEU H 56 29.28 -28.15 19.73
N GLU H 57 29.00 -29.42 20.01
CA GLU H 57 28.64 -29.82 21.37
C GLU H 57 29.86 -29.87 22.29
N GLU H 58 31.00 -30.34 21.78
CA GLU H 58 32.18 -30.49 22.61
C GLU H 58 32.60 -29.15 23.22
N TYR H 59 32.43 -28.07 22.48
CA TYR H 59 32.86 -26.75 22.95
C TYR H 59 31.69 -25.86 23.32
N LYS H 60 30.50 -26.44 23.48
CA LYS H 60 29.28 -25.74 23.87
C LYS H 60 29.16 -24.37 23.20
N LEU H 61 29.11 -24.41 21.87
CA LEU H 61 29.13 -23.21 21.05
C LEU H 61 27.75 -22.59 20.92
N VAL H 62 27.73 -21.26 20.82
CA VAL H 62 26.49 -20.51 20.70
C VAL H 62 26.58 -19.49 19.57
N ALA H 63 27.47 -18.51 19.72
CA ALA H 63 27.60 -17.42 18.76
C ALA H 63 28.59 -17.75 17.65
N THR H 64 28.35 -17.17 16.48
CA THR H 64 29.13 -17.41 15.26
C THR H 64 29.36 -16.09 14.53
N PRO H 65 30.57 -15.87 13.97
CA PRO H 65 31.72 -16.78 14.00
C PRO H 65 32.44 -16.76 15.33
N ALA H 66 33.14 -17.85 15.65
CA ALA H 66 33.81 -18.00 16.93
C ALA H 66 35.14 -18.71 16.73
N LEU H 67 36.20 -18.13 17.27
CA LEU H 67 37.52 -18.75 17.26
C LEU H 67 37.86 -19.15 18.70
N ILE H 68 38.06 -20.44 18.91
CA ILE H 68 38.35 -20.99 20.23
C ILE H 68 39.81 -21.39 20.27
N LYS H 69 40.54 -20.84 21.24
CA LYS H 69 41.91 -21.26 21.53
C LYS H 69 41.85 -22.44 22.51
N VAL H 70 42.19 -23.63 22.03
CA VAL H 70 42.06 -24.85 22.82
C VAL H 70 43.33 -25.08 23.61
N ARG H 71 44.46 -25.26 22.92
CA ARG H 71 45.80 -25.39 23.48
C ARG H 71 46.54 -24.08 23.29
N PRO H 72 47.41 -23.66 24.23
CA PRO H 72 47.63 -23.99 25.64
C PRO H 72 46.58 -23.38 26.59
N GLU H 73 45.99 -24.21 27.46
CA GLU H 73 45.03 -23.77 28.46
C GLU H 73 45.57 -22.53 29.20
N PRO H 74 44.71 -21.62 29.67
CA PRO H 74 43.24 -21.67 29.68
C PRO H 74 42.59 -21.51 28.32
N ARG H 75 41.57 -22.31 28.04
CA ARG H 75 40.83 -22.18 26.80
C ARG H 75 40.13 -20.82 26.73
N GLN H 76 40.09 -20.24 25.53
CA GLN H 76 39.51 -18.92 25.32
C GLN H 76 38.64 -18.96 24.08
N THR H 77 37.63 -18.09 24.04
CA THR H 77 36.75 -17.92 22.90
C THR H 77 36.67 -16.45 22.50
N LEU H 78 36.92 -16.18 21.22
CA LEU H 78 36.76 -14.85 20.64
C LEU H 78 35.76 -14.96 19.51
N ALA H 79 34.69 -14.19 19.58
CA ALA H 79 33.55 -14.34 18.67
C ALA H 79 33.18 -12.98 18.09
N GLY H 80 32.33 -13.02 17.08
CA GLY H 80 31.92 -11.83 16.39
C GLY H 80 32.64 -11.66 15.06
N ARG H 81 31.99 -10.96 14.13
CA ARG H 81 32.54 -10.76 12.80
C ARG H 81 33.74 -9.82 12.81
N LYS H 82 33.97 -9.10 13.91
CA LYS H 82 35.13 -8.25 14.09
C LYS H 82 36.11 -8.82 15.12
N LEU H 83 36.21 -10.14 15.22
CA LEU H 83 37.05 -10.76 16.24
C LEU H 83 38.54 -10.58 15.97
N LEU H 84 38.94 -10.18 14.76
CA LEU H 84 40.35 -9.95 14.48
C LEU H 84 40.95 -8.97 15.46
N GLN H 85 40.17 -7.95 15.87
CA GLN H 85 40.63 -7.02 16.89
C GLN H 85 40.96 -7.74 18.20
N LYS H 86 40.26 -8.84 18.49
CA LYS H 86 40.53 -9.58 19.72
C LYS H 86 41.72 -10.52 19.57
N VAL H 87 41.93 -11.06 18.36
CA VAL H 87 43.15 -11.81 18.09
C VAL H 87 44.37 -10.89 18.12
N ASP H 88 44.24 -9.70 17.53
CA ASP H 88 45.35 -8.75 17.51
C ASP H 88 45.80 -8.38 18.92
N TYR H 89 44.85 -8.18 19.83
CA TYR H 89 45.18 -7.94 21.22
C TYR H 89 45.88 -9.15 21.85
N TRP H 90 45.29 -10.33 21.65
CA TRP H 90 45.74 -11.52 22.38
C TRP H 90 46.98 -12.17 21.80
N TRP H 91 47.34 -11.88 20.54
CA TRP H 91 48.46 -12.58 19.91
C TRP H 91 49.77 -12.43 20.69
N PRO H 92 50.17 -11.24 21.14
CA PRO H 92 51.39 -11.18 21.98
C PRO H 92 51.30 -11.98 23.25
N ARG H 93 50.13 -12.01 23.91
CA ARG H 93 50.02 -12.80 25.13
C ARG H 93 50.08 -14.29 24.85
N TRP H 94 49.48 -14.74 23.74
CA TRP H 94 49.51 -16.16 23.43
C TRP H 94 50.92 -16.63 23.13
N GLN H 95 51.76 -15.76 22.55
CA GLN H 95 53.14 -16.14 22.33
C GLN H 95 53.94 -16.16 23.62
N ARG H 96 53.41 -15.53 24.68
CA ARG H 96 54.05 -15.60 25.99
C ARG H 96 53.59 -16.83 26.76
N GLU H 97 52.33 -17.21 26.59
CA GLU H 97 51.82 -18.42 27.24
C GLU H 97 52.40 -19.66 26.58
N VAL H 98 52.76 -19.58 25.30
CA VAL H 98 53.31 -20.72 24.59
C VAL H 98 54.79 -20.90 24.93
N ALA H 99 55.53 -19.79 25.02
CA ALA H 99 56.93 -19.89 25.40
C ALA H 99 57.11 -20.19 26.88
N LEU H 100 56.13 -19.84 27.72
CA LEU H 100 56.30 -20.02 29.16
C LEU H 100 56.34 -21.49 29.53
N ASP H 101 55.38 -22.28 29.05
CA ASP H 101 55.39 -23.72 29.28
C ASP H 101 56.32 -24.46 28.30
N TYR H 102 57.39 -23.81 27.84
CA TYR H 102 58.50 -24.47 27.14
C TYR H 102 58.05 -25.32 25.96
N LYS I 12 1.83 -1.50 48.14
CA LYS I 12 1.28 -2.30 47.06
C LYS I 12 0.23 -1.56 46.25
N LYS I 13 -0.76 -1.00 46.94
CA LYS I 13 -1.86 -0.31 46.28
C LYS I 13 -2.15 1.01 46.95
N ILE I 14 -2.53 1.99 46.14
CA ILE I 14 -2.97 3.30 46.61
C ILE I 14 -4.49 3.31 46.63
N PRO I 15 -5.13 3.90 47.63
CA PRO I 15 -6.59 3.91 47.67
C PRO I 15 -7.16 4.85 46.63
N THR I 16 -8.24 4.42 46.00
CA THR I 16 -8.92 5.27 45.03
C THR I 16 -9.95 6.18 45.69
N MET I 17 -10.49 5.77 46.83
CA MET I 17 -11.53 6.52 47.55
C MET I 17 -12.80 6.65 46.72
N ILE I 18 -12.83 6.05 45.54
CA ILE I 18 -14.09 5.85 44.83
C ILE I 18 -14.94 4.88 45.62
N GLU I 19 -16.16 5.30 45.94
CA GLU I 19 -17.00 4.56 46.89
C GLU I 19 -17.25 3.15 46.39
N GLY I 20 -16.80 2.17 47.17
CA GLY I 20 -16.96 0.76 46.85
C GLY I 20 -15.81 0.14 46.12
N PHE I 21 -15.02 0.93 45.39
CA PHE I 21 -13.98 0.35 44.55
C PHE I 21 -12.84 -0.23 45.39
N ASP I 22 -12.45 0.43 46.48
CA ASP I 22 -11.37 -0.08 47.31
C ASP I 22 -11.74 -1.39 48.00
N ASP I 23 -13.04 -1.68 48.12
CA ASP I 23 -13.45 -2.98 48.62
C ASP I 23 -13.47 -4.01 47.49
N ILE I 24 -13.81 -3.58 46.28
CA ILE I 24 -13.77 -4.47 45.13
C ILE I 24 -12.33 -4.85 44.80
N SER I 25 -11.43 -3.89 44.87
CA SER I 25 -10.03 -4.13 44.52
C SER I 25 -9.23 -4.73 45.66
N HIS I 26 -9.81 -4.82 46.86
CA HIS I 26 -9.12 -5.33 48.05
C HIS I 26 -7.86 -4.52 48.36
N GLY I 27 -8.01 -3.20 48.32
CA GLY I 27 -6.93 -2.31 48.69
C GLY I 27 -6.89 -1.02 47.89
N GLY I 28 -7.13 -1.13 46.58
CA GLY I 28 -7.08 0.03 45.70
C GLY I 28 -6.36 -0.23 44.40
N LEU I 29 -5.82 0.82 43.79
CA LEU I 29 -5.07 0.56 42.56
C LEU I 29 -3.58 0.36 42.87
N PRO I 30 -2.95 -0.58 42.17
CA PRO I 30 -1.51 -0.82 42.39
C PRO I 30 -0.67 0.44 42.23
N GLN I 31 0.13 0.73 43.25
CA GLN I 31 0.91 1.96 43.27
C GLN I 31 2.09 1.85 42.33
N GLY I 32 2.44 2.97 41.70
CA GLY I 32 3.58 2.98 40.78
C GLY I 32 3.34 2.28 39.47
N ALA I 33 2.07 2.02 39.13
CA ALA I 33 1.73 1.35 37.88
C ALA I 33 0.57 2.07 37.22
N THR I 34 0.32 1.71 35.97
CA THR I 34 -0.81 2.23 35.20
C THR I 34 -1.93 1.20 35.22
N THR I 35 -3.16 1.68 35.36
CA THR I 35 -4.34 0.83 35.38
C THR I 35 -5.23 1.14 34.18
N LEU I 36 -5.68 0.10 33.49
CA LEU I 36 -6.52 0.26 32.31
C LEU I 36 -7.98 0.40 32.75
N VAL I 37 -8.60 1.53 32.43
CA VAL I 37 -10.03 1.74 32.64
C VAL I 37 -10.68 1.71 31.27
N SER I 38 -11.32 0.58 30.94
CA SER I 38 -11.81 0.31 29.59
C SER I 38 -13.32 0.20 29.61
N GLY I 39 -13.98 0.86 28.66
CA GLY I 39 -15.42 0.77 28.53
C GLY I 39 -15.86 1.41 27.24
N THR I 40 -17.13 1.18 26.91
CA THR I 40 -17.72 1.77 25.72
C THR I 40 -17.97 3.26 25.97
N SER I 41 -18.61 3.92 25.02
CA SER I 41 -18.88 5.35 25.16
C SER I 41 -19.94 5.59 26.22
N GLY I 42 -19.76 6.66 27.00
CA GLY I 42 -20.72 7.00 28.03
C GLY I 42 -20.80 6.03 29.18
N THR I 43 -19.71 5.34 29.51
CA THR I 43 -19.70 4.39 30.61
C THR I 43 -19.17 4.95 31.91
N GLY I 44 -18.54 6.12 31.88
CA GLY I 44 -17.99 6.72 33.08
C GLY I 44 -16.47 6.71 33.18
N LYS I 45 -15.77 6.51 32.07
CA LYS I 45 -14.31 6.45 32.11
C LYS I 45 -13.73 7.80 32.56
N THR I 46 -14.10 8.86 31.84
CA THR I 46 -13.60 10.19 32.18
C THR I 46 -13.97 10.56 33.61
N LEU I 47 -15.16 10.18 34.07
CA LEU I 47 -15.56 10.43 35.44
C LEU I 47 -14.67 9.68 36.42
N PHE I 48 -14.46 8.39 36.17
CA PHE I 48 -13.53 7.60 37.00
C PHE I 48 -12.15 8.23 37.03
N ALA I 49 -11.67 8.69 35.87
CA ALA I 49 -10.33 9.28 35.80
C ALA I 49 -10.24 10.59 36.58
N VAL I 50 -11.30 11.41 36.52
CA VAL I 50 -11.28 12.69 37.24
C VAL I 50 -11.38 12.47 38.75
N GLN I 51 -12.23 11.54 39.18
CA GLN I 51 -12.41 11.29 40.61
C GLN I 51 -11.13 10.75 41.23
N PHE I 52 -10.39 9.93 40.49
CA PHE I 52 -9.14 9.38 41.03
C PHE I 52 -8.14 10.50 41.31
N LEU I 53 -8.11 11.53 40.46
CA LEU I 53 -7.23 12.66 40.70
C LEU I 53 -7.80 13.56 41.80
N TYR I 54 -9.11 13.79 41.76
CA TYR I 54 -9.74 14.66 42.75
C TYR I 54 -9.59 14.11 44.16
N ASN I 55 -9.82 12.80 44.33
CA ASN I 55 -9.73 12.20 45.66
C ASN I 55 -8.30 12.21 46.20
N GLY I 56 -7.32 11.98 45.32
CA GLY I 56 -5.93 12.07 45.75
C GLY I 56 -5.55 13.46 46.22
N ILE I 57 -6.04 14.49 45.52
CA ILE I 57 -5.76 15.88 45.88
C ILE I 57 -6.57 16.32 47.09
N THR I 58 -7.79 15.81 47.27
CA THR I 58 -8.70 16.34 48.28
C THR I 58 -8.52 15.65 49.62
N ILE I 59 -8.43 14.32 49.62
CA ILE I 59 -8.36 13.59 50.87
C ILE I 59 -6.92 13.51 51.37
N PHE I 60 -5.96 13.41 50.46
CA PHE I 60 -4.54 13.47 50.77
C PHE I 60 -3.95 14.69 50.07
N ASN I 61 -2.68 14.97 50.32
CA ASN I 61 -2.04 16.12 49.68
C ASN I 61 -1.12 15.72 48.54
N GLU I 62 -1.50 14.70 47.75
CA GLU I 62 -0.70 14.33 46.60
C GLU I 62 -1.30 14.92 45.33
N PRO I 63 -0.56 15.75 44.62
CA PRO I 63 -1.08 16.39 43.41
C PRO I 63 -1.23 15.41 42.25
N GLY I 64 -2.01 15.84 41.25
CA GLY I 64 -2.30 15.01 40.09
C GLY I 64 -2.21 15.80 38.80
N ILE I 65 -1.75 15.12 37.75
CA ILE I 65 -1.74 15.63 36.39
C ILE I 65 -2.80 14.91 35.58
N PHE I 66 -3.56 15.66 34.78
CA PHE I 66 -4.59 15.12 33.89
C PHE I 66 -4.19 15.39 32.45
N VAL I 67 -3.90 14.34 31.71
CA VAL I 67 -3.54 14.43 30.30
C VAL I 67 -4.78 14.12 29.46
N THR I 68 -5.22 15.10 28.68
CA THR I 68 -6.39 14.94 27.82
C THR I 68 -5.99 15.05 26.36
N PHE I 69 -6.53 14.14 25.54
CA PHE I 69 -6.27 14.12 24.11
C PHE I 69 -7.45 14.57 23.26
N GLU I 70 -8.67 14.47 23.79
CA GLU I 70 -9.88 14.85 23.08
C GLU I 70 -10.54 16.07 23.70
N GLU I 71 -10.97 15.97 24.96
CA GLU I 71 -11.65 17.08 25.60
C GLU I 71 -10.68 18.22 25.89
N SER I 72 -11.15 19.45 25.71
CA SER I 72 -10.32 20.59 26.03
C SER I 72 -10.32 20.84 27.53
N PRO I 73 -9.22 21.35 28.08
CA PRO I 73 -9.19 21.63 29.53
C PRO I 73 -10.32 22.52 30.01
N GLN I 74 -10.71 23.51 29.21
CA GLN I 74 -11.83 24.37 29.61
C GLN I 74 -13.12 23.58 29.66
N ASP I 75 -13.32 22.64 28.73
CA ASP I 75 -14.50 21.79 28.76
C ASP I 75 -14.45 20.79 29.92
N ILE I 76 -13.25 20.38 30.33
CA ILE I 76 -13.11 19.49 31.48
C ILE I 76 -13.59 20.17 32.75
N ILE I 77 -13.23 21.44 32.94
CA ILE I 77 -13.60 22.17 34.15
C ILE I 77 -15.09 22.48 34.18
N LYS I 78 -15.65 22.90 33.04
CA LYS I 78 -17.06 23.30 33.02
C LYS I 78 -17.96 22.14 33.40
N ASN I 79 -17.70 20.95 32.85
CA ASN I 79 -18.51 19.78 33.18
C ASN I 79 -18.26 19.28 34.59
N ALA I 80 -17.06 19.54 35.14
CA ALA I 80 -16.76 19.10 36.50
C ALA I 80 -17.64 19.81 37.51
N LEU I 81 -18.11 21.02 37.18
CA LEU I 81 -19.01 21.74 38.07
C LEU I 81 -20.32 20.99 38.28
N SER I 82 -20.71 20.12 37.36
CA SER I 82 -21.94 19.34 37.51
C SER I 82 -21.92 18.41 38.72
N PHE I 83 -20.75 18.20 39.33
CA PHE I 83 -20.63 17.38 40.53
C PHE I 83 -20.15 18.18 41.73
N GLY I 84 -20.10 19.50 41.63
CA GLY I 84 -19.60 20.31 42.73
C GLY I 84 -18.10 20.27 42.88
N TRP I 85 -17.37 19.80 41.87
CA TRP I 85 -15.93 19.69 41.93
C TRP I 85 -15.33 20.89 41.19
N ASN I 86 -14.72 21.81 41.93
CA ASN I 86 -14.08 22.98 41.33
C ASN I 86 -12.65 22.60 40.96
N LEU I 87 -12.51 21.98 39.78
CA LEU I 87 -11.19 21.62 39.30
C LEU I 87 -10.31 22.84 39.06
N GLN I 88 -10.93 24.00 38.85
CA GLN I 88 -10.15 25.23 38.66
C GLN I 88 -9.44 25.65 39.94
N SER I 89 -10.10 25.48 41.09
CA SER I 89 -9.51 25.87 42.36
C SER I 89 -8.31 25.00 42.72
N LEU I 90 -8.33 23.73 42.30
CA LEU I 90 -7.17 22.87 42.51
C LEU I 90 -6.02 23.28 41.60
N ILE I 91 -6.33 23.73 40.39
CA ILE I 91 -5.28 24.20 39.49
C ILE I 91 -4.62 25.46 40.07
N ASP I 92 -5.40 26.34 40.68
CA ASP I 92 -4.85 27.59 41.22
C ASP I 92 -4.00 27.34 42.46
N GLN I 93 -4.30 26.29 43.23
CA GLN I 93 -3.47 25.94 44.37
C GLN I 93 -2.22 25.14 43.99
N GLY I 94 -2.00 24.93 42.70
CA GLY I 94 -0.84 24.18 42.24
C GLY I 94 -0.93 22.70 42.51
N LYS I 95 -2.13 22.20 42.79
CA LYS I 95 -2.31 20.79 43.09
C LYS I 95 -2.80 19.98 41.89
N LEU I 96 -3.41 20.64 40.91
CA LEU I 96 -3.83 20.00 39.67
C LEU I 96 -3.20 20.71 38.48
N PHE I 97 -2.93 19.95 37.43
CA PHE I 97 -2.46 20.49 36.16
C PHE I 97 -3.07 19.66 35.05
N ILE I 98 -3.66 20.32 34.07
CA ILE I 98 -4.29 19.65 32.94
C ILE I 98 -3.35 19.78 31.75
N LEU I 99 -2.80 18.65 31.31
CA LEU I 99 -1.92 18.64 30.15
C LEU I 99 -2.78 18.58 28.90
N ASP I 100 -2.78 19.67 28.13
CA ASP I 100 -3.59 19.74 26.92
C ASP I 100 -2.78 19.17 25.76
N ALA I 101 -3.07 17.92 25.41
CA ALA I 101 -2.49 17.30 24.23
C ALA I 101 -3.53 17.10 23.14
N SER I 102 -4.58 17.92 23.15
CA SER I 102 -5.60 17.87 22.12
C SER I 102 -5.13 18.56 20.85
N PRO I 103 -5.51 18.03 19.68
CA PRO I 103 -5.01 18.58 18.41
C PRO I 103 -5.57 19.96 18.10
N ASP I 104 -4.95 20.58 17.09
CA ASP I 104 -5.32 21.81 16.43
C ASP I 104 -6.35 21.50 15.33
N PRO I 105 -7.32 22.40 15.11
CA PRO I 105 -8.33 22.15 14.06
C PRO I 105 -7.77 22.21 12.65
N ASP I 106 -6.44 22.35 12.55
CA ASP I 106 -5.65 22.35 11.32
C ASP I 106 -4.29 22.99 11.58
N GLY I 107 -3.40 22.95 10.58
CA GLY I 107 -2.10 23.57 10.68
C GLY I 107 -1.02 22.64 11.20
N GLN I 108 -1.40 21.59 11.92
CA GLN I 108 -0.50 20.52 12.31
C GLN I 108 -0.88 19.24 11.57
N GLU I 109 0.13 18.55 11.04
CA GLU I 109 -0.06 17.28 10.36
C GLU I 109 1.25 16.51 10.42
N VAL I 110 1.14 15.19 10.62
CA VAL I 110 2.29 14.31 10.78
C VAL I 110 2.38 13.39 9.57
N ALA I 111 3.59 13.24 9.03
CA ALA I 111 3.86 12.44 7.85
C ALA I 111 5.08 11.59 8.09
N GLY I 112 4.91 10.27 8.09
CA GLY I 112 6.00 9.33 8.25
C GLY I 112 6.11 8.77 9.66
N ASP I 113 7.28 8.21 9.94
CA ASP I 113 7.54 7.67 11.26
C ASP I 113 7.65 8.79 12.30
N PHE I 114 7.37 8.44 13.55
CA PHE I 114 7.45 9.40 14.64
C PHE I 114 7.63 8.65 15.96
N ASP I 115 7.90 9.41 17.01
CA ASP I 115 7.87 8.90 18.38
C ASP I 115 7.10 9.91 19.22
N LEU I 116 6.53 9.43 20.32
CA LEU I 116 5.79 10.30 21.23
C LEU I 116 6.67 10.90 22.32
N SER I 117 7.91 11.26 21.97
CA SER I 117 8.86 11.75 22.97
C SER I 117 8.44 13.11 23.53
N ALA I 118 7.91 13.99 22.69
CA ALA I 118 7.51 15.30 23.17
C ALA I 118 6.36 15.22 24.18
N LEU I 119 5.47 14.25 24.00
CA LEU I 119 4.43 14.03 25.00
C LEU I 119 5.02 13.47 26.29
N ILE I 120 5.94 12.51 26.18
CA ILE I 120 6.57 11.93 27.36
C ILE I 120 7.38 12.98 28.11
N GLU I 121 8.06 13.87 27.37
CA GLU I 121 8.83 14.92 28.03
C GLU I 121 7.92 15.97 28.66
N ARG I 122 6.73 16.19 28.10
CA ARG I 122 5.80 17.13 28.70
C ARG I 122 5.18 16.58 29.97
N ILE I 123 4.78 15.30 29.95
CA ILE I 123 4.22 14.69 31.16
C ILE I 123 5.28 14.64 32.25
N GLN I 124 6.50 14.24 31.92
CA GLN I 124 7.58 14.16 32.90
C GLN I 124 7.82 15.52 33.54
N TYR I 125 7.93 16.57 32.73
CA TYR I 125 8.15 17.91 33.26
C TYR I 125 7.02 18.34 34.18
N ALA I 126 5.78 17.94 33.85
CA ALA I 126 4.65 18.29 34.71
C ALA I 126 4.68 17.51 36.01
N ILE I 127 5.06 16.24 35.95
CA ILE I 127 5.15 15.41 37.16
C ILE I 127 6.11 16.00 38.17
N ARG I 128 7.30 16.40 37.72
CA ARG I 128 8.29 16.93 38.67
C ARG I 128 7.95 18.34 39.11
N LYS I 129 7.34 19.15 38.25
CA LYS I 129 7.06 20.53 38.62
C LYS I 129 5.96 20.60 39.68
N TYR I 130 4.93 19.78 39.55
CA TYR I 130 3.80 19.79 40.47
C TYR I 130 3.89 18.71 41.55
N LYS I 131 4.97 17.90 41.55
CA LYS I 131 5.20 16.87 42.57
C LYS I 131 4.06 15.86 42.62
N ALA I 132 3.54 15.46 41.46
CA ALA I 132 2.39 14.59 41.40
C ALA I 132 2.77 13.13 41.65
N THR I 133 1.81 12.37 42.18
CA THR I 133 1.92 10.93 42.30
C THR I 133 0.76 10.20 41.65
N ARG I 134 -0.25 10.93 41.16
CA ARG I 134 -1.37 10.39 40.43
C ARG I 134 -1.47 11.09 39.09
N VAL I 135 -1.71 10.32 38.03
CA VAL I 135 -1.86 10.87 36.69
C VAL I 135 -3.03 10.15 36.03
N SER I 136 -3.88 10.90 35.34
CA SER I 136 -4.97 10.34 34.56
C SER I 136 -4.79 10.77 33.12
N ILE I 137 -4.86 9.80 32.20
CA ILE I 137 -4.74 10.05 30.78
C ILE I 137 -6.04 9.64 30.13
N ASP I 138 -6.84 10.62 29.71
CA ASP I 138 -8.17 10.36 29.19
C ASP I 138 -8.07 10.15 27.69
N SER I 139 -8.72 9.10 27.20
CA SER I 139 -8.78 8.76 25.78
C SER I 139 -7.42 8.37 25.22
N VAL I 140 -6.87 7.26 25.69
CA VAL I 140 -5.72 6.67 25.04
C VAL I 140 -6.10 6.22 23.62
N THR I 141 -7.33 5.75 23.45
CA THR I 141 -7.82 5.36 22.12
C THR I 141 -7.75 6.53 21.14
N ALA I 142 -7.90 7.77 21.65
CA ALA I 142 -7.89 8.93 20.76
C ALA I 142 -6.51 9.13 20.13
N VAL I 143 -5.45 8.68 20.80
CA VAL I 143 -4.11 8.83 20.24
C VAL I 143 -3.95 7.93 19.02
N PHE I 144 -4.53 6.73 19.06
CA PHE I 144 -4.55 5.87 17.88
C PHE I 144 -5.32 6.52 16.74
N GLN I 145 -6.38 7.26 17.06
CA GLN I 145 -7.23 7.86 16.03
C GLN I 145 -6.59 9.11 15.44
N GLN I 146 -5.80 9.85 16.22
CA GLN I 146 -5.18 11.07 15.73
C GLN I 146 -3.90 10.80 14.95
N TYR I 147 -3.25 9.66 15.20
CA TYR I 147 -2.03 9.27 14.50
C TYR I 147 -2.27 7.88 13.93
N ASP I 148 -2.28 7.77 12.61
CA ASP I 148 -2.69 6.52 11.97
C ASP I 148 -1.53 5.55 11.87
N ALA I 149 -0.80 5.38 12.98
CA ALA I 149 0.29 4.40 13.08
C ALA I 149 0.06 3.59 14.36
N ALA I 150 -0.75 2.53 14.25
CA ALA I 150 -1.09 1.74 15.42
C ALA I 150 0.15 1.14 16.07
N SER I 151 1.07 0.61 15.26
CA SER I 151 2.25 -0.03 15.81
C SER I 151 3.15 0.98 16.51
N VAL I 152 3.31 2.17 15.95
CA VAL I 152 4.09 3.21 16.59
C VAL I 152 3.45 3.64 17.90
N VAL I 153 2.11 3.79 17.90
CA VAL I 153 1.41 4.28 19.08
C VAL I 153 1.49 3.25 20.20
N ARG I 154 1.21 1.98 19.90
CA ARG I 154 1.34 0.91 20.89
C ARG I 154 2.74 0.91 21.51
N ARG I 155 3.77 1.03 20.68
CA ARG I 155 5.13 1.05 21.22
C ARG I 155 5.35 2.24 22.15
N GLU I 156 4.82 3.41 21.77
CA GLU I 156 5.05 4.62 22.56
C GLU I 156 4.20 4.71 23.82
N ILE I 157 3.01 4.11 23.83
CA ILE I 157 2.26 4.02 25.07
C ILE I 157 2.96 3.08 26.04
N PHE I 158 3.48 1.97 25.52
CA PHE I 158 4.27 1.05 26.33
C PHE I 158 5.49 1.73 26.92
N ARG I 159 6.19 2.53 26.12
CA ARG I 159 7.32 3.31 26.62
C ARG I 159 6.89 4.38 27.61
N LEU I 160 5.74 5.02 27.36
CA LEU I 160 5.23 6.04 28.26
C LEU I 160 4.91 5.45 29.63
N ALA I 161 4.27 4.28 29.65
CA ALA I 161 3.94 3.63 30.92
C ALA I 161 5.17 3.33 31.75
N PHE I 162 6.32 3.11 31.11
CA PHE I 162 7.53 2.79 31.87
C PHE I 162 8.10 4.02 32.57
N ARG I 163 8.15 5.17 31.88
CA ARG I 163 8.64 6.37 32.55
C ARG I 163 7.68 6.84 33.63
N LEU I 164 6.38 6.58 33.45
CA LEU I 164 5.43 6.87 34.52
C LEU I 164 5.72 6.01 35.75
N ALA I 165 5.94 4.71 35.53
CA ALA I 165 6.30 3.83 36.64
C ALA I 165 7.69 4.16 37.17
N GLN I 166 8.61 4.55 36.28
CA GLN I 166 9.93 4.94 36.74
C GLN I 166 9.88 6.19 37.61
N LEU I 167 9.00 7.12 37.27
CA LEU I 167 8.83 8.32 38.08
C LEU I 167 8.01 8.08 39.34
N GLY I 168 7.44 6.87 39.51
CA GLY I 168 6.76 6.50 40.73
C GLY I 168 5.30 6.92 40.83
N VAL I 169 4.77 7.61 39.82
CA VAL I 169 3.38 8.04 39.89
C VAL I 169 2.44 6.87 39.62
N THR I 170 1.24 6.96 40.16
CA THR I 170 0.20 5.95 39.94
C THR I 170 -0.75 6.49 38.90
N THR I 171 -0.88 5.78 37.79
CA THR I 171 -1.47 6.31 36.57
C THR I 171 -2.72 5.54 36.18
N ILE I 172 -3.63 6.23 35.50
CA ILE I 172 -4.84 5.64 34.94
C ILE I 172 -4.92 6.00 33.46
N MET I 173 -5.01 4.98 32.61
CA MET I 173 -5.18 5.16 31.16
C MET I 173 -6.55 4.62 30.77
N THR I 174 -7.40 5.49 30.24
CA THR I 174 -8.73 5.10 29.81
C THR I 174 -8.72 4.70 28.34
N THR I 175 -9.55 3.71 28.00
CA THR I 175 -9.61 3.19 26.64
C THR I 175 -11.07 3.04 26.25
N GLU I 176 -11.38 3.38 24.99
CA GLU I 176 -12.71 3.18 24.47
C GLU I 176 -12.89 1.74 24.03
N ARG I 177 -14.14 1.29 23.95
CA ARG I 177 -14.44 -0.07 23.56
C ARG I 177 -15.32 -0.07 22.32
N VAL I 178 -15.37 -1.22 21.65
CA VAL I 178 -16.19 -1.38 20.46
C VAL I 178 -17.63 -1.73 20.86
N ASP I 179 -17.83 -2.91 21.45
CA ASP I 179 -19.10 -3.24 22.07
C ASP I 179 -18.86 -3.67 23.51
N GLU I 180 -19.94 -3.68 24.31
CA GLU I 180 -19.86 -4.06 25.72
C GLU I 180 -19.21 -5.42 25.95
N TYR I 181 -19.75 -6.47 25.33
CA TYR I 181 -19.16 -7.80 25.47
C TYR I 181 -18.40 -8.09 24.17
N GLY I 182 -17.09 -7.96 24.26
CA GLY I 182 -16.18 -8.15 23.15
C GLY I 182 -14.75 -8.16 23.66
N PRO I 183 -13.81 -7.77 22.82
CA PRO I 183 -12.41 -7.67 23.27
C PRO I 183 -12.28 -6.64 24.38
N VAL I 184 -11.11 -6.68 25.04
CA VAL I 184 -10.94 -5.88 26.25
C VAL I 184 -10.69 -4.42 25.92
N ALA I 185 -9.89 -4.15 24.88
CA ALA I 185 -9.66 -2.77 24.45
C ALA I 185 -9.51 -2.73 22.94
N ARG I 186 -9.77 -1.54 22.37
CA ARG I 186 -9.57 -1.34 20.96
C ARG I 186 -8.08 -1.18 20.65
N PHE I 187 -7.71 -1.55 19.42
CA PHE I 187 -6.32 -1.50 18.98
C PHE I 187 -5.43 -2.29 19.93
N GLY I 188 -5.93 -3.46 20.35
CA GLY I 188 -5.27 -4.36 21.28
C GLY I 188 -4.20 -3.74 22.16
N VAL I 189 -4.58 -2.72 22.93
CA VAL I 189 -3.65 -2.07 23.84
C VAL I 189 -3.59 -2.73 25.20
N GLU I 190 -4.52 -3.64 25.51
CA GLU I 190 -4.38 -4.41 26.74
C GLU I 190 -3.11 -5.26 26.72
N GLU I 191 -2.64 -5.61 25.53
CA GLU I 191 -1.53 -6.53 25.31
C GLU I 191 -0.17 -5.90 25.56
N PHE I 192 -0.12 -4.64 26.01
CA PHE I 192 1.11 -3.93 26.34
C PHE I 192 1.08 -3.36 27.75
N VAL I 193 -0.07 -2.84 28.17
CA VAL I 193 -0.33 -2.43 29.55
C VAL I 193 -1.25 -3.50 30.15
N SER I 194 -0.70 -4.68 30.41
CA SER I 194 -1.51 -5.84 30.77
C SER I 194 -1.65 -6.09 32.25
N ASP I 195 -1.10 -5.25 33.13
CA ASP I 195 -1.12 -5.62 34.54
C ASP I 195 -2.46 -5.32 35.23
N ASN I 196 -3.13 -4.23 34.86
CA ASN I 196 -4.29 -3.76 35.61
C ASN I 196 -5.38 -3.30 34.67
N VAL I 197 -6.53 -4.00 34.67
CA VAL I 197 -7.62 -3.73 33.76
C VAL I 197 -8.92 -3.63 34.57
N VAL I 198 -9.58 -2.47 34.50
CA VAL I 198 -10.91 -2.28 35.04
C VAL I 198 -11.87 -2.09 33.88
N ILE I 199 -12.98 -2.82 33.90
CA ILE I 199 -13.97 -2.78 32.83
C ILE I 199 -15.21 -2.07 33.35
N LEU I 200 -15.65 -1.05 32.62
CA LEU I 200 -16.89 -0.34 32.91
C LEU I 200 -17.89 -0.66 31.81
N ARG I 201 -19.11 -1.03 32.21
CA ARG I 201 -20.15 -1.36 31.26
C ARG I 201 -21.39 -0.50 31.51
N ASN I 202 -22.38 -0.66 30.65
CA ASN I 202 -23.56 0.19 30.62
C ASN I 202 -24.64 -0.46 29.78
N VAL I 203 -25.36 -1.42 30.34
CA VAL I 203 -26.26 -2.27 29.56
C VAL I 203 -27.64 -1.63 29.54
N LEU I 204 -28.22 -1.54 28.35
CA LEU I 204 -29.53 -0.91 28.13
C LEU I 204 -30.56 -2.01 27.89
N GLU I 205 -31.13 -2.53 28.97
CA GLU I 205 -32.19 -3.54 28.88
C GLU I 205 -33.52 -2.81 28.99
N GLY I 206 -34.24 -2.70 27.87
CA GLY I 206 -35.51 -2.01 27.88
C GLY I 206 -35.42 -0.57 28.30
N GLU I 207 -35.75 -0.30 29.56
CA GLU I 207 -35.72 1.04 30.14
C GLU I 207 -34.67 1.23 31.23
N ARG I 208 -34.25 0.15 31.89
CA ARG I 208 -33.28 0.25 32.97
C ARG I 208 -31.86 0.31 32.42
N ARG I 209 -31.09 1.30 32.88
CA ARG I 209 -29.68 1.43 32.51
C ARG I 209 -28.86 0.87 33.66
N ARG I 210 -28.36 -0.36 33.50
CA ARG I 210 -27.60 -1.05 34.53
C ARG I 210 -26.11 -0.83 34.28
N ARG I 211 -25.45 -0.10 35.18
CA ARG I 211 -24.02 0.16 35.11
C ARG I 211 -23.28 -0.81 36.02
N THR I 212 -22.21 -1.41 35.51
CA THR I 212 -21.41 -2.33 36.30
C THR I 212 -19.92 -2.05 36.10
N VAL I 213 -19.14 -2.27 37.16
CA VAL I 213 -17.68 -2.19 37.13
C VAL I 213 -17.14 -3.58 37.42
N GLU I 214 -16.04 -3.94 36.76
CA GLU I 214 -15.42 -5.25 36.99
C GLU I 214 -13.91 -5.12 36.99
N ILE I 215 -13.26 -5.76 37.96
CA ILE I 215 -11.81 -5.90 38.00
C ILE I 215 -11.44 -7.19 37.28
N LEU I 216 -10.96 -7.08 36.04
CA LEU I 216 -10.59 -8.27 35.29
C LEU I 216 -9.30 -8.87 35.86
N LYS I 217 -8.24 -8.07 35.91
CA LYS I 217 -6.97 -8.46 36.52
C LYS I 217 -6.37 -7.24 37.19
N LEU I 218 -5.68 -7.46 38.30
CA LEU I 218 -5.04 -6.38 39.04
C LEU I 218 -3.65 -6.82 39.50
N ARG I 219 -2.82 -7.21 38.53
CA ARG I 219 -1.47 -7.71 38.75
C ARG I 219 -1.42 -8.75 39.86
N GLY I 220 -1.70 -10.00 39.51
CA GLY I 220 -1.79 -11.12 40.45
C GLY I 220 -2.31 -10.91 41.85
N THR I 221 -2.53 -9.67 42.26
CA THR I 221 -3.09 -9.38 43.57
C THR I 221 -4.52 -9.86 43.65
N THR I 222 -5.07 -9.87 44.86
CA THR I 222 -6.40 -10.36 45.10
C THR I 222 -7.42 -9.26 44.85
N HIS I 223 -8.54 -9.63 44.23
CA HIS I 223 -9.62 -8.71 43.95
C HIS I 223 -10.92 -9.50 43.90
N MET I 224 -12.03 -8.79 43.71
CA MET I 224 -13.33 -9.42 43.57
C MET I 224 -13.62 -9.67 42.10
N LYS I 225 -14.00 -10.90 41.79
CA LYS I 225 -14.30 -11.30 40.41
C LYS I 225 -15.72 -10.90 40.02
N GLY I 226 -15.91 -10.66 38.72
CA GLY I 226 -17.22 -10.38 38.19
C GLY I 226 -17.59 -8.91 38.19
N GLU I 227 -18.76 -8.63 37.61
CA GLU I 227 -19.27 -7.27 37.53
C GLU I 227 -20.08 -6.96 38.78
N TYR I 228 -19.96 -5.71 39.25
CA TYR I 228 -20.67 -5.23 40.41
C TYR I 228 -21.36 -3.92 40.03
N PRO I 229 -22.63 -3.75 40.38
CA PRO I 229 -23.37 -2.57 39.93
C PRO I 229 -22.92 -1.32 40.66
N PHE I 230 -22.83 -0.22 39.90
CA PHE I 230 -22.50 1.08 40.46
C PHE I 230 -23.45 2.13 39.89
N THR I 231 -23.59 3.23 40.62
CA THR I 231 -24.43 4.34 40.22
C THR I 231 -23.59 5.61 40.24
N ILE I 232 -24.15 6.69 39.67
CA ILE I 232 -23.41 7.93 39.47
C ILE I 232 -24.13 9.01 40.26
N ASN I 233 -23.60 9.34 41.45
CA ASN I 233 -24.10 10.44 42.26
C ASN I 233 -22.88 11.17 42.81
N ASN I 234 -22.44 12.22 42.11
CA ASN I 234 -21.29 13.02 42.51
C ASN I 234 -20.08 12.12 42.77
N GLY I 235 -19.81 11.26 41.80
CA GLY I 235 -18.79 10.24 41.88
C GLY I 235 -19.32 8.90 41.46
N ILE I 236 -18.50 7.86 41.68
CA ILE I 236 -18.87 6.48 41.36
C ILE I 236 -19.16 5.75 42.67
N ASN I 237 -20.26 5.00 42.70
CA ASN I 237 -20.78 4.41 43.94
C ASN I 237 -21.21 2.98 43.67
N ILE I 238 -20.37 2.01 44.05
CA ILE I 238 -20.61 0.60 43.79
C ILE I 238 -21.21 -0.03 45.05
N PHE I 239 -22.22 -0.91 44.89
CA PHE I 239 -22.96 -1.31 46.07
C PHE I 239 -23.37 -2.79 46.13
N ASP I 240 -22.61 -3.72 45.56
CA ASP I 240 -22.98 -5.14 45.68
C ASP I 240 -21.83 -6.02 46.17
N TYR I 241 -21.74 -6.18 47.48
CA TYR I 241 -20.76 -7.07 48.12
C TYR I 241 -21.07 -7.25 49.61
N LYS J 8 15.06 36.94 10.67
CA LYS J 8 13.89 37.20 11.52
C LYS J 8 12.61 37.23 10.68
N ALA J 9 12.76 37.33 9.36
CA ALA J 9 11.59 37.40 8.50
C ALA J 9 10.81 36.09 8.54
N LEU J 10 11.50 34.95 8.46
CA LEU J 10 10.87 33.66 8.60
C LEU J 10 11.61 32.91 9.70
N SER J 11 10.87 32.34 10.65
CA SER J 11 11.47 31.67 11.80
C SER J 11 10.97 30.25 11.91
N LEU J 12 11.89 29.31 12.11
CA LEU J 12 11.56 27.90 12.29
C LEU J 12 12.17 27.39 13.59
N LEU J 13 11.45 26.47 14.22
CA LEU J 13 11.93 25.78 15.42
C LEU J 13 11.84 24.29 15.16
N LEU J 14 12.95 23.59 15.30
CA LEU J 14 13.01 22.15 15.04
C LEU J 14 13.19 21.45 16.39
N PHE J 15 12.11 20.85 16.88
CA PHE J 15 12.12 20.12 18.15
C PHE J 15 12.43 18.66 17.86
N VAL J 16 13.50 18.15 18.47
CA VAL J 16 14.01 16.81 18.21
C VAL J 16 14.30 16.13 19.55
N ALA J 17 14.12 14.82 19.57
CA ALA J 17 14.49 14.02 20.73
C ALA J 17 15.98 13.68 20.66
N ASN J 18 16.44 12.89 21.62
CA ASN J 18 17.86 12.53 21.69
C ASN J 18 18.00 11.04 21.95
N ARG J 19 17.24 10.24 21.22
CA ARG J 19 17.40 8.79 21.25
C ARG J 19 18.54 8.37 20.34
N PRO J 20 18.95 7.10 20.37
CA PRO J 20 20.04 6.65 19.49
C PRO J 20 19.72 6.91 18.03
N GLY J 21 20.70 7.48 17.32
CA GLY J 21 20.54 7.84 15.94
C GLY J 21 19.86 9.16 15.67
N ASP J 22 19.16 9.73 16.66
CA ASP J 22 18.54 11.03 16.48
C ASP J 22 19.59 12.12 16.30
N GLU J 23 20.73 12.01 16.96
CA GLU J 23 21.78 13.01 16.84
C GLU J 23 22.27 13.10 15.41
N GLU J 24 22.63 11.95 14.81
CA GLU J 24 23.15 11.94 13.45
C GLU J 24 22.12 12.47 12.46
N GLU J 25 20.84 12.14 12.66
CA GLU J 25 19.81 12.53 11.72
C GLU J 25 19.52 14.03 11.78
N THR J 26 19.59 14.63 12.97
CA THR J 26 19.22 16.03 13.11
C THR J 26 20.19 16.95 12.37
N ALA J 27 21.46 16.57 12.27
CA ALA J 27 22.40 17.34 11.45
C ALA J 27 22.01 17.30 9.98
N ALA J 28 21.50 16.17 9.50
CA ALA J 28 21.16 16.02 8.10
C ALA J 28 19.93 16.86 7.71
N ILE J 29 18.87 16.79 8.54
CA ILE J 29 17.66 17.55 8.24
C ILE J 29 17.91 19.04 8.33
N GLN J 30 18.73 19.47 9.29
CA GLN J 30 19.04 20.89 9.43
C GLN J 30 19.80 21.40 8.22
N ALA J 31 20.73 20.61 7.69
CA ALA J 31 21.45 21.01 6.49
C ALA J 31 20.50 21.09 5.30
N HIS J 32 19.51 20.21 5.25
CA HIS J 32 18.55 20.21 4.15
C HIS J 32 17.79 21.52 4.09
N ILE J 33 17.23 21.95 5.23
CA ILE J 33 16.45 23.19 5.27
C ILE J 33 17.33 24.37 4.86
N GLN J 34 18.59 24.37 5.31
CA GLN J 34 19.49 25.48 5.06
C GLN J 34 19.91 25.58 3.59
N GLN J 35 19.81 24.50 2.82
CA GLN J 35 20.13 24.54 1.41
C GLN J 35 18.92 24.91 0.54
N LEU J 36 17.78 25.19 1.15
CA LEU J 36 16.61 25.58 0.38
C LEU J 36 16.80 27.01 -0.14
N PRO J 37 16.44 27.27 -1.40
CA PRO J 37 16.72 28.60 -1.97
C PRO J 37 15.88 29.70 -1.30
N SER J 38 16.58 30.74 -0.85
CA SER J 38 15.98 31.94 -0.29
C SER J 38 16.96 33.09 -0.47
N ASN J 39 16.44 34.29 -0.71
CA ASN J 39 17.30 35.47 -0.86
C ASN J 39 17.42 36.29 0.41
N PHE J 40 16.57 36.04 1.41
CA PHE J 40 16.63 36.67 2.72
C PHE J 40 17.09 35.65 3.76
N SER J 41 17.35 36.16 4.96
CA SER J 41 17.76 35.33 6.08
C SER J 41 16.55 34.85 6.87
N PHE J 42 16.55 33.56 7.20
CA PHE J 42 15.54 32.94 8.04
C PHE J 42 16.27 32.30 9.23
N GLU J 43 15.50 31.86 10.21
CA GLU J 43 16.08 31.45 11.49
C GLU J 43 16.42 29.97 11.56
N LEU J 44 15.40 29.12 11.70
CA LEU J 44 15.58 27.70 11.96
C LEU J 44 16.49 27.54 13.18
N LYS J 45 15.91 27.69 14.35
CA LYS J 45 16.60 27.41 15.60
C LYS J 45 16.25 25.99 16.02
N VAL J 46 17.28 25.19 16.31
CA VAL J 46 17.07 23.80 16.70
C VAL J 46 16.89 23.74 18.21
N VAL J 47 15.77 23.18 18.64
CA VAL J 47 15.39 23.18 20.05
C VAL J 47 15.46 21.75 20.57
N PRO J 48 16.48 21.41 21.34
CA PRO J 48 16.50 20.12 22.04
C PRO J 48 15.35 20.06 23.05
N ILE J 49 14.60 18.96 22.99
CA ILE J 49 13.35 18.85 23.75
C ILE J 49 13.62 18.92 25.25
N GLY J 50 14.79 18.47 25.70
CA GLY J 50 15.13 18.50 27.11
C GLY J 50 15.35 19.90 27.67
N GLU J 51 15.67 20.87 26.82
CA GLU J 51 16.08 22.18 27.31
C GLU J 51 14.97 23.22 27.33
N GLN J 52 13.84 22.96 26.65
CA GLN J 52 12.74 23.92 26.58
C GLN J 52 11.41 23.20 26.81
N PRO J 53 11.13 22.74 28.04
CA PRO J 53 9.83 22.14 28.31
C PRO J 53 8.71 23.17 28.36
N TYR J 54 9.02 24.38 28.85
CA TYR J 54 8.04 25.46 28.82
C TYR J 54 7.58 25.75 27.41
N LEU J 55 8.46 25.57 26.42
CA LEU J 55 8.11 25.82 25.03
C LEU J 55 7.32 24.65 24.44
N LEU J 56 7.63 23.43 24.90
CA LEU J 56 6.87 22.27 24.47
C LEU J 56 5.39 22.41 24.80
N GLU J 57 5.07 23.07 25.92
CA GLU J 57 3.69 23.26 26.33
C GLU J 57 2.97 24.28 25.47
N GLU J 58 3.66 25.37 25.11
CA GLU J 58 3.02 26.45 24.37
C GLU J 58 2.44 25.98 23.03
N TYR J 59 3.12 25.05 22.36
CA TYR J 59 2.71 24.61 21.04
C TYR J 59 2.04 23.24 21.07
N LYS J 60 1.64 22.78 22.26
CA LYS J 60 1.00 21.48 22.47
C LYS J 60 1.68 20.40 21.63
N LEU J 61 2.96 20.19 21.91
CA LEU J 61 3.72 19.21 21.14
C LEU J 61 3.47 17.82 21.69
N VAL J 62 3.38 16.85 20.78
CA VAL J 62 3.12 15.46 21.13
C VAL J 62 4.09 14.59 20.34
N ALA J 63 4.00 14.65 19.01
CA ALA J 63 4.83 13.84 18.15
C ALA J 63 6.15 14.53 17.87
N THR J 64 7.19 13.72 17.66
CA THR J 64 8.56 14.18 17.45
C THR J 64 9.18 13.35 16.34
N PRO J 65 10.00 13.95 15.46
CA PRO J 65 10.41 15.37 15.40
C PRO J 65 9.33 16.29 14.88
N ALA J 66 9.42 17.58 15.21
CA ALA J 66 8.41 18.56 14.85
C ALA J 66 9.08 19.87 14.51
N LEU J 67 8.73 20.41 13.34
CA LEU J 67 9.21 21.72 12.89
C LEU J 67 8.06 22.71 12.92
N ILE J 68 8.21 23.79 13.67
CA ILE J 68 7.18 24.80 13.80
C ILE J 68 7.64 26.04 13.04
N LYS J 69 6.81 26.48 12.09
CA LYS J 69 7.02 27.77 11.43
C LYS J 69 6.33 28.83 12.28
N VAL J 70 7.12 29.65 12.97
CA VAL J 70 6.57 30.62 13.91
C VAL J 70 6.25 31.91 13.17
N ARG J 71 7.28 32.54 12.64
CA ARG J 71 7.08 33.71 11.80
C ARG J 71 7.26 33.33 10.34
N PRO J 72 6.47 33.85 9.38
CA PRO J 72 5.23 34.64 9.33
C PRO J 72 3.94 33.85 9.58
N GLU J 73 3.12 34.30 10.52
CA GLU J 73 1.81 33.69 10.76
C GLU J 73 1.03 33.50 9.46
N PRO J 74 0.15 32.48 9.36
CA PRO J 74 -0.24 31.56 10.44
C PRO J 74 0.84 30.56 10.82
N ARG J 75 1.05 30.36 12.11
CA ARG J 75 1.99 29.35 12.56
C ARG J 75 1.49 27.96 12.17
N GLN J 76 2.42 27.13 11.72
CA GLN J 76 2.11 25.76 11.33
C GLN J 76 3.21 24.86 11.87
N THR J 77 2.87 23.60 12.09
CA THR J 77 3.83 22.61 12.56
C THR J 77 3.80 21.41 11.61
N LEU J 78 4.98 21.00 11.16
CA LEU J 78 5.15 19.83 10.33
C LEU J 78 6.02 18.85 11.10
N ALA J 79 5.50 17.66 11.35
CA ALA J 79 6.13 16.72 12.24
C ALA J 79 6.24 15.35 11.57
N GLY J 80 7.02 14.49 12.19
CA GLY J 80 7.31 13.18 11.65
C GLY J 80 8.70 13.15 11.02
N ARG J 81 9.28 11.95 10.97
CA ARG J 81 10.62 11.80 10.44
C ARG J 81 10.71 12.01 8.94
N LYS J 82 9.57 12.12 8.25
CA LYS J 82 9.54 12.49 6.84
C LYS J 82 9.03 13.92 6.65
N LEU J 83 9.33 14.80 7.61
CA LEU J 83 8.81 16.16 7.54
C LEU J 83 9.52 17.01 6.49
N LEU J 84 10.75 16.62 6.09
CA LEU J 84 11.45 17.36 5.04
C LEU J 84 10.66 17.37 3.73
N GLN J 85 10.01 16.24 3.41
CA GLN J 85 9.19 16.18 2.21
C GLN J 85 8.08 17.23 2.25
N LYS J 86 7.56 17.51 3.45
CA LYS J 86 6.53 18.51 3.63
C LYS J 86 7.10 19.91 3.78
N VAL J 87 8.33 20.04 4.30
CA VAL J 87 9.01 21.32 4.26
C VAL J 87 9.27 21.74 2.83
N ASP J 88 9.67 20.79 1.98
CA ASP J 88 9.86 21.06 0.57
C ASP J 88 8.55 21.50 -0.08
N TYR J 89 7.45 20.89 0.35
CA TYR J 89 6.12 21.26 -0.15
C TYR J 89 5.81 22.71 0.17
N TRP J 90 5.98 23.12 1.43
CA TRP J 90 5.54 24.43 1.88
C TRP J 90 6.54 25.54 1.60
N TRP J 91 7.81 25.21 1.34
CA TRP J 91 8.84 26.24 1.20
C TRP J 91 8.54 27.28 0.12
N PRO J 92 8.17 26.92 -1.12
CA PRO J 92 7.84 27.96 -2.10
C PRO J 92 6.70 28.86 -1.65
N ARG J 93 5.70 28.29 -0.99
CA ARG J 93 4.57 29.08 -0.49
C ARG J 93 5.00 29.97 0.66
N TRP J 94 5.93 29.50 1.50
CA TRP J 94 6.44 30.34 2.58
C TRP J 94 7.22 31.53 2.03
N GLN J 95 7.80 31.40 0.84
CA GLN J 95 8.60 32.48 0.27
C GLN J 95 7.76 33.70 -0.05
N ARG J 96 6.53 33.52 -0.55
CA ARG J 96 5.69 34.69 -0.80
C ARG J 96 4.93 35.17 0.44
N GLU J 97 5.03 34.43 1.56
CA GLU J 97 4.45 34.86 2.82
C GLU J 97 5.27 35.92 3.51
N VAL J 98 6.57 35.99 3.21
CA VAL J 98 7.49 36.93 3.83
C VAL J 98 7.83 38.10 2.94
N ALA J 99 7.25 38.16 1.74
CA ALA J 99 7.23 39.44 1.03
C ALA J 99 6.35 40.44 1.77
N LEU J 100 5.40 39.95 2.55
CA LEU J 100 4.47 40.79 3.30
C LEU J 100 5.05 41.09 4.68
N VAL K 11 -39.36 28.69 3.83
CA VAL K 11 -38.81 27.35 3.99
C VAL K 11 -39.82 26.46 4.71
N LYS K 12 -40.13 25.32 4.09
CA LYS K 12 -41.10 24.40 4.66
C LYS K 12 -40.47 23.49 5.71
N LYS K 13 -41.28 23.11 6.69
CA LYS K 13 -40.87 22.23 7.78
C LYS K 13 -41.98 21.20 7.98
N ILE K 14 -41.59 19.97 8.29
CA ILE K 14 -42.59 18.95 8.61
C ILE K 14 -42.71 18.81 10.11
N PRO K 15 -43.92 18.62 10.65
CA PRO K 15 -44.08 18.48 12.10
C PRO K 15 -43.60 17.12 12.59
N THR K 16 -42.93 17.14 13.75
CA THR K 16 -42.46 15.92 14.39
C THR K 16 -43.48 15.30 15.33
N MET K 17 -44.39 16.10 15.88
CA MET K 17 -45.37 15.66 16.86
C MET K 17 -44.72 15.18 18.16
N ILE K 18 -43.39 15.29 18.24
CA ILE K 18 -42.73 15.13 19.53
C ILE K 18 -43.17 16.27 20.44
N GLU K 19 -43.66 15.92 21.62
CA GLU K 19 -44.35 16.90 22.48
C GLU K 19 -43.44 18.06 22.81
N GLY K 20 -43.82 19.26 22.36
CA GLY K 20 -43.09 20.47 22.59
C GLY K 20 -42.10 20.86 21.51
N PHE K 21 -41.61 19.90 20.73
CA PHE K 21 -40.53 20.19 19.79
C PHE K 21 -41.00 21.07 18.63
N ASP K 22 -42.21 20.83 18.13
CA ASP K 22 -42.69 21.67 17.02
C ASP K 22 -42.93 23.11 17.43
N ASP K 23 -43.06 23.39 18.72
CA ASP K 23 -43.21 24.77 19.19
C ASP K 23 -41.87 25.49 19.38
N ILE K 24 -40.84 24.80 19.88
CA ILE K 24 -39.53 25.44 19.99
C ILE K 24 -38.95 25.68 18.60
N SER K 25 -39.13 24.73 17.68
CA SER K 25 -38.58 24.85 16.34
C SER K 25 -39.43 25.73 15.44
N HIS K 26 -40.60 26.17 15.93
CA HIS K 26 -41.53 26.99 15.16
C HIS K 26 -42.02 26.29 13.90
N GLY K 27 -42.35 25.00 14.03
CA GLY K 27 -42.92 24.27 12.92
C GLY K 27 -42.50 22.81 12.83
N GLY K 28 -41.23 22.54 13.07
CA GLY K 28 -40.73 21.18 12.96
C GLY K 28 -39.40 21.08 12.25
N LEU K 29 -39.14 19.94 11.61
CA LEU K 29 -37.86 19.88 10.92
C LEU K 29 -38.01 20.33 9.48
N PRO K 30 -37.03 21.08 8.96
CA PRO K 30 -37.07 21.52 7.56
C PRO K 30 -37.21 20.36 6.59
N GLN K 31 -38.21 20.43 5.71
CA GLN K 31 -38.49 19.31 4.82
C GLN K 31 -37.44 19.21 3.73
N GLY K 32 -37.12 17.99 3.34
CA GLY K 32 -36.13 17.77 2.31
C GLY K 32 -34.69 18.02 2.73
N ALA K 33 -34.43 18.08 4.03
CA ALA K 33 -33.08 18.30 4.54
C ALA K 33 -32.80 17.34 5.69
N THR K 34 -31.53 17.26 6.07
CA THR K 34 -31.09 16.46 7.19
C THR K 34 -30.88 17.36 8.40
N THR K 35 -31.32 16.89 9.58
CA THR K 35 -31.18 17.62 10.82
C THR K 35 -30.30 16.84 11.78
N LEU K 36 -29.35 17.52 12.41
CA LEU K 36 -28.42 16.89 13.34
C LEU K 36 -29.05 16.81 14.72
N VAL K 37 -29.20 15.60 15.23
CA VAL K 37 -29.64 15.38 16.61
C VAL K 37 -28.40 14.90 17.37
N SER K 38 -27.78 15.79 18.13
CA SER K 38 -26.46 15.57 18.70
C SER K 38 -26.56 15.56 20.21
N GLY K 39 -25.93 14.56 20.83
CA GLY K 39 -25.90 14.49 22.28
C GLY K 39 -24.91 13.42 22.72
N THR K 40 -24.61 13.44 24.01
CA THR K 40 -23.72 12.44 24.58
C THR K 40 -24.48 11.12 24.72
N SER K 41 -23.84 10.14 25.34
CA SER K 41 -24.49 8.85 25.52
C SER K 41 -25.60 8.94 26.55
N GLY K 42 -26.69 8.22 26.29
CA GLY K 42 -27.81 8.19 27.21
C GLY K 42 -28.58 9.49 27.34
N THR K 43 -28.61 10.32 26.29
CA THR K 43 -29.37 11.56 26.32
C THR K 43 -30.72 11.46 25.64
N GLY K 44 -30.99 10.40 24.91
CA GLY K 44 -32.24 10.23 24.20
C GLY K 44 -32.16 10.39 22.69
N LYS K 45 -30.98 10.25 22.09
CA LYS K 45 -30.84 10.46 20.64
C LYS K 45 -31.64 9.43 19.87
N THR K 46 -31.38 8.14 20.13
CA THR K 46 -32.11 7.08 19.43
C THR K 46 -33.60 7.21 19.63
N LEU K 47 -34.04 7.61 20.82
CA LEU K 47 -35.46 7.80 21.08
C LEU K 47 -36.04 8.90 20.21
N PHE K 48 -35.37 10.06 20.17
CA PHE K 48 -35.79 11.13 19.28
C PHE K 48 -35.84 10.66 17.84
N ALA K 49 -34.83 9.88 17.40
CA ALA K 49 -34.81 9.41 16.02
C ALA K 49 -35.92 8.41 15.75
N VAL K 50 -36.22 7.54 16.73
CA VAL K 50 -37.29 6.56 16.55
C VAL K 50 -38.65 7.24 16.58
N GLN K 51 -38.84 8.21 17.48
CA GLN K 51 -40.11 8.90 17.58
C GLN K 51 -40.42 9.69 16.32
N PHE K 52 -39.38 10.18 15.63
CA PHE K 52 -39.58 10.91 14.39
C PHE K 52 -40.23 10.03 13.32
N LEU K 53 -39.85 8.76 13.26
CA LEU K 53 -40.48 7.82 12.33
C LEU K 53 -41.84 7.35 12.83
N TYR K 54 -41.94 7.05 14.13
CA TYR K 54 -43.21 6.53 14.66
C TYR K 54 -44.35 7.51 14.47
N ASN K 55 -44.11 8.79 14.77
CA ASN K 55 -45.17 9.78 14.60
C ASN K 55 -45.49 10.02 13.13
N GLY K 56 -44.47 10.01 12.26
CA GLY K 56 -44.71 10.13 10.84
C GLY K 56 -45.53 8.99 10.27
N ILE K 57 -45.24 7.76 10.71
CA ILE K 57 -45.97 6.59 10.22
C ILE K 57 -47.37 6.53 10.83
N THR K 58 -47.51 6.95 12.09
CA THR K 58 -48.77 6.75 12.79
C THR K 58 -49.71 7.94 12.63
N ILE K 59 -49.20 9.15 12.82
CA ILE K 59 -50.06 10.34 12.79
C ILE K 59 -50.23 10.92 11.38
N PHE K 60 -49.19 10.89 10.54
CA PHE K 60 -49.27 11.36 9.17
C PHE K 60 -49.08 10.28 8.12
N ASN K 61 -49.11 9.00 8.51
CA ASN K 61 -48.94 7.86 7.61
C ASN K 61 -47.82 8.03 6.59
N GLU K 62 -46.71 8.66 7.00
CA GLU K 62 -45.54 8.79 6.15
C GLU K 62 -44.58 7.65 6.50
N PRO K 63 -44.21 6.79 5.57
CA PRO K 63 -43.34 5.67 5.93
C PRO K 63 -41.94 6.14 6.27
N GLY K 64 -41.23 5.31 7.02
CA GLY K 64 -39.91 5.67 7.51
C GLY K 64 -38.89 4.55 7.42
N ILE K 65 -37.65 4.92 7.13
CA ILE K 65 -36.50 4.01 7.16
C ILE K 65 -35.61 4.38 8.34
N PHE K 66 -35.16 3.37 9.07
CA PHE K 66 -34.24 3.58 10.19
C PHE K 66 -32.93 2.87 9.87
N VAL K 67 -31.86 3.65 9.72
CA VAL K 67 -30.53 3.12 9.46
C VAL K 67 -29.76 3.12 10.78
N THR K 68 -29.39 1.93 11.26
CA THR K 68 -28.65 1.77 12.50
C THR K 68 -27.29 1.15 12.21
N PHE K 69 -26.25 1.69 12.85
CA PHE K 69 -24.89 1.18 12.67
C PHE K 69 -24.38 0.36 13.86
N GLU K 70 -24.85 0.61 15.08
CA GLU K 70 -24.43 -0.17 16.23
C GLU K 70 -25.58 -0.95 16.84
N GLU K 71 -26.67 -0.27 17.22
CA GLU K 71 -27.77 -0.95 17.89
C GLU K 71 -28.41 -1.97 16.96
N SER K 72 -28.78 -3.12 17.51
CA SER K 72 -29.38 -4.18 16.72
C SER K 72 -30.84 -3.86 16.40
N PRO K 73 -31.30 -4.25 15.21
CA PRO K 73 -32.71 -4.00 14.85
C PRO K 73 -33.69 -4.60 15.85
N GLN K 74 -33.42 -5.81 16.33
CA GLN K 74 -34.28 -6.42 17.34
C GLN K 74 -34.19 -5.67 18.67
N ASP K 75 -33.01 -5.16 19.01
CA ASP K 75 -32.88 -4.37 20.23
C ASP K 75 -33.60 -3.03 20.09
N ILE K 76 -33.67 -2.50 18.86
CA ILE K 76 -34.47 -1.31 18.62
C ILE K 76 -35.94 -1.60 18.88
N ILE K 77 -36.41 -2.78 18.46
CA ILE K 77 -37.80 -3.17 18.66
C ILE K 77 -38.06 -3.45 20.14
N LYS K 78 -37.15 -4.17 20.79
CA LYS K 78 -37.36 -4.53 22.19
C LYS K 78 -37.40 -3.31 23.10
N ASN K 79 -36.48 -2.36 22.88
CA ASN K 79 -36.47 -1.15 23.71
C ASN K 79 -37.66 -0.25 23.41
N ALA K 80 -38.17 -0.25 22.18
CA ALA K 80 -39.29 0.60 21.82
C ALA K 80 -40.58 0.19 22.52
N LEU K 81 -40.76 -1.10 22.82
CA LEU K 81 -41.96 -1.54 23.52
C LEU K 81 -42.08 -0.90 24.90
N SER K 82 -40.96 -0.51 25.50
CA SER K 82 -41.00 0.15 26.80
C SER K 82 -41.73 1.48 26.75
N PHE K 83 -42.04 1.95 25.54
CA PHE K 83 -42.77 3.25 25.36
C PHE K 83 -44.15 2.98 24.75
N GLY K 84 -44.54 1.70 24.67
CA GLY K 84 -45.84 1.31 24.12
C GLY K 84 -45.88 1.43 22.60
N TRP K 85 -44.70 1.39 21.96
CA TRP K 85 -44.60 1.49 20.48
C TRP K 85 -44.31 0.11 19.90
N ASN K 86 -45.31 -0.49 19.23
CA ASN K 86 -45.15 -1.82 18.62
C ASN K 86 -44.54 -1.64 17.24
N LEU K 87 -43.21 -1.46 17.23
CA LEU K 87 -42.49 -1.24 15.98
C LEU K 87 -42.57 -2.43 15.02
N GLN K 88 -42.82 -3.64 15.54
CA GLN K 88 -42.89 -4.80 14.66
C GLN K 88 -44.12 -4.74 13.76
N SER K 89 -45.25 -4.28 14.29
CA SER K 89 -46.46 -4.23 13.48
C SER K 89 -46.36 -3.18 12.38
N LEU K 90 -45.62 -2.10 12.60
CA LEU K 90 -45.40 -1.15 11.51
C LEU K 90 -44.51 -1.74 10.43
N ILE K 91 -43.54 -2.57 10.81
CA ILE K 91 -42.68 -3.24 9.84
C ILE K 91 -43.50 -4.22 9.00
N ASP K 92 -44.47 -4.90 9.62
CA ASP K 92 -45.25 -5.90 8.91
C ASP K 92 -46.18 -5.26 7.88
N GLN K 93 -46.64 -4.04 8.13
CA GLN K 93 -47.49 -3.32 7.19
C GLN K 93 -46.70 -2.62 6.08
N GLY K 94 -45.38 -2.79 6.05
CA GLY K 94 -44.57 -2.15 5.03
C GLY K 94 -44.41 -0.67 5.21
N LYS K 95 -44.72 -0.16 6.40
CA LYS K 95 -44.62 1.27 6.68
C LYS K 95 -43.35 1.64 7.43
N LEU K 96 -42.71 0.69 8.10
CA LEU K 96 -41.42 0.89 8.74
C LEU K 96 -40.42 -0.11 8.17
N PHE K 97 -39.17 0.31 8.09
CA PHE K 97 -38.10 -0.57 7.63
C PHE K 97 -36.82 -0.21 8.39
N ILE K 98 -36.18 -1.21 8.98
CA ILE K 98 -34.94 -1.02 9.72
C ILE K 98 -33.81 -1.54 8.86
N LEU K 99 -32.96 -0.63 8.38
CA LEU K 99 -31.80 -0.99 7.57
C LEU K 99 -30.64 -1.34 8.50
N ASP K 100 -30.22 -2.60 8.48
CA ASP K 100 -29.14 -3.07 9.34
C ASP K 100 -27.82 -2.79 8.62
N ALA K 101 -27.15 -1.71 9.02
CA ALA K 101 -25.84 -1.35 8.50
C ALA K 101 -24.74 -1.55 9.53
N SER K 102 -24.98 -2.45 10.50
CA SER K 102 -24.03 -2.82 11.53
C SER K 102 -22.95 -3.75 10.97
N PRO K 103 -21.73 -3.66 11.48
CA PRO K 103 -20.63 -4.48 10.93
C PRO K 103 -20.87 -5.96 11.19
N ASP K 104 -20.05 -6.77 10.53
CA ASP K 104 -20.10 -8.22 10.68
C ASP K 104 -19.34 -8.63 11.94
N PRO K 105 -19.88 -9.54 12.78
CA PRO K 105 -19.13 -10.01 13.95
C PRO K 105 -18.01 -10.97 13.58
N ASP K 106 -17.19 -10.52 12.64
CA ASP K 106 -15.97 -11.19 12.20
C ASP K 106 -14.92 -10.19 11.78
N GLY K 107 -15.27 -8.92 11.67
CA GLY K 107 -14.37 -7.82 11.37
C GLY K 107 -14.29 -7.57 9.87
N GLN K 108 -14.21 -6.30 9.52
CA GLN K 108 -13.90 -5.91 8.16
C GLN K 108 -12.52 -5.30 8.14
N GLU K 109 -11.81 -5.51 7.04
CA GLU K 109 -10.50 -4.92 6.84
C GLU K 109 -10.63 -3.88 5.75
N VAL K 110 -10.11 -2.68 6.00
CA VAL K 110 -10.15 -1.58 5.06
C VAL K 110 -8.73 -1.20 4.69
N ALA K 111 -8.47 -1.13 3.38
CA ALA K 111 -7.16 -0.76 2.87
C ALA K 111 -7.39 0.24 1.74
N GLY K 112 -6.99 1.48 1.95
CA GLY K 112 -7.10 2.50 0.94
C GLY K 112 -8.38 3.32 1.08
N ASP K 113 -8.70 4.02 0.00
CA ASP K 113 -9.93 4.81 -0.05
C ASP K 113 -11.15 3.91 -0.20
N PHE K 114 -12.30 4.45 0.20
CA PHE K 114 -13.58 3.77 0.06
C PHE K 114 -14.66 4.83 -0.02
N ASP K 115 -15.87 4.39 -0.39
CA ASP K 115 -17.05 5.24 -0.37
C ASP K 115 -18.22 4.49 0.26
N LEU K 116 -19.19 5.26 0.73
CA LEU K 116 -20.43 4.69 1.27
C LEU K 116 -21.49 4.51 0.18
N SER K 117 -21.07 4.14 -1.03
CA SER K 117 -22.02 4.01 -2.14
C SER K 117 -22.95 2.83 -1.94
N ALA K 118 -22.45 1.71 -1.40
CA ALA K 118 -23.32 0.58 -1.15
C ALA K 118 -24.34 0.88 -0.07
N LEU K 119 -23.96 1.71 0.91
CA LEU K 119 -24.93 2.15 1.90
C LEU K 119 -25.95 3.11 1.29
N ILE K 120 -25.49 4.04 0.46
CA ILE K 120 -26.40 4.98 -0.19
C ILE K 120 -27.34 4.25 -1.15
N GLU K 121 -26.83 3.22 -1.84
CA GLU K 121 -27.68 2.44 -2.72
C GLU K 121 -28.72 1.64 -1.95
N ARG K 122 -28.37 1.18 -0.75
CA ARG K 122 -29.33 0.41 0.05
C ARG K 122 -30.44 1.31 0.59
N ILE K 123 -30.06 2.50 1.08
CA ILE K 123 -31.06 3.45 1.57
C ILE K 123 -31.96 3.90 0.43
N GLN K 124 -31.37 4.20 -0.73
CA GLN K 124 -32.13 4.66 -1.89
C GLN K 124 -33.17 3.62 -2.31
N TYR K 125 -32.75 2.36 -2.40
CA TYR K 125 -33.67 1.29 -2.77
C TYR K 125 -34.80 1.16 -1.75
N ALA K 126 -34.48 1.37 -0.47
CA ALA K 126 -35.51 1.30 0.56
C ALA K 126 -36.46 2.47 0.49
N ILE K 127 -35.95 3.68 0.21
CA ILE K 127 -36.81 4.86 0.07
C ILE K 127 -37.83 4.64 -1.04
N ARG K 128 -37.38 4.12 -2.18
CA ARG K 128 -38.25 3.93 -3.33
C ARG K 128 -39.19 2.73 -3.15
N LYS K 129 -38.74 1.69 -2.45
CA LYS K 129 -39.59 0.52 -2.26
C LYS K 129 -40.73 0.78 -1.28
N TYR K 130 -40.44 1.47 -0.18
CA TYR K 130 -41.42 1.71 0.87
C TYR K 130 -42.10 3.07 0.76
N LYS K 131 -41.75 3.86 -0.26
CA LYS K 131 -42.35 5.19 -0.46
C LYS K 131 -42.13 6.08 0.76
N ALA K 132 -40.96 5.96 1.37
CA ALA K 132 -40.69 6.68 2.61
C ALA K 132 -40.34 8.13 2.33
N THR K 133 -40.65 8.99 3.29
CA THR K 133 -40.25 10.38 3.26
C THR K 133 -39.49 10.80 4.50
N ARG K 134 -39.37 9.92 5.49
CA ARG K 134 -38.63 10.21 6.71
C ARG K 134 -37.60 9.10 6.91
N VAL K 135 -36.36 9.48 7.23
CA VAL K 135 -35.28 8.51 7.43
C VAL K 135 -34.48 8.95 8.65
N SER K 136 -34.09 7.99 9.49
CA SER K 136 -33.24 8.25 10.64
C SER K 136 -31.96 7.43 10.55
N ILE K 137 -30.83 8.08 10.81
CA ILE K 137 -29.52 7.44 10.83
C ILE K 137 -29.00 7.54 12.26
N ASP K 138 -28.97 6.38 12.92
CA ASP K 138 -28.74 6.30 14.37
C ASP K 138 -27.25 6.15 14.67
N SER K 139 -26.58 7.28 14.90
CA SER K 139 -25.20 7.35 15.37
C SER K 139 -24.20 7.38 14.21
N VAL K 140 -24.12 8.52 13.53
CA VAL K 140 -23.07 8.74 12.54
C VAL K 140 -21.70 8.61 13.18
N THR K 141 -21.58 8.96 14.47
CA THR K 141 -20.33 8.78 15.20
C THR K 141 -19.84 7.33 15.16
N ALA K 142 -20.78 6.37 15.11
CA ALA K 142 -20.39 4.96 15.13
C ALA K 142 -19.67 4.56 13.86
N VAL K 143 -19.93 5.25 12.74
CA VAL K 143 -19.27 4.92 11.48
C VAL K 143 -17.79 5.27 11.53
N PHE K 144 -17.44 6.38 12.20
CA PHE K 144 -16.03 6.74 12.36
C PHE K 144 -15.24 5.65 13.08
N GLN K 145 -15.87 4.99 14.04
CA GLN K 145 -15.18 3.96 14.80
C GLN K 145 -15.06 2.66 14.01
N GLN K 146 -16.00 2.40 13.11
CA GLN K 146 -15.95 1.17 12.33
C GLN K 146 -15.03 1.29 11.12
N TYR K 147 -14.83 2.52 10.63
CA TYR K 147 -13.91 2.81 9.53
C TYR K 147 -12.97 3.91 9.98
N ASP K 148 -11.69 3.59 10.11
CA ASP K 148 -10.72 4.49 10.72
C ASP K 148 -10.13 5.48 9.72
N ALA K 149 -10.97 6.11 8.90
CA ALA K 149 -10.57 7.17 7.98
C ALA K 149 -11.56 8.31 8.18
N ALA K 150 -11.26 9.20 9.14
CA ALA K 150 -12.19 10.26 9.50
C ALA K 150 -12.50 11.17 8.32
N SER K 151 -11.48 11.54 7.54
CA SER K 151 -11.69 12.47 6.44
C SER K 151 -12.59 11.88 5.36
N VAL K 152 -12.43 10.58 5.06
CA VAL K 152 -13.29 9.92 4.08
C VAL K 152 -14.73 9.87 4.58
N VAL K 153 -14.92 9.56 5.85
CA VAL K 153 -16.26 9.42 6.39
C VAL K 153 -16.98 10.77 6.41
N ARG K 154 -16.29 11.81 6.91
CA ARG K 154 -16.88 13.15 6.91
C ARG K 154 -17.34 13.58 5.53
N ARG K 155 -16.49 13.37 4.51
CA ARG K 155 -16.86 13.73 3.15
C ARG K 155 -18.05 12.92 2.67
N GLU K 156 -18.08 11.63 3.01
CA GLU K 156 -19.13 10.74 2.52
C GLU K 156 -20.45 10.93 3.25
N ILE K 157 -20.44 11.45 4.47
CA ILE K 157 -21.71 11.79 5.12
C ILE K 157 -22.42 12.88 4.35
N PHE K 158 -21.66 13.86 3.84
CA PHE K 158 -22.26 14.87 2.97
C PHE K 158 -22.85 14.24 1.71
N ARG K 159 -22.13 13.30 1.10
CA ARG K 159 -22.66 12.65 -0.10
C ARG K 159 -23.92 11.87 0.22
N LEU K 160 -23.96 11.22 1.39
CA LEU K 160 -25.18 10.54 1.83
C LEU K 160 -26.29 11.55 2.05
N ALA K 161 -25.98 12.64 2.76
CA ALA K 161 -26.95 13.71 2.97
C ALA K 161 -27.35 14.37 1.66
N PHE K 162 -26.45 14.40 0.68
CA PHE K 162 -26.76 15.03 -0.60
C PHE K 162 -27.70 14.16 -1.42
N ARG K 163 -27.46 12.85 -1.44
CA ARG K 163 -28.32 11.94 -2.18
C ARG K 163 -29.71 11.86 -1.56
N LEU K 164 -29.80 12.01 -0.23
CA LEU K 164 -31.09 12.04 0.45
C LEU K 164 -31.91 13.26 0.04
N ALA K 165 -31.27 14.43 -0.01
CA ALA K 165 -31.98 15.64 -0.41
C ALA K 165 -32.44 15.55 -1.85
N GLN K 166 -31.66 14.88 -2.71
CA GLN K 166 -32.08 14.65 -4.09
C GLN K 166 -33.34 13.80 -4.13
N LEU K 167 -33.45 12.83 -3.22
CA LEU K 167 -34.64 11.99 -3.11
C LEU K 167 -35.79 12.69 -2.38
N GLY K 168 -35.56 13.85 -1.77
CA GLY K 168 -36.62 14.63 -1.17
C GLY K 168 -37.02 14.23 0.24
N VAL K 169 -36.40 13.21 0.82
CA VAL K 169 -36.78 12.74 2.15
C VAL K 169 -36.22 13.68 3.22
N THR K 170 -36.91 13.73 4.36
CA THR K 170 -36.49 14.52 5.51
C THR K 170 -35.85 13.58 6.52
N THR K 171 -34.59 13.85 6.86
CA THR K 171 -33.74 12.89 7.54
C THR K 171 -33.24 13.40 8.89
N ILE K 172 -32.94 12.45 9.78
CA ILE K 172 -32.35 12.74 11.09
C ILE K 172 -31.08 11.90 11.23
N MET K 173 -29.95 12.57 11.48
CA MET K 173 -28.68 11.91 11.74
C MET K 173 -28.24 12.22 13.16
N THR K 174 -28.09 11.18 13.99
CA THR K 174 -27.67 11.37 15.36
C THR K 174 -26.15 11.25 15.48
N THR K 175 -25.58 12.06 16.38
CA THR K 175 -24.14 12.12 16.58
C THR K 175 -23.82 12.17 18.06
N GLU K 176 -22.71 11.55 18.43
CA GLU K 176 -22.24 11.62 19.80
C GLU K 176 -21.50 12.92 20.07
N ARG K 177 -21.42 13.27 21.34
CA ARG K 177 -20.74 14.45 21.84
C ARG K 177 -19.66 13.98 22.81
N VAL K 178 -18.72 14.86 23.12
CA VAL K 178 -17.67 14.47 24.06
C VAL K 178 -18.17 14.65 25.50
N ASP K 179 -18.65 15.84 25.85
CA ASP K 179 -19.32 16.08 27.11
C ASP K 179 -20.61 16.85 26.86
N GLU K 180 -21.37 17.08 27.94
CA GLU K 180 -22.56 17.92 27.85
C GLU K 180 -22.22 19.31 27.33
N TYR K 181 -21.30 20.01 28.00
CA TYR K 181 -20.92 21.36 27.59
C TYR K 181 -19.58 21.24 26.89
N GLY K 182 -19.61 21.28 25.55
CA GLY K 182 -18.42 21.14 24.75
C GLY K 182 -18.69 21.42 23.28
N PRO K 183 -17.88 20.84 22.40
CA PRO K 183 -18.12 20.97 20.96
C PRO K 183 -19.45 20.35 20.57
N VAL K 184 -19.84 20.58 19.32
CA VAL K 184 -21.18 20.22 18.87
C VAL K 184 -21.28 18.72 18.58
N ALA K 185 -20.27 18.14 17.94
CA ALA K 185 -20.30 16.71 17.64
C ALA K 185 -18.88 16.16 17.58
N ARG K 186 -18.77 14.86 17.85
CA ARG K 186 -17.50 14.16 17.77
C ARG K 186 -17.13 13.88 16.31
N PHE K 187 -15.83 13.98 16.02
CA PHE K 187 -15.19 13.77 14.73
C PHE K 187 -15.44 14.87 13.70
N GLY K 188 -16.23 15.90 14.02
CA GLY K 188 -16.40 17.00 13.10
C GLY K 188 -17.49 16.89 12.05
N VAL K 189 -18.40 15.92 12.15
CA VAL K 189 -19.48 15.87 11.17
C VAL K 189 -20.40 17.08 11.25
N GLU K 190 -20.27 17.89 12.30
CA GLU K 190 -20.99 19.16 12.36
C GLU K 190 -20.58 20.08 11.22
N GLU K 191 -19.39 19.89 10.64
CA GLU K 191 -18.85 20.85 9.68
C GLU K 191 -19.53 20.73 8.32
N PHE K 192 -19.95 19.54 7.92
CA PHE K 192 -20.59 19.34 6.63
C PHE K 192 -22.12 19.35 6.74
N VAL K 193 -22.65 18.85 7.84
CA VAL K 193 -24.09 18.81 8.11
C VAL K 193 -24.49 19.95 9.05
N SER K 194 -23.99 21.15 8.81
CA SER K 194 -24.10 22.25 9.77
C SER K 194 -25.34 23.11 9.64
N ASP K 195 -26.28 22.78 8.74
CA ASP K 195 -27.43 23.66 8.57
C ASP K 195 -28.47 23.49 9.66
N ASN K 196 -28.63 22.28 10.21
CA ASN K 196 -29.69 21.96 11.17
C ASN K 196 -29.09 21.15 12.32
N VAL K 197 -29.06 21.74 13.51
CA VAL K 197 -28.41 21.13 14.66
C VAL K 197 -29.34 21.22 15.87
N VAL K 198 -29.72 20.07 16.41
CA VAL K 198 -30.43 19.97 17.69
C VAL K 198 -29.51 19.30 18.70
N ILE K 199 -29.38 19.91 19.88
CA ILE K 199 -28.50 19.41 20.93
C ILE K 199 -29.34 18.86 22.08
N LEU K 200 -29.05 17.61 22.47
CA LEU K 200 -29.67 16.98 23.63
C LEU K 200 -28.62 16.80 24.72
N ARG K 201 -28.97 17.17 25.95
CA ARG K 201 -28.05 17.07 27.08
C ARG K 201 -28.69 16.24 28.19
N ASN K 202 -27.91 16.01 29.25
CA ASN K 202 -28.32 15.13 30.33
C ASN K 202 -27.45 15.37 31.56
N VAL K 203 -27.68 16.48 32.24
CA VAL K 203 -26.83 16.95 33.33
C VAL K 203 -27.45 16.50 34.65
N LEU K 204 -26.63 15.97 35.55
CA LEU K 204 -27.11 15.46 36.83
C LEU K 204 -26.81 16.46 37.94
N GLU K 205 -27.86 17.02 38.54
CA GLU K 205 -27.72 17.85 39.73
C GLU K 205 -27.98 16.92 40.92
N GLY K 206 -26.93 16.61 41.67
CA GLY K 206 -27.12 15.71 42.79
C GLY K 206 -27.65 14.36 42.35
N GLU K 207 -28.96 14.17 42.49
CA GLU K 207 -29.64 12.94 42.12
C GLU K 207 -30.57 13.07 40.93
N ARG K 208 -31.03 14.29 40.61
CA ARG K 208 -31.94 14.49 39.49
C ARG K 208 -31.18 14.51 38.17
N ARG K 209 -31.71 13.77 37.19
CA ARG K 209 -31.14 13.74 35.84
C ARG K 209 -31.99 14.72 35.05
N ARG K 210 -31.48 15.95 34.88
CA ARG K 210 -32.22 17.02 34.21
C ARG K 210 -31.79 17.08 32.75
N ARG K 211 -32.71 16.76 31.86
CA ARG K 211 -32.47 16.75 30.42
C ARG K 211 -33.03 18.02 29.77
N THR K 212 -32.24 18.60 28.88
CA THR K 212 -32.64 19.80 28.15
C THR K 212 -32.33 19.63 26.67
N VAL K 213 -33.19 20.22 25.82
CA VAL K 213 -33.01 20.22 24.38
C VAL K 213 -32.83 21.66 23.92
N GLU K 214 -32.00 21.86 22.89
CA GLU K 214 -31.74 23.18 22.34
C GLU K 214 -31.69 23.11 20.81
N ILE K 215 -32.34 24.08 20.16
CA ILE K 215 -32.25 24.25 18.72
C ILE K 215 -31.08 25.19 18.45
N LEU K 216 -29.93 24.63 18.05
CA LEU K 216 -28.75 25.45 17.83
C LEU K 216 -28.85 26.27 16.55
N LYS K 217 -29.12 25.60 15.42
CA LYS K 217 -29.21 26.25 14.12
C LYS K 217 -30.37 25.62 13.36
N LEU K 218 -31.11 26.43 12.59
CA LEU K 218 -32.24 25.91 11.83
C LEU K 218 -32.40 26.56 10.44
N ARG K 219 -31.34 26.46 9.62
CA ARG K 219 -31.35 26.91 8.22
C ARG K 219 -31.84 28.35 8.00
N GLY K 220 -31.60 29.25 8.95
CA GLY K 220 -32.07 30.61 8.71
C GLY K 220 -33.53 30.88 9.03
N THR K 221 -34.27 29.89 9.51
CA THR K 221 -35.66 30.09 9.88
C THR K 221 -35.75 30.29 11.39
N THR K 222 -36.92 30.71 11.85
CA THR K 222 -37.07 31.08 13.25
C THR K 222 -37.31 29.86 14.13
N HIS K 223 -36.71 29.91 15.31
CA HIS K 223 -36.85 28.87 16.33
C HIS K 223 -36.69 29.55 17.68
N MET K 224 -36.84 28.78 18.75
CA MET K 224 -36.67 29.31 20.10
C MET K 224 -35.22 29.17 20.54
N LYS K 225 -34.66 30.27 21.03
CA LYS K 225 -33.28 30.29 21.48
C LYS K 225 -33.16 29.72 22.89
N GLY K 226 -32.01 29.11 23.17
CA GLY K 226 -31.74 28.61 24.51
C GLY K 226 -32.21 27.17 24.68
N GLU K 227 -31.89 26.65 25.86
CA GLU K 227 -32.27 25.29 26.21
C GLU K 227 -33.64 25.28 26.89
N TYR K 228 -34.40 24.22 26.64
CA TYR K 228 -35.71 24.06 27.24
C TYR K 228 -35.79 22.67 27.85
N PRO K 229 -36.27 22.54 29.08
CA PRO K 229 -36.23 21.24 29.75
C PRO K 229 -37.27 20.29 29.18
N PHE K 230 -36.88 19.02 29.07
CA PHE K 230 -37.77 17.96 28.63
C PHE K 230 -37.59 16.75 29.53
N THR K 231 -38.65 15.93 29.58
CA THR K 231 -38.64 14.67 30.31
C THR K 231 -39.07 13.55 29.37
N ILE K 232 -38.85 12.32 29.79
CA ILE K 232 -39.05 11.16 28.93
C ILE K 232 -40.10 10.27 29.57
N ASN K 233 -41.32 10.34 29.05
CA ASN K 233 -42.41 9.45 29.45
C ASN K 233 -43.13 9.01 28.18
N ASN K 234 -42.86 7.78 27.73
CA ASN K 234 -43.46 7.22 26.53
C ASN K 234 -43.31 8.18 25.36
N GLY K 235 -42.09 8.67 25.18
CA GLY K 235 -41.71 9.67 24.21
C GLY K 235 -40.91 10.78 24.87
N ILE K 236 -40.66 11.84 24.11
CA ILE K 236 -39.94 13.01 24.58
C ILE K 236 -40.93 14.16 24.76
N ASN K 237 -40.82 14.88 25.88
CA ASN K 237 -41.84 15.85 26.30
C ASN K 237 -41.16 17.12 26.82
N ILE K 238 -41.15 18.17 25.98
CA ILE K 238 -40.49 19.44 26.30
C ILE K 238 -41.53 20.40 26.87
N PHE K 239 -41.18 21.13 27.94
CA PHE K 239 -42.24 21.80 28.68
C PHE K 239 -42.00 23.19 29.26
N ASP K 240 -40.91 23.90 28.99
CA ASP K 240 -40.75 25.18 29.67
C ASP K 240 -40.55 26.35 28.70
N TYR K 241 -41.41 26.47 27.70
CA TYR K 241 -41.30 27.58 26.75
C TYR K 241 -42.50 28.51 26.87
N LYS L 8 -17.58 -25.67 -5.62
CA LYS L 8 -16.29 -24.98 -5.61
C LYS L 8 -15.82 -24.71 -4.18
N ALA L 9 -14.49 -24.67 -4.01
CA ALA L 9 -13.88 -24.75 -2.70
C ALA L 9 -13.83 -23.39 -2.00
N LEU L 10 -13.49 -22.33 -2.72
CA LEU L 10 -13.43 -20.98 -2.17
C LEU L 10 -14.35 -20.08 -2.99
N SER L 11 -15.17 -19.29 -2.30
CA SER L 11 -16.15 -18.42 -2.93
C SER L 11 -15.92 -16.98 -2.51
N LEU L 12 -15.89 -16.08 -3.50
CA LEU L 12 -15.69 -14.65 -3.27
C LEU L 12 -16.80 -13.85 -3.93
N LEU L 13 -17.17 -12.74 -3.31
CA LEU L 13 -18.15 -11.79 -3.85
C LEU L 13 -17.49 -10.42 -3.88
N LEU L 14 -17.45 -9.79 -5.06
CA LEU L 14 -16.80 -8.49 -5.22
C LEU L 14 -17.90 -7.46 -5.49
N PHE L 15 -18.21 -6.65 -4.48
CA PHE L 15 -19.25 -5.63 -4.57
C PHE L 15 -18.65 -4.29 -4.97
N VAL L 16 -19.14 -3.71 -6.07
CA VAL L 16 -18.58 -2.48 -6.62
C VAL L 16 -19.67 -1.49 -7.01
N ALA L 17 -19.35 -0.21 -6.88
CA ALA L 17 -20.20 0.87 -7.38
C ALA L 17 -19.90 1.14 -8.86
N ASN L 18 -20.54 2.18 -9.40
CA ASN L 18 -20.37 2.56 -10.80
C ASN L 18 -20.19 4.07 -10.90
N ARG L 19 -19.33 4.62 -10.05
CA ARG L 19 -18.96 6.02 -10.12
C ARG L 19 -17.87 6.20 -11.18
N PRO L 20 -17.55 7.44 -11.55
CA PRO L 20 -16.49 7.66 -12.54
C PRO L 20 -15.17 7.06 -12.10
N GLY L 21 -14.56 6.28 -13.00
CA GLY L 21 -13.32 5.61 -12.71
C GLY L 21 -13.46 4.32 -11.93
N ASP L 22 -14.60 4.10 -11.29
CA ASP L 22 -14.81 2.84 -10.58
C ASP L 22 -14.87 1.66 -11.55
N GLU L 23 -15.48 1.87 -12.73
CA GLU L 23 -15.63 0.80 -13.70
C GLU L 23 -14.28 0.21 -14.09
N GLU L 24 -13.35 1.07 -14.49
CA GLU L 24 -12.00 0.59 -14.81
C GLU L 24 -11.37 -0.09 -13.62
N GLU L 25 -11.65 0.40 -12.42
CA GLU L 25 -11.01 -0.16 -11.22
C GLU L 25 -11.49 -1.57 -10.93
N THR L 26 -12.79 -1.85 -11.13
CA THR L 26 -13.29 -3.20 -10.85
C THR L 26 -12.76 -4.22 -11.84
N ALA L 27 -12.51 -3.79 -13.08
CA ALA L 27 -11.88 -4.69 -14.05
C ALA L 27 -10.49 -5.09 -13.58
N ALA L 28 -9.76 -4.17 -12.94
CA ALA L 28 -8.43 -4.50 -12.45
C ALA L 28 -8.50 -5.45 -11.27
N ILE L 29 -9.42 -5.21 -10.33
CA ILE L 29 -9.57 -6.08 -9.17
C ILE L 29 -10.02 -7.47 -9.58
N GLN L 30 -10.94 -7.55 -10.54
CA GLN L 30 -11.41 -8.85 -11.01
C GLN L 30 -10.29 -9.61 -11.72
N ALA L 31 -9.49 -8.91 -12.52
CA ALA L 31 -8.39 -9.55 -13.23
C ALA L 31 -7.33 -10.05 -12.26
N HIS L 32 -7.04 -9.29 -11.20
CA HIS L 32 -6.03 -9.70 -10.25
C HIS L 32 -6.44 -10.98 -9.53
N ILE L 33 -7.65 -11.00 -8.96
CA ILE L 33 -8.11 -12.16 -8.21
C ILE L 33 -8.14 -13.41 -9.09
N GLN L 34 -8.58 -13.26 -10.34
CA GLN L 34 -8.71 -14.40 -11.24
C GLN L 34 -7.36 -14.96 -11.68
N GLN L 35 -6.30 -14.15 -11.60
CA GLN L 35 -4.95 -14.57 -11.94
C GLN L 35 -4.20 -15.15 -10.75
N LEU L 36 -4.84 -15.28 -9.59
CA LEU L 36 -4.16 -15.77 -8.40
C LEU L 36 -3.84 -17.25 -8.51
N PRO L 37 -2.63 -17.66 -8.10
CA PRO L 37 -2.25 -19.08 -8.19
C PRO L 37 -3.08 -19.92 -7.23
N SER L 38 -3.63 -21.02 -7.73
CA SER L 38 -4.42 -21.90 -6.89
C SER L 38 -4.36 -23.33 -7.41
N ASN L 39 -4.41 -24.28 -6.48
CA ASN L 39 -4.47 -25.69 -6.80
C ASN L 39 -5.89 -26.22 -6.80
N PHE L 40 -6.82 -25.43 -6.26
CA PHE L 40 -8.26 -25.70 -6.25
C PHE L 40 -8.97 -24.73 -7.17
N SER L 41 -10.24 -25.03 -7.42
CA SER L 41 -11.11 -24.13 -8.16
C SER L 41 -11.85 -23.23 -7.17
N PHE L 42 -11.83 -21.92 -7.43
CA PHE L 42 -12.54 -20.96 -6.58
C PHE L 42 -13.47 -20.13 -7.44
N GLU L 43 -14.37 -19.40 -6.78
CA GLU L 43 -15.41 -18.62 -7.44
C GLU L 43 -14.98 -17.16 -7.48
N LEU L 44 -15.97 -16.25 -7.58
CA LEU L 44 -15.81 -14.79 -7.72
C LEU L 44 -16.97 -14.19 -8.51
N LYS L 45 -18.04 -13.85 -7.83
CA LYS L 45 -19.14 -13.11 -8.44
C LYS L 45 -18.93 -11.62 -8.25
N VAL L 46 -18.96 -10.89 -9.36
CA VAL L 46 -18.86 -9.43 -9.34
C VAL L 46 -20.28 -8.88 -9.28
N VAL L 47 -20.57 -8.12 -8.22
CA VAL L 47 -21.92 -7.66 -7.96
C VAL L 47 -22.01 -6.14 -8.09
N PRO L 48 -22.58 -5.62 -9.17
CA PRO L 48 -22.90 -4.18 -9.21
C PRO L 48 -23.97 -3.87 -8.18
N ILE L 49 -23.70 -2.89 -7.32
CA ILE L 49 -24.60 -2.65 -6.20
C ILE L 49 -25.96 -2.16 -6.68
N GLY L 50 -26.00 -1.42 -7.80
CA GLY L 50 -27.25 -0.92 -8.32
C GLY L 50 -28.14 -1.98 -8.95
N GLU L 51 -27.57 -3.10 -9.37
CA GLU L 51 -28.31 -4.09 -10.15
C GLU L 51 -28.82 -5.28 -9.34
N GLN L 52 -28.33 -5.48 -8.11
CA GLN L 52 -28.69 -6.65 -7.32
C GLN L 52 -28.93 -6.19 -5.88
N PRO L 53 -30.10 -5.58 -5.62
CA PRO L 53 -30.37 -5.09 -4.26
C PRO L 53 -30.60 -6.19 -3.23
N TYR L 54 -31.20 -7.31 -3.62
CA TYR L 54 -31.36 -8.42 -2.67
C TYR L 54 -30.04 -8.88 -2.09
N LEU L 55 -28.96 -8.79 -2.86
CA LEU L 55 -27.66 -9.27 -2.41
C LEU L 55 -26.99 -8.31 -1.43
N LEU L 56 -27.17 -6.99 -1.64
CA LEU L 56 -26.64 -6.02 -0.69
C LEU L 56 -27.24 -6.20 0.70
N GLU L 57 -28.51 -6.59 0.76
CA GLU L 57 -29.15 -6.78 2.06
C GLU L 57 -28.67 -8.05 2.74
N GLU L 58 -28.46 -9.12 1.97
CA GLU L 58 -28.04 -10.40 2.54
C GLU L 58 -26.73 -10.26 3.29
N TYR L 59 -25.82 -9.42 2.80
CA TYR L 59 -24.48 -9.28 3.37
C TYR L 59 -24.29 -7.96 4.12
N LYS L 60 -25.38 -7.26 4.44
CA LYS L 60 -25.37 -6.01 5.19
C LYS L 60 -24.22 -5.09 4.76
N LEU L 61 -24.29 -4.66 3.50
CA LEU L 61 -23.22 -3.89 2.91
C LEU L 61 -23.27 -2.42 3.31
N VAL L 62 -22.07 -1.84 3.46
CA VAL L 62 -21.93 -0.44 3.84
C VAL L 62 -20.90 0.24 2.94
N ALA L 63 -19.64 -0.19 3.06
CA ALA L 63 -18.54 0.42 2.32
C ALA L 63 -18.29 -0.27 0.98
N THR L 64 -17.77 0.50 0.03
CA THR L 64 -17.47 0.06 -1.33
C THR L 64 -16.13 0.63 -1.77
N PRO L 65 -15.29 -0.15 -2.48
CA PRO L 65 -15.51 -1.55 -2.85
C PRO L 65 -15.29 -2.52 -1.71
N ALA L 66 -15.93 -3.68 -1.78
CA ALA L 66 -15.86 -4.67 -0.72
C ALA L 66 -15.84 -6.06 -1.32
N LEU L 67 -14.86 -6.85 -0.91
CA LEU L 67 -14.77 -8.25 -1.33
C LEU L 67 -15.06 -9.13 -0.12
N ILE L 68 -16.08 -9.97 -0.23
CA ILE L 68 -16.47 -10.87 0.85
C ILE L 68 -16.07 -12.27 0.46
N LYS L 69 -15.25 -12.91 1.30
CA LYS L 69 -14.94 -14.33 1.16
C LYS L 69 -16.04 -15.11 1.88
N VAL L 70 -16.83 -15.85 1.11
CA VAL L 70 -17.99 -16.54 1.67
C VAL L 70 -17.55 -17.82 2.34
N ARG L 71 -16.97 -18.75 1.57
CA ARG L 71 -16.38 -19.94 2.12
C ARG L 71 -14.99 -20.12 1.49
N PRO L 72 -14.11 -20.92 2.12
CA PRO L 72 -14.28 -21.71 3.35
C PRO L 72 -14.31 -20.83 4.60
N GLU L 73 -15.40 -20.93 5.37
CA GLU L 73 -15.60 -20.20 6.61
C GLU L 73 -14.35 -20.31 7.50
N PRO L 74 -14.04 -19.30 8.32
CA PRO L 74 -14.82 -18.10 8.65
C PRO L 74 -14.98 -17.10 7.51
N ARG L 75 -16.19 -16.55 7.41
CA ARG L 75 -16.47 -15.51 6.43
C ARG L 75 -15.61 -14.28 6.71
N GLN L 76 -15.14 -13.65 5.65
CA GLN L 76 -14.25 -12.50 5.78
C GLN L 76 -14.69 -11.41 4.81
N THR L 77 -14.39 -10.16 5.18
CA THR L 77 -14.68 -9.01 4.33
C THR L 77 -13.41 -8.18 4.20
N LEU L 78 -13.04 -7.88 2.96
CA LEU L 78 -11.92 -7.00 2.66
C LEU L 78 -12.45 -5.84 1.82
N ALA L 79 -12.25 -4.63 2.30
CA ALA L 79 -12.84 -3.45 1.69
C ALA L 79 -11.77 -2.40 1.46
N GLY L 80 -12.13 -1.39 0.69
CA GLY L 80 -11.21 -0.34 0.31
C GLY L 80 -10.66 -0.56 -1.09
N ARG L 81 -10.28 0.54 -1.73
CA ARG L 81 -9.78 0.48 -3.10
C ARG L 81 -8.40 -0.17 -3.22
N LYS L 82 -7.72 -0.38 -2.10
CA LYS L 82 -6.48 -1.14 -2.07
C LYS L 82 -6.66 -2.51 -1.43
N LEU L 83 -7.83 -3.13 -1.62
CA LEU L 83 -8.13 -4.41 -0.98
C LEU L 83 -7.32 -5.55 -1.60
N LEU L 84 -6.77 -5.35 -2.80
CA LEU L 84 -5.92 -6.37 -3.41
C LEU L 84 -4.74 -6.70 -2.51
N GLN L 85 -4.20 -5.69 -1.83
CA GLN L 85 -3.09 -5.89 -0.92
C GLN L 85 -3.42 -6.88 0.19
N LYS L 86 -4.67 -6.88 0.65
CA LYS L 86 -5.11 -7.81 1.69
C LYS L 86 -5.53 -9.16 1.11
N VAL L 87 -5.99 -9.19 -0.14
CA VAL L 87 -6.20 -10.45 -0.82
C VAL L 87 -4.88 -11.19 -0.99
N ASP L 88 -3.82 -10.45 -1.35
CA ASP L 88 -2.50 -11.06 -1.48
C ASP L 88 -2.02 -11.63 -0.15
N TYR L 89 -2.28 -10.92 0.95
CA TYR L 89 -1.91 -11.44 2.26
C TYR L 89 -2.66 -12.72 2.58
N TRP L 90 -3.98 -12.74 2.38
CA TRP L 90 -4.79 -13.86 2.85
C TRP L 90 -4.76 -15.06 1.91
N TRP L 91 -4.37 -14.88 0.66
CA TRP L 91 -4.42 -15.99 -0.29
C TRP L 91 -3.60 -17.19 0.16
N PRO L 92 -2.35 -17.04 0.62
CA PRO L 92 -1.65 -18.23 1.17
C PRO L 92 -2.38 -18.84 2.35
N ARG L 93 -2.99 -18.01 3.21
CA ARG L 93 -3.73 -18.54 4.35
C ARG L 93 -4.98 -19.26 3.89
N TRP L 94 -5.68 -18.72 2.87
CA TRP L 94 -6.88 -19.38 2.38
C TRP L 94 -6.55 -20.69 1.67
N GLN L 95 -5.38 -20.78 1.04
CA GLN L 95 -5.00 -22.03 0.38
C GLN L 95 -4.68 -23.11 1.41
N ARG L 96 -4.47 -22.72 2.66
CA ARG L 96 -4.24 -23.67 3.76
C ARG L 96 -5.56 -24.10 4.38
N GLU L 97 -6.57 -23.23 4.33
CA GLU L 97 -7.89 -23.52 4.87
C GLU L 97 -8.66 -24.52 4.02
N VAL L 98 -8.32 -24.65 2.74
CA VAL L 98 -9.03 -25.55 1.84
C VAL L 98 -8.23 -26.83 1.61
N ALA L 99 -6.90 -26.73 1.70
CA ALA L 99 -6.08 -27.93 1.62
C ALA L 99 -6.34 -28.89 2.77
N LEU L 100 -6.74 -28.36 3.92
CA LEU L 100 -6.97 -29.18 5.11
C LEU L 100 -8.35 -29.82 5.15
N ASP L 101 -9.15 -29.67 4.10
CA ASP L 101 -10.49 -30.26 4.07
C ASP L 101 -10.59 -31.31 2.97
P PO4 M . 16.43 13.08 -27.69
O1 PO4 M . 16.92 11.65 -27.67
O2 PO4 M . 17.53 14.01 -27.23
O3 PO4 M . 16.00 13.45 -29.09
O4 PO4 M . 15.24 13.21 -26.76
P PO4 N . 28.50 12.23 -21.75
O1 PO4 N . 29.88 12.28 -21.15
O2 PO4 N . 27.56 11.52 -20.78
O3 PO4 N . 28.54 11.47 -23.05
O4 PO4 N . 28.00 13.63 -22.00
P PO4 O . -11.30 -13.31 -40.61
O1 PO4 O . -10.83 -14.51 -41.40
O2 PO4 O . -10.11 -12.61 -39.99
O3 PO4 O . -12.24 -13.77 -39.52
O4 PO4 O . -12.03 -12.35 -41.52
P PO4 P . 11.82 -19.39 37.93
O1 PO4 P . 12.78 -19.73 36.82
O2 PO4 P . 11.75 -20.56 38.89
O3 PO4 P . 10.45 -19.12 37.36
O4 PO4 P . 12.31 -18.16 38.66
P PO4 Q . -17.13 8.26 29.39
O1 PO4 Q . -17.07 6.83 28.93
O2 PO4 Q . -16.29 8.43 30.62
O3 PO4 Q . -16.61 9.17 28.30
O4 PO4 Q . -18.56 8.63 29.70
P PO4 R . -28.85 7.66 23.28
O1 PO4 R . -27.43 7.25 22.98
O2 PO4 R . -28.95 9.17 23.36
O3 PO4 R . -29.76 7.15 22.17
O4 PO4 R . -29.28 7.05 24.59
#